data_9DY7
#
_entry.id   9DY7
#
_cell.length_a   111.330
_cell.length_b   113.676
_cell.length_c   149.414
_cell.angle_alpha   90.000
_cell.angle_beta   90.000
_cell.angle_gamma   90.000
#
_symmetry.space_group_name_H-M   'P 21 21 21'
#
loop_
_entity.id
_entity.type
_entity.pdbx_description
1 polymer 'Tryptophanase (with internal aldimine)'
2 polymer Tryptophanase
3 non-polymer 'DIMETHYL SULFOXIDE'
4 non-polymer 1,2-ETHANEDIOL
5 non-polymer '2-AMINO-4-ETHYL SULFANYL BUTYRIC ACID'
6 non-polymer 'SODIUM ION'
7 non-polymer '(2E)-4-(ethylsulfanyl)-2-{[(Z)-{3-hydroxy-2-methyl-5-[(phosphonooxy)methyl]pyridin-4(1H)-ylidene}methyl]imino}butanoic acid'
8 non-polymer (E)-S-ethyl-N-({3-hydroxy-2-methyl-5-[(phosphonooxy)methyl]pyridin-4-yl}methylidene)-L-homocysteine
9 water water
#
loop_
_entity_poly.entity_id
_entity_poly.type
_entity_poly.pdbx_seq_one_letter_code
_entity_poly.pdbx_strand_id
1 'polypeptide(L)'
;AKRIVEPFRIKMVEKIRVPSREEREAALKEAGYNPFLLPSSAVYIDLLTDSGTNAMSDHQWAAMITGDEAYAGSRNYYDL
KDKAKELFNYDYIIPAHQGRGAENILFPVLLKYKQKEGKAKNPVFISNFHFDTTAAHVELNGCKAINIVTEKAFDSETYD
DWKGDFDIKKLKENIAQHGADNIVAIVSTVTCNSAGGQPVSMSNLKEVYEIAKQHGIFVVMDSARFCENAYFIKARDPKY
KNATIKEVIFDMYKYADALTMSAK(LLP)DPLLNIGGLVAIRDNEEIFTLARQRCVPMEGFVTYGGLAGRDMAAMVQGLE
EGTEEEYLHYRIGQVKYLGDRLREAGIPIQYPTGGHAVFVDCKKLVPQIPGDQFPAQAVINALYLESGVRAVEIGSFLLG
RDPATGEQKHADMEFMRLTIARRVYTNDHMDYIADALIGLKEKFATLKGLEFEYEPPVLRHFTARLKPIE
;
A,C
2 'polypeptide(L)'
;AKRIVEPFRIKMVEKIRVPSREEREAALKEAGYNPFLLPSSAVYIDLLTDSGTNAMSDHQWAAMITGDEAYAGSRNYYDL
KDKAKELFNYDYIIPAHQGRGAENILFPVLLKYKQKEGKAKNPVFISNFHFDTTAAHVELNGCKAINIVTEKAFDSETYD
DWKGDFDIKKLKENIAQHGADNIVAIVSTVTCNSAGGQPVSMSNLKEVYEIAKQHGIFVVMDSARFCENAYFIKARDPKY
KNATIKEVIFDMYKYADALTMSAKKDPLLNIGGLVAIRDNEEIFTLARQRCVPMEGFVTYGGLAGRDMAAMVQGLEEGTE
EEYLHYRIGQVKYLGDRLREAGIPIQYPTGGHAVFVDCKKLVPQIPGDQFPAQAVINALYLESGVRAVEIGSFLLGRDPA
TGEQKHADMEFMRLTIARRVYTNDHMDYIADALIGLKEKFATLKGLEFEYEPPVLRHFTARLKPIE
;
B,D
#
# COMPACT_ATOMS: atom_id res chain seq x y z
N ALA A 1 3.05 -16.92 35.21
CA ALA A 1 3.08 -16.74 33.76
C ALA A 1 4.02 -15.59 33.42
N LYS A 2 4.77 -15.73 32.32
CA LYS A 2 5.78 -14.77 31.93
C LYS A 2 5.40 -14.14 30.60
N ARG A 3 5.26 -12.81 30.59
CA ARG A 3 5.03 -12.07 29.36
CA ARG A 3 5.03 -12.10 29.35
C ARG A 3 6.35 -11.85 28.64
N ILE A 4 6.37 -12.10 27.34
CA ILE A 4 7.56 -11.86 26.54
C ILE A 4 7.26 -10.73 25.58
N VAL A 5 8.14 -9.73 25.56
CA VAL A 5 7.88 -8.51 24.80
C VAL A 5 8.02 -8.76 23.31
N GLU A 6 7.29 -7.98 22.51
CA GLU A 6 7.34 -8.10 21.06
C GLU A 6 8.71 -7.71 20.53
N PRO A 7 9.32 -8.52 19.68
CA PRO A 7 10.56 -8.10 19.01
C PRO A 7 10.25 -7.30 17.74
N PHE A 8 9.23 -6.46 17.84
CA PHE A 8 8.78 -5.60 16.76
C PHE A 8 7.93 -4.52 17.40
N ARG A 9 7.58 -3.52 16.61
CA ARG A 9 6.59 -2.58 17.07
C ARG A 9 5.49 -2.51 16.02
N ILE A 10 4.42 -1.85 16.39
CA ILE A 10 3.23 -1.82 15.55
C ILE A 10 3.40 -0.75 14.50
N LYS A 11 3.15 -1.11 13.24
CA LYS A 11 3.15 -0.13 12.17
C LYS A 11 1.76 0.17 11.61
N MET A 12 0.82 -0.76 11.72
CA MET A 12 -0.53 -0.48 11.26
CA MET A 12 -0.54 -0.51 11.23
C MET A 12 -1.50 -1.25 12.14
N VAL A 13 -2.60 -0.61 12.49
CA VAL A 13 -3.61 -1.21 13.36
C VAL A 13 -4.90 -1.44 12.61
N GLU A 14 -5.74 -2.28 13.21
CA GLU A 14 -7.05 -2.63 12.68
C GLU A 14 -8.01 -2.57 13.84
N LYS A 15 -9.03 -1.72 13.75
CA LYS A 15 -9.94 -1.52 14.87
C LYS A 15 -10.78 -2.78 15.10
N ILE A 16 -10.89 -3.18 16.36
CA ILE A 16 -11.83 -4.23 16.78
C ILE A 16 -12.62 -3.66 17.95
N ARG A 17 -13.83 -4.20 18.13
CA ARG A 17 -14.72 -3.74 19.17
C ARG A 17 -15.42 -4.91 19.84
N VAL A 18 -15.80 -4.71 21.10
CA VAL A 18 -16.66 -5.63 21.81
C VAL A 18 -18.10 -5.15 21.66
N PRO A 19 -18.98 -5.92 21.04
CA PRO A 19 -20.39 -5.55 21.06
C PRO A 19 -20.89 -5.57 22.49
N SER A 20 -21.92 -4.77 22.76
CA SER A 20 -22.53 -4.81 24.07
C SER A 20 -23.09 -6.20 24.32
N ARG A 21 -23.33 -6.51 25.61
CA ARG A 21 -23.86 -7.83 25.95
CA ARG A 21 -23.86 -7.83 25.95
C ARG A 21 -25.13 -8.13 25.17
N GLU A 22 -26.03 -7.15 25.06
CA GLU A 22 -27.27 -7.34 24.33
C GLU A 22 -27.00 -7.60 22.85
N GLU A 23 -26.00 -6.90 22.29
CA GLU A 23 -25.62 -7.17 20.90
C GLU A 23 -25.01 -8.56 20.76
N ARG A 24 -24.22 -9.00 21.74
CA ARG A 24 -23.61 -10.33 21.69
C ARG A 24 -24.68 -11.42 21.82
N GLU A 25 -25.65 -11.23 22.72
CA GLU A 25 -26.74 -12.19 22.82
C GLU A 25 -27.54 -12.23 21.52
N ALA A 26 -27.86 -11.06 20.97
CA ALA A 26 -28.63 -11.01 19.73
C ALA A 26 -27.86 -11.66 18.59
N ALA A 27 -26.57 -11.34 18.47
CA ALA A 27 -25.76 -11.93 17.40
C ALA A 27 -25.69 -13.44 17.53
N LEU A 28 -25.46 -13.94 18.75
CA LEU A 28 -25.32 -15.38 18.95
C LEU A 28 -26.63 -16.11 18.71
N LYS A 29 -27.75 -15.54 19.16
CA LYS A 29 -29.04 -16.11 18.80
C LYS A 29 -29.24 -16.11 17.29
N GLU A 30 -28.81 -15.03 16.62
CA GLU A 30 -28.98 -14.92 15.17
C GLU A 30 -28.11 -15.94 14.42
N ALA A 31 -26.91 -16.22 14.94
CA ALA A 31 -26.03 -17.23 14.36
C ALA A 31 -26.38 -18.65 14.79
N GLY A 32 -27.58 -18.86 15.31
CA GLY A 32 -27.99 -20.19 15.74
C GLY A 32 -27.08 -20.79 16.80
N TYR A 33 -26.61 -19.97 17.74
CA TYR A 33 -25.74 -20.43 18.83
C TYR A 33 -24.55 -21.22 18.29
N ASN A 34 -24.04 -20.77 17.14
CA ASN A 34 -22.88 -21.36 16.49
C ASN A 34 -21.98 -20.21 16.05
N PRO A 35 -20.89 -19.95 16.77
CA PRO A 35 -20.02 -18.81 16.40
C PRO A 35 -19.44 -18.89 15.01
N PHE A 36 -19.33 -20.09 14.42
CA PHE A 36 -18.88 -20.16 13.03
C PHE A 36 -19.78 -19.36 12.11
N LEU A 37 -21.05 -19.17 12.50
CA LEU A 37 -22.04 -18.41 11.74
C LEU A 37 -22.06 -16.93 12.09
N LEU A 38 -21.26 -16.50 13.06
CA LEU A 38 -21.22 -15.08 13.41
C LEU A 38 -20.51 -14.30 12.31
N PRO A 39 -20.98 -13.10 11.97
CA PRO A 39 -20.16 -12.20 11.16
C PRO A 39 -19.01 -11.70 12.00
N SER A 40 -17.87 -11.45 11.35
CA SER A 40 -16.71 -10.95 12.08
C SER A 40 -17.03 -9.65 12.80
N SER A 41 -18.02 -8.91 12.32
CA SER A 41 -18.41 -7.66 12.96
C SER A 41 -18.96 -7.88 14.38
N ALA A 42 -19.35 -9.10 14.72
CA ALA A 42 -19.86 -9.41 16.05
C ALA A 42 -18.79 -9.96 16.98
N VAL A 43 -17.54 -10.03 16.53
CA VAL A 43 -16.46 -10.69 17.25
C VAL A 43 -15.41 -9.65 17.61
N TYR A 44 -14.95 -9.67 18.86
CA TYR A 44 -13.83 -8.85 19.31
C TYR A 44 -12.52 -9.54 18.93
N ILE A 45 -12.03 -10.43 19.78
CA ILE A 45 -10.83 -11.21 19.52
C ILE A 45 -11.25 -12.52 18.85
N ASP A 46 -10.71 -12.81 17.68
CA ASP A 46 -11.08 -14.00 16.91
C ASP A 46 -10.01 -15.06 17.10
N LEU A 47 -10.42 -16.21 17.66
CA LEU A 47 -9.52 -17.31 17.95
C LEU A 47 -9.93 -18.60 17.23
N LEU A 48 -10.67 -18.48 16.12
CA LEU A 48 -11.09 -19.66 15.36
C LEU A 48 -9.89 -20.42 14.81
N THR A 49 -8.89 -19.69 14.31
CA THR A 49 -7.78 -20.30 13.58
C THR A 49 -6.55 -19.43 13.72
N ASP A 50 -5.38 -20.05 13.45
CA ASP A 50 -4.15 -19.33 13.20
C ASP A 50 -3.81 -19.32 11.72
N SER A 51 -4.76 -19.65 10.86
CA SER A 51 -4.49 -19.85 9.45
C SER A 51 -4.96 -18.64 8.68
N GLY A 52 -4.00 -17.86 8.16
CA GLY A 52 -4.33 -16.80 7.23
C GLY A 52 -4.77 -15.50 7.88
N THR A 53 -4.73 -15.43 9.21
CA THR A 53 -5.13 -14.26 9.96
C THR A 53 -3.92 -13.52 10.56
N ASN A 54 -2.72 -13.92 10.16
CA ASN A 54 -1.50 -13.34 10.68
C ASN A 54 -1.34 -11.90 10.22
N ALA A 55 -0.53 -11.16 10.98
CA ALA A 55 -0.13 -9.82 10.59
C ALA A 55 1.20 -9.88 9.84
N MET A 56 1.24 -9.26 8.67
CA MET A 56 2.47 -9.21 7.90
C MET A 56 3.34 -8.03 8.35
N SER A 57 4.59 -8.04 7.93
CA SER A 57 5.50 -6.93 8.17
C SER A 57 5.40 -5.89 7.05
N ASP A 58 5.99 -4.73 7.31
CA ASP A 58 6.12 -3.74 6.24
C ASP A 58 6.94 -4.29 5.07
N HIS A 59 7.96 -5.11 5.34
CA HIS A 59 8.73 -5.69 4.23
C HIS A 59 7.88 -6.64 3.39
N GLN A 60 6.98 -7.40 4.02
CA GLN A 60 6.10 -8.24 3.23
C GLN A 60 5.17 -7.40 2.36
N TRP A 61 4.60 -6.32 2.91
CA TRP A 61 3.72 -5.49 2.10
C TRP A 61 4.50 -4.82 0.98
N ALA A 62 5.73 -4.37 1.28
CA ALA A 62 6.55 -3.77 0.23
C ALA A 62 6.85 -4.80 -0.86
N ALA A 63 7.09 -6.06 -0.48
CA ALA A 63 7.33 -7.08 -1.50
C ALA A 63 6.09 -7.31 -2.34
N MET A 64 4.90 -7.21 -1.73
CA MET A 64 3.67 -7.35 -2.50
CA MET A 64 3.69 -7.36 -2.52
C MET A 64 3.57 -6.26 -3.55
N ILE A 65 3.90 -5.02 -3.18
CA ILE A 65 3.74 -3.89 -4.07
C ILE A 65 4.60 -4.02 -5.32
N THR A 66 5.81 -4.56 -5.18
CA THR A 66 6.65 -4.81 -6.36
C THR A 66 6.50 -6.21 -6.92
N GLY A 67 5.49 -6.96 -6.49
CA GLY A 67 5.31 -8.30 -7.02
C GLY A 67 5.13 -8.31 -8.54
N ASP A 68 5.68 -9.35 -9.17
CA ASP A 68 5.60 -9.54 -10.61
C ASP A 68 4.40 -10.44 -10.92
N GLU A 69 3.37 -9.87 -11.54
CA GLU A 69 2.13 -10.58 -11.81
C GLU A 69 2.15 -11.40 -13.10
N ALA A 70 3.32 -11.55 -13.75
CA ALA A 70 3.47 -12.34 -14.98
C ALA A 70 2.86 -13.73 -14.84
N TYR A 71 2.17 -14.14 -15.89
CA TYR A 71 1.57 -15.48 -15.89
C TYR A 71 2.64 -16.55 -15.87
N ALA A 72 3.69 -16.40 -16.67
CA ALA A 72 4.79 -17.37 -16.74
C ALA A 72 6.10 -16.70 -16.39
N GLY A 73 6.86 -17.31 -15.49
CA GLY A 73 8.21 -16.86 -15.21
C GLY A 73 8.31 -15.63 -14.35
N SER A 74 7.36 -15.43 -13.43
CA SER A 74 7.42 -14.32 -12.50
C SER A 74 8.74 -14.29 -11.75
N ARG A 75 9.30 -13.09 -11.62
CA ARG A 75 10.51 -12.93 -10.82
CA ARG A 75 10.50 -12.91 -10.81
C ARG A 75 10.34 -13.54 -9.43
N ASN A 76 9.16 -13.43 -8.84
CA ASN A 76 8.96 -13.93 -7.49
C ASN A 76 8.90 -15.46 -7.45
N TYR A 77 8.50 -16.10 -8.55
CA TYR A 77 8.59 -17.55 -8.62
C TYR A 77 10.04 -18.00 -8.46
N TYR A 78 10.95 -17.37 -9.20
CA TYR A 78 12.37 -17.74 -9.08
C TYR A 78 12.92 -17.41 -7.70
N ASP A 79 12.47 -16.31 -7.09
CA ASP A 79 12.89 -16.02 -5.72
C ASP A 79 12.43 -17.12 -4.76
N LEU A 80 11.20 -17.58 -4.94
CA LEU A 80 10.65 -18.63 -4.09
C LEU A 80 11.39 -19.93 -4.29
N LYS A 81 11.75 -20.25 -5.54
CA LYS A 81 12.56 -21.43 -5.80
C LYS A 81 13.90 -21.35 -5.09
N ASP A 82 14.57 -20.19 -5.19
CA ASP A 82 15.82 -19.98 -4.48
C ASP A 82 15.64 -20.10 -2.98
N LYS A 83 14.55 -19.53 -2.44
CA LYS A 83 14.33 -19.62 -1.00
C LYS A 83 14.16 -21.05 -0.54
N ALA A 84 13.45 -21.87 -1.33
CA ALA A 84 13.25 -23.27 -0.96
C ALA A 84 14.56 -24.05 -0.98
N LYS A 85 15.41 -23.77 -1.96
CA LYS A 85 16.74 -24.35 -1.97
C LYS A 85 17.54 -23.90 -0.75
N GLU A 86 17.44 -22.61 -0.41
N GLU A 86 17.47 -22.61 -0.41
CA GLU A 86 18.22 -22.04 0.68
CA GLU A 86 18.26 -22.09 0.71
C GLU A 86 17.76 -22.54 2.04
C GLU A 86 17.76 -22.68 2.04
N LEU A 87 16.45 -22.71 2.26
CA LEU A 87 15.92 -23.15 3.54
C LEU A 87 15.98 -24.66 3.70
N PHE A 88 15.64 -25.40 2.64
CA PHE A 88 15.40 -26.83 2.75
C PHE A 88 16.40 -27.68 1.99
N ASN A 89 17.20 -27.06 1.13
CA ASN A 89 18.02 -27.78 0.15
C ASN A 89 17.18 -28.60 -0.83
N TYR A 90 15.97 -28.14 -1.12
CA TYR A 90 15.12 -28.82 -2.09
C TYR A 90 15.21 -28.10 -3.43
N ASP A 91 15.24 -28.87 -4.51
CA ASP A 91 15.58 -28.36 -5.82
C ASP A 91 14.38 -27.97 -6.68
N TYR A 92 13.15 -28.30 -6.27
CA TYR A 92 11.98 -28.09 -7.12
C TYR A 92 10.85 -27.52 -6.29
N ILE A 93 10.09 -26.58 -6.86
CA ILE A 93 8.93 -26.02 -6.17
C ILE A 93 7.72 -25.98 -7.09
N ILE A 94 6.55 -26.07 -6.49
CA ILE A 94 5.31 -25.75 -7.16
C ILE A 94 4.47 -24.92 -6.18
N PRO A 95 4.29 -23.63 -6.42
CA PRO A 95 3.41 -22.86 -5.54
C PRO A 95 1.98 -23.36 -5.66
N ALA A 96 1.22 -23.14 -4.59
CA ALA A 96 -0.20 -23.47 -4.59
C ALA A 96 -0.96 -22.35 -3.88
N HIS A 97 -2.28 -22.33 -4.06
CA HIS A 97 -3.01 -21.23 -3.45
C HIS A 97 -3.15 -21.42 -1.93
N GLN A 98 -3.14 -22.65 -1.43
CA GLN A 98 -2.93 -22.88 0.00
C GLN A 98 -2.60 -24.34 0.22
N GLY A 99 -2.54 -24.73 1.50
CA GLY A 99 -1.95 -26.01 1.85
C GLY A 99 -2.73 -27.19 1.29
N ARG A 100 -4.05 -27.12 1.35
CA ARG A 100 -4.85 -28.22 0.81
C ARG A 100 -4.72 -28.28 -0.70
N GLY A 101 -4.43 -27.15 -1.35
CA GLY A 101 -4.08 -27.19 -2.76
C GLY A 101 -2.76 -27.90 -3.01
N ALA A 102 -1.76 -27.65 -2.14
CA ALA A 102 -0.48 -28.33 -2.27
C ALA A 102 -0.65 -29.84 -2.09
N GLU A 103 -1.53 -30.24 -1.17
CA GLU A 103 -1.84 -31.66 -1.01
C GLU A 103 -2.52 -32.22 -2.25
N ASN A 104 -3.48 -31.49 -2.81
CA ASN A 104 -4.17 -31.94 -4.03
C ASN A 104 -3.19 -32.08 -5.19
N ILE A 105 -2.11 -31.30 -5.20
CA ILE A 105 -1.09 -31.43 -6.24
C ILE A 105 -0.25 -32.68 -6.03
N LEU A 106 0.27 -32.86 -4.81
CA LEU A 106 1.32 -33.84 -4.59
C LEU A 106 0.79 -35.24 -4.35
N PHE A 107 -0.25 -35.39 -3.51
CA PHE A 107 -0.65 -36.72 -3.06
C PHE A 107 -1.18 -37.60 -4.18
N PRO A 108 -2.08 -37.14 -5.06
CA PRO A 108 -2.51 -38.04 -6.14
C PRO A 108 -1.37 -38.43 -7.06
N VAL A 109 -0.41 -37.53 -7.23
CA VAL A 109 0.77 -37.83 -8.04
C VAL A 109 1.63 -38.91 -7.39
N LEU A 110 1.78 -38.85 -6.06
CA LEU A 110 2.53 -39.88 -5.35
C LEU A 110 1.87 -41.24 -5.50
N LEU A 111 0.54 -41.29 -5.42
CA LEU A 111 -0.18 -42.54 -5.65
C LEU A 111 0.05 -43.03 -7.08
N LYS A 112 -0.13 -42.14 -8.06
CA LYS A 112 0.04 -42.54 -9.46
C LYS A 112 1.44 -43.06 -9.72
N TYR A 113 2.45 -42.39 -9.16
CA TYR A 113 3.84 -42.79 -9.34
C TYR A 113 4.09 -44.20 -8.81
N LYS A 114 3.58 -44.50 -7.61
CA LYS A 114 3.79 -45.83 -7.04
C LYS A 114 2.95 -46.88 -7.75
N GLN A 115 1.76 -46.50 -8.25
CA GLN A 115 0.94 -47.43 -9.03
C GLN A 115 1.61 -47.83 -10.34
N LYS A 116 2.28 -46.88 -10.99
CA LYS A 116 2.92 -47.14 -12.29
C LYS A 116 4.09 -48.10 -12.18
N GLU A 117 4.60 -48.31 -10.96
CA GLU A 117 5.60 -49.32 -10.70
C GLU A 117 5.00 -50.68 -10.38
N GLY A 118 3.70 -50.84 -10.59
CA GLY A 118 3.02 -52.08 -10.24
C GLY A 118 2.73 -52.25 -8.77
N LYS A 119 2.85 -51.20 -7.98
CA LYS A 119 2.64 -51.26 -6.54
C LYS A 119 1.37 -50.50 -6.17
N ALA A 120 1.20 -50.27 -4.86
CA ALA A 120 0.08 -49.48 -4.33
C ALA A 120 -1.27 -50.07 -4.74
N LYS A 121 -1.34 -51.40 -4.84
CA LYS A 121 -2.62 -52.05 -5.14
C LYS A 121 -3.62 -51.88 -4.01
N ASN A 122 -3.14 -51.88 -2.76
CA ASN A 122 -3.96 -51.56 -1.59
C ASN A 122 -3.32 -50.38 -0.88
N PRO A 123 -3.45 -49.17 -1.43
CA PRO A 123 -2.58 -48.07 -1.04
C PRO A 123 -2.97 -47.44 0.30
N VAL A 124 -1.95 -47.07 1.07
CA VAL A 124 -2.18 -46.36 2.33
C VAL A 124 -1.10 -45.29 2.51
N PHE A 125 -1.45 -44.28 3.27
CA PHE A 125 -0.52 -43.29 3.81
C PHE A 125 -0.40 -43.50 5.31
N ILE A 126 0.79 -43.22 5.85
CA ILE A 126 1.05 -43.32 7.28
C ILE A 126 1.54 -41.97 7.77
N SER A 127 0.97 -41.48 8.86
CA SER A 127 1.37 -40.18 9.41
C SER A 127 1.39 -40.25 10.93
N ASN A 128 2.20 -39.39 11.54
CA ASN A 128 2.04 -39.17 12.98
C ASN A 128 0.64 -38.67 13.29
N PHE A 129 0.16 -37.71 12.50
CA PHE A 129 -1.27 -37.42 12.45
C PHE A 129 -1.53 -36.63 11.17
N HIS A 130 -2.40 -37.16 10.32
CA HIS A 130 -2.87 -36.41 9.16
C HIS A 130 -3.74 -35.26 9.64
N PHE A 131 -3.49 -34.06 9.14
CA PHE A 131 -4.43 -32.96 9.37
C PHE A 131 -5.73 -33.22 8.61
N ASP A 132 -6.78 -32.48 8.99
CA ASP A 132 -8.13 -32.69 8.45
C ASP A 132 -8.14 -32.73 6.92
N THR A 133 -7.59 -31.69 6.28
CA THR A 133 -7.60 -31.66 4.82
C THR A 133 -6.64 -32.70 4.22
N THR A 134 -5.54 -32.98 4.92
CA THR A 134 -4.59 -33.99 4.48
C THR A 134 -5.24 -35.37 4.41
N ALA A 135 -5.94 -35.76 5.48
CA ALA A 135 -6.63 -37.06 5.48
C ALA A 135 -7.75 -37.09 4.45
N ALA A 136 -8.44 -35.95 4.26
CA ALA A 136 -9.54 -35.90 3.30
C ALA A 136 -9.02 -36.11 1.88
N HIS A 137 -7.86 -35.52 1.54
CA HIS A 137 -7.30 -35.73 0.21
C HIS A 137 -6.81 -37.15 0.03
N VAL A 138 -6.19 -37.72 1.08
CA VAL A 138 -5.80 -39.13 1.04
C VAL A 138 -7.01 -40.02 0.75
N GLU A 139 -8.12 -39.76 1.44
CA GLU A 139 -9.32 -40.59 1.30
C GLU A 139 -10.06 -40.31 -0.01
N LEU A 140 -9.99 -39.08 -0.52
CA LEU A 140 -10.61 -38.77 -1.81
C LEU A 140 -9.99 -39.60 -2.93
N ASN A 141 -8.72 -39.94 -2.81
CA ASN A 141 -8.01 -40.72 -3.82
C ASN A 141 -7.95 -42.21 -3.49
N GLY A 142 -8.92 -42.71 -2.71
CA GLY A 142 -9.04 -44.14 -2.47
C GLY A 142 -7.91 -44.76 -1.66
N CYS A 143 -7.33 -44.01 -0.72
CA CYS A 143 -6.25 -44.48 0.12
C CYS A 143 -6.63 -44.38 1.58
N LYS A 144 -6.15 -45.33 2.38
CA LYS A 144 -6.34 -45.29 3.82
C LYS A 144 -5.29 -44.37 4.43
N ALA A 145 -5.72 -43.52 5.37
CA ALA A 145 -4.82 -42.68 6.15
C ALA A 145 -4.66 -43.30 7.53
N ILE A 146 -3.45 -43.73 7.86
CA ILE A 146 -3.15 -44.34 9.16
C ILE A 146 -2.40 -43.32 10.02
N ASN A 147 -2.89 -43.08 11.24
CA ASN A 147 -2.28 -42.14 12.17
C ASN A 147 -1.66 -42.90 13.33
N ILE A 148 -0.36 -42.68 13.58
CA ILE A 148 0.34 -43.43 14.60
C ILE A 148 1.10 -42.49 15.54
N VAL A 149 0.43 -41.48 16.09
CA VAL A 149 1.11 -40.56 16.99
C VAL A 149 1.47 -41.28 18.29
N THR A 150 2.50 -40.78 18.97
CA THR A 150 2.94 -41.35 20.23
C THR A 150 1.82 -41.36 21.26
N GLU A 151 1.85 -42.37 22.13
CA GLU A 151 0.88 -42.42 23.21
C GLU A 151 1.06 -41.28 24.20
N LYS A 152 2.22 -40.62 24.20
CA LYS A 152 2.42 -39.44 25.04
C LYS A 152 1.35 -38.38 24.75
N ALA A 153 0.92 -38.26 23.50
CA ALA A 153 0.00 -37.21 23.09
C ALA A 153 -1.39 -37.35 23.71
N PHE A 154 -1.77 -38.54 24.16
CA PHE A 154 -3.10 -38.76 24.69
C PHE A 154 -3.22 -38.48 26.18
N ASP A 155 -2.09 -38.39 26.90
CA ASP A 155 -2.11 -37.96 28.30
C ASP A 155 -2.09 -36.44 28.31
N SER A 156 -3.28 -35.83 28.41
CA SER A 156 -3.44 -34.43 28.02
C SER A 156 -2.66 -33.49 28.95
N GLU A 157 -2.74 -33.70 30.25
CA GLU A 157 -2.15 -32.75 31.18
C GLU A 157 -0.73 -33.11 31.61
N THR A 158 -0.21 -34.28 31.21
CA THR A 158 1.12 -34.70 31.61
C THR A 158 2.16 -34.23 30.61
N TYR A 159 3.18 -33.51 31.10
CA TYR A 159 4.20 -32.95 30.22
C TYR A 159 4.98 -34.04 29.49
N ASP A 160 5.30 -33.79 28.23
CA ASP A 160 6.32 -34.54 27.50
C ASP A 160 6.97 -33.62 26.49
N ASP A 161 8.23 -33.88 26.16
CA ASP A 161 8.96 -33.00 25.24
C ASP A 161 8.43 -33.06 23.81
N TRP A 162 7.90 -34.21 23.39
CA TRP A 162 7.68 -34.51 21.98
C TRP A 162 6.35 -35.22 21.76
N LYS A 163 5.25 -34.56 22.09
CA LYS A 163 3.94 -35.21 21.96
C LYS A 163 3.52 -35.38 20.51
N GLY A 164 4.24 -34.83 19.55
CA GLY A 164 3.96 -35.04 18.14
C GLY A 164 4.69 -36.19 17.47
N ASP A 165 5.58 -36.87 18.20
CA ASP A 165 6.37 -37.99 17.68
C ASP A 165 5.51 -39.07 17.01
N PHE A 166 6.09 -39.69 15.98
CA PHE A 166 5.65 -41.01 15.53
C PHE A 166 5.89 -42.05 16.60
N ASP A 167 4.97 -43.01 16.69
CA ASP A 167 5.22 -44.26 17.41
C ASP A 167 5.98 -45.19 16.46
N ILE A 168 7.29 -45.35 16.70
CA ILE A 168 8.13 -46.10 15.75
C ILE A 168 7.75 -47.57 15.72
N LYS A 169 7.36 -48.12 16.86
CA LYS A 169 6.89 -49.50 16.87
C LYS A 169 5.70 -49.68 15.94
N LYS A 170 4.73 -48.74 16.00
CA LYS A 170 3.58 -48.83 15.12
CA LYS A 170 3.57 -48.83 15.12
C LYS A 170 3.97 -48.61 13.67
N LEU A 171 4.91 -47.71 13.41
CA LEU A 171 5.37 -47.50 12.05
C LEU A 171 5.85 -48.80 11.43
N LYS A 172 6.75 -49.49 12.13
CA LYS A 172 7.29 -50.75 11.61
C LYS A 172 6.19 -51.79 11.47
N GLU A 173 5.31 -51.91 12.47
CA GLU A 173 4.23 -52.88 12.38
C GLU A 173 3.37 -52.63 11.15
N ASN A 174 3.03 -51.35 10.92
CA ASN A 174 2.17 -51.02 9.79
C ASN A 174 2.87 -51.28 8.46
N ILE A 175 4.17 -50.99 8.37
CA ILE A 175 4.89 -51.32 7.15
C ILE A 175 4.87 -52.82 6.90
N ALA A 176 5.12 -53.60 7.96
CA ALA A 176 5.10 -55.05 7.81
C ALA A 176 3.71 -55.57 7.47
N GLN A 177 2.67 -54.96 8.04
CA GLN A 177 1.31 -55.46 7.85
C GLN A 177 0.79 -55.10 6.46
N HIS A 178 0.97 -53.86 6.03
CA HIS A 178 0.45 -53.47 4.72
C HIS A 178 1.41 -53.80 3.59
N GLY A 179 2.71 -53.90 3.86
CA GLY A 179 3.68 -54.10 2.80
C GLY A 179 4.24 -52.79 2.31
N ALA A 180 5.55 -52.73 2.09
CA ALA A 180 6.18 -51.45 1.71
C ALA A 180 5.71 -51.01 0.34
N ASP A 181 5.32 -51.97 -0.52
CA ASP A 181 4.80 -51.65 -1.85
C ASP A 181 3.50 -50.88 -1.77
N ASN A 182 2.74 -51.04 -0.68
CA ASN A 182 1.46 -50.37 -0.53
C ASN A 182 1.54 -49.05 0.23
N ILE A 183 2.67 -48.73 0.86
CA ILE A 183 2.80 -47.44 1.55
C ILE A 183 3.13 -46.39 0.49
N VAL A 184 2.14 -45.59 0.10
CA VAL A 184 2.37 -44.56 -0.90
C VAL A 184 3.38 -43.52 -0.38
N ALA A 185 3.20 -43.09 0.87
CA ALA A 185 4.08 -42.11 1.48
C ALA A 185 3.87 -42.17 2.99
N ILE A 186 4.90 -41.73 3.70
CA ILE A 186 4.81 -41.39 5.10
C ILE A 186 4.76 -39.88 5.19
N VAL A 187 3.80 -39.34 5.95
CA VAL A 187 3.66 -37.90 6.10
C VAL A 187 4.10 -37.52 7.51
N SER A 188 5.16 -36.72 7.62
CA SER A 188 5.63 -36.19 8.90
C SER A 188 5.06 -34.78 9.05
N THR A 189 4.09 -34.62 9.94
CA THR A 189 3.45 -33.34 10.20
C THR A 189 4.18 -32.59 11.32
N VAL A 190 4.69 -31.38 11.03
CA VAL A 190 5.51 -30.61 11.98
C VAL A 190 4.98 -29.16 12.07
N THR A 191 4.71 -28.68 13.27
CA THR A 191 4.40 -29.47 14.46
C THR A 191 3.22 -30.39 14.14
N CYS A 192 2.92 -31.31 15.04
CA CYS A 192 1.81 -32.22 14.81
C CYS A 192 0.52 -31.51 15.16
N ASN A 193 -0.21 -31.04 14.15
CA ASN A 193 -1.38 -30.19 14.40
C ASN A 193 -2.45 -30.94 15.18
N SER A 194 -2.77 -32.16 14.77
CA SER A 194 -3.84 -32.90 15.42
C SER A 194 -3.47 -33.37 16.83
N ALA A 195 -2.18 -33.40 17.17
CA ALA A 195 -1.80 -33.57 18.58
C ALA A 195 -1.86 -32.27 19.35
N GLY A 196 -2.28 -31.19 18.71
CA GLY A 196 -2.38 -29.90 19.35
C GLY A 196 -1.19 -29.00 19.12
N GLY A 197 -0.54 -29.10 17.96
CA GLY A 197 0.65 -28.30 17.73
C GLY A 197 1.85 -28.71 18.55
N GLN A 198 1.96 -30.00 18.85
CA GLN A 198 3.06 -30.52 19.64
C GLN A 198 4.22 -30.93 18.73
N PRO A 199 5.46 -30.65 19.14
CA PRO A 199 6.59 -30.86 18.24
C PRO A 199 6.97 -32.32 18.07
N VAL A 200 7.59 -32.60 16.92
CA VAL A 200 8.23 -33.87 16.60
C VAL A 200 9.73 -33.67 16.78
N SER A 201 10.38 -34.56 17.54
CA SER A 201 11.82 -34.38 17.79
C SER A 201 12.63 -34.69 16.53
N MET A 202 13.85 -34.14 16.49
CA MET A 202 14.74 -34.43 15.38
C MET A 202 15.06 -35.93 15.28
N SER A 203 15.29 -36.58 16.43
N SER A 203 15.29 -36.58 16.43
CA SER A 203 15.62 -38.00 16.37
CA SER A 203 15.61 -38.00 16.38
C SER A 203 14.45 -38.82 15.86
C SER A 203 14.45 -38.83 15.86
N ASN A 204 13.22 -38.38 16.11
CA ASN A 204 12.06 -39.11 15.62
C ASN A 204 11.93 -38.96 14.11
N LEU A 205 12.05 -37.73 13.61
CA LEU A 205 12.04 -37.50 12.17
C LEU A 205 13.13 -38.29 11.48
N LYS A 206 14.31 -38.31 12.08
CA LYS A 206 15.45 -39.02 11.50
C LYS A 206 15.17 -40.51 11.42
N GLU A 207 14.70 -41.08 12.52
CA GLU A 207 14.47 -42.53 12.52
C GLU A 207 13.35 -42.91 11.57
N VAL A 208 12.27 -42.12 11.55
CA VAL A 208 11.20 -42.35 10.58
C VAL A 208 11.74 -42.34 9.17
N TYR A 209 12.56 -41.34 8.85
CA TYR A 209 13.06 -41.22 7.48
C TYR A 209 14.01 -42.37 7.13
N GLU A 210 14.84 -42.78 8.08
CA GLU A 210 15.77 -43.88 7.82
C GLU A 210 15.02 -45.16 7.50
N ILE A 211 13.98 -45.44 8.29
CA ILE A 211 13.15 -46.62 8.05
C ILE A 211 12.51 -46.53 6.66
N ALA A 212 11.93 -45.39 6.34
CA ALA A 212 11.25 -45.23 5.06
C ALA A 212 12.21 -45.47 3.91
N LYS A 213 13.39 -44.84 3.96
CA LYS A 213 14.37 -44.96 2.89
CA LYS A 213 14.37 -44.96 2.89
C LYS A 213 14.82 -46.40 2.70
N GLN A 214 14.98 -47.14 3.80
CA GLN A 214 15.33 -48.55 3.70
C GLN A 214 14.27 -49.34 2.95
N HIS A 215 13.00 -48.97 3.09
CA HIS A 215 11.90 -49.62 2.41
C HIS A 215 11.57 -48.98 1.07
N GLY A 216 12.24 -47.90 0.70
CA GLY A 216 11.90 -47.19 -0.52
C GLY A 216 10.61 -46.42 -0.44
N ILE A 217 10.22 -46.01 0.76
CA ILE A 217 8.97 -45.28 0.94
C ILE A 217 9.26 -43.78 0.91
N PHE A 218 8.49 -43.06 0.10
CA PHE A 218 8.62 -41.61 -0.02
C PHE A 218 8.10 -40.93 1.25
N VAL A 219 8.79 -39.90 1.72
CA VAL A 219 8.40 -39.19 2.94
C VAL A 219 8.05 -37.76 2.58
N VAL A 220 6.89 -37.29 3.04
CA VAL A 220 6.45 -35.91 2.85
C VAL A 220 6.42 -35.23 4.21
N MET A 221 7.04 -34.07 4.31
CA MET A 221 6.96 -33.25 5.52
C MET A 221 5.81 -32.26 5.34
N ASP A 222 4.71 -32.47 6.06
CA ASP A 222 3.64 -31.49 6.09
C ASP A 222 4.09 -30.35 6.99
N SER A 223 4.26 -29.17 6.41
CA SER A 223 5.18 -28.17 6.94
C SER A 223 4.52 -26.86 7.36
N ALA A 224 3.19 -26.85 7.55
CA ALA A 224 2.51 -25.60 7.90
C ALA A 224 3.18 -24.91 9.10
N ARG A 225 3.53 -25.67 10.14
CA ARG A 225 4.11 -25.05 11.31
C ARG A 225 5.54 -25.52 11.54
N PHE A 226 6.35 -25.53 10.47
CA PHE A 226 7.69 -26.11 10.58
C PHE A 226 8.62 -25.26 11.43
N CYS A 227 8.45 -23.93 11.43
CA CYS A 227 9.31 -23.07 12.24
C CYS A 227 9.03 -23.25 13.72
N GLU A 228 7.76 -23.39 14.08
CA GLU A 228 7.43 -23.66 15.46
C GLU A 228 8.03 -24.98 15.89
N ASN A 229 8.00 -25.99 15.01
CA ASN A 229 8.67 -27.24 15.33
C ASN A 229 10.17 -27.03 15.52
N ALA A 230 10.81 -26.26 14.63
CA ALA A 230 12.25 -26.04 14.76
C ALA A 230 12.58 -25.34 16.07
N TYR A 231 11.74 -24.40 16.49
CA TYR A 231 11.97 -23.72 17.75
C TYR A 231 11.93 -24.71 18.91
N PHE A 232 10.92 -25.59 18.92
CA PHE A 232 10.83 -26.57 19.99
C PHE A 232 12.03 -27.50 19.99
N ILE A 233 12.54 -27.86 18.81
CA ILE A 233 13.74 -28.70 18.78
C ILE A 233 14.91 -27.96 19.42
N LYS A 234 15.11 -26.70 19.03
CA LYS A 234 16.22 -25.97 19.65
C LYS A 234 16.03 -25.80 21.15
N ALA A 235 14.79 -25.62 21.59
CA ALA A 235 14.54 -25.36 23.00
C ALA A 235 14.70 -26.60 23.86
N ARG A 236 14.37 -27.79 23.32
CA ARG A 236 14.23 -28.98 24.14
C ARG A 236 15.25 -30.07 23.85
N ASP A 237 15.95 -30.01 22.72
CA ASP A 237 16.90 -31.05 22.38
C ASP A 237 18.31 -30.53 22.65
N PRO A 238 19.02 -31.07 23.64
CA PRO A 238 20.36 -30.52 23.95
C PRO A 238 21.31 -30.49 22.75
N LYS A 239 21.17 -31.40 21.80
CA LYS A 239 22.03 -31.39 20.62
C LYS A 239 21.88 -30.10 19.81
N TYR A 240 20.75 -29.41 19.91
CA TYR A 240 20.50 -28.20 19.12
C TYR A 240 20.51 -26.93 19.97
N LYS A 241 20.99 -27.02 21.20
CA LYS A 241 20.98 -25.89 22.13
C LYS A 241 21.64 -24.66 21.54
N ASN A 242 22.74 -24.83 20.80
CA ASN A 242 23.51 -23.72 20.26
C ASN A 242 23.36 -23.58 18.75
N ALA A 243 22.42 -24.28 18.14
CA ALA A 243 22.21 -24.19 16.71
C ALA A 243 21.27 -23.05 16.38
N THR A 244 21.42 -22.47 15.19
CA THR A 244 20.44 -21.49 14.78
C THR A 244 19.17 -22.18 14.30
N ILE A 245 18.10 -21.41 14.18
CA ILE A 245 16.84 -21.98 13.70
C ILE A 245 17.01 -22.53 12.29
N LYS A 246 17.76 -21.82 11.43
CA LYS A 246 17.94 -22.33 10.07
C LYS A 246 18.77 -23.61 10.04
N GLU A 247 19.69 -23.78 10.99
CA GLU A 247 20.40 -25.05 11.09
C GLU A 247 19.44 -26.18 11.44
N VAL A 248 18.56 -25.94 12.43
CA VAL A 248 17.56 -26.95 12.79
C VAL A 248 16.70 -27.30 11.58
N ILE A 249 16.18 -26.27 10.89
CA ILE A 249 15.32 -26.50 9.74
C ILE A 249 16.06 -27.31 8.68
N PHE A 250 17.30 -26.92 8.39
CA PHE A 250 18.07 -27.66 7.39
C PHE A 250 18.14 -29.14 7.75
N ASP A 251 18.38 -29.45 9.03
CA ASP A 251 18.47 -30.85 9.41
C ASP A 251 17.12 -31.55 9.31
N MET A 252 16.05 -30.88 9.77
CA MET A 252 14.70 -31.46 9.67
C MET A 252 14.44 -31.95 8.26
N TYR A 253 14.81 -31.16 7.26
CA TYR A 253 14.44 -31.49 5.89
C TYR A 253 15.42 -32.47 5.25
N LYS A 254 16.48 -32.84 5.95
CA LYS A 254 17.20 -34.04 5.53
C LYS A 254 16.33 -35.28 5.66
N TYR A 255 15.24 -35.19 6.42
CA TYR A 255 14.44 -36.36 6.76
C TYR A 255 13.09 -36.34 6.08
N ALA A 256 13.04 -35.76 4.88
CA ALA A 256 11.88 -35.87 4.01
C ALA A 256 12.39 -35.83 2.57
N ASP A 257 11.56 -36.33 1.66
CA ASP A 257 11.82 -36.23 0.23
C ASP A 257 11.07 -35.07 -0.43
N ALA A 258 10.14 -34.47 0.29
CA ALA A 258 9.30 -33.42 -0.25
C ALA A 258 8.56 -32.80 0.93
N LEU A 259 7.95 -31.66 0.67
CA LEU A 259 7.14 -31.02 1.69
C LEU A 259 5.86 -30.51 1.04
N THR A 260 4.79 -30.48 1.81
CA THR A 260 3.60 -29.70 1.48
C THR A 260 3.41 -28.69 2.60
N MET A 261 3.04 -27.47 2.23
CA MET A 261 3.02 -26.40 3.22
C MET A 261 1.81 -25.51 2.99
N SER A 262 1.04 -25.28 4.04
CA SER A 262 0.17 -24.11 4.09
C SER A 262 1.04 -22.94 4.52
N ALA A 263 1.25 -22.01 3.60
CA ALA A 263 2.02 -20.82 3.97
C ALA A 263 1.20 -19.83 4.79
N LYS A 264 -0.06 -20.17 5.06
CA LYS A 264 -0.96 -19.33 5.84
C LYS A 264 -0.64 -19.42 7.33
N ASP A 266 3.11 -20.67 9.49
CA ASP A 266 4.41 -20.12 9.89
C ASP A 266 5.09 -19.11 8.95
N PRO A 267 4.87 -19.15 7.63
CA PRO A 267 5.39 -18.08 6.76
C PRO A 267 4.62 -16.77 6.85
N LEU A 268 3.66 -16.64 7.76
CA LEU A 268 3.12 -15.35 8.14
C LEU A 268 2.32 -14.69 7.01
N LEU A 269 1.50 -15.49 6.33
CA LEU A 269 0.72 -15.03 5.18
C LEU A 269 -0.77 -15.10 5.46
N ASN A 270 -1.53 -14.45 4.59
CA ASN A 270 -2.99 -14.56 4.57
C ASN A 270 -3.50 -15.52 3.51
N ILE A 271 -2.64 -15.95 2.58
CA ILE A 271 -3.00 -16.90 1.53
C ILE A 271 -1.69 -17.50 1.06
N GLY A 272 -1.76 -18.71 0.52
CA GLY A 272 -0.54 -19.26 -0.05
C GLY A 272 -0.22 -20.67 0.40
N GLY A 273 0.31 -21.47 -0.53
CA GLY A 273 0.80 -22.79 -0.19
C GLY A 273 2.00 -23.12 -1.03
N LEU A 274 2.60 -24.27 -0.74
CA LEU A 274 3.83 -24.60 -1.45
C LEU A 274 4.02 -26.11 -1.45
N VAL A 275 4.40 -26.64 -2.60
CA VAL A 275 5.02 -27.96 -2.72
C VAL A 275 6.49 -27.75 -3.01
N ALA A 276 7.36 -28.46 -2.31
CA ALA A 276 8.76 -28.51 -2.68
C ALA A 276 9.22 -29.95 -2.67
N ILE A 277 10.03 -30.32 -3.65
CA ILE A 277 10.50 -31.68 -3.83
C ILE A 277 12.03 -31.66 -3.77
N ARG A 278 12.61 -32.52 -2.94
CA ARG A 278 14.05 -32.48 -2.70
C ARG A 278 14.82 -32.68 -4.00
N ASP A 279 14.63 -33.83 -4.66
CA ASP A 279 15.36 -34.03 -5.90
C ASP A 279 14.74 -35.04 -6.87
N ASN A 280 13.52 -35.50 -6.63
CA ASN A 280 12.91 -36.45 -7.55
C ASN A 280 12.24 -35.69 -8.69
N GLU A 281 12.94 -35.58 -9.84
CA GLU A 281 12.41 -34.76 -10.92
C GLU A 281 11.20 -35.40 -11.57
N GLU A 282 11.11 -36.72 -11.56
CA GLU A 282 9.97 -37.42 -12.15
C GLU A 282 8.68 -37.06 -11.43
N ILE A 283 8.71 -37.08 -10.10
CA ILE A 283 7.55 -36.69 -9.30
C ILE A 283 7.23 -35.21 -9.51
N PHE A 284 8.26 -34.37 -9.59
CA PHE A 284 8.05 -32.96 -9.88
C PHE A 284 7.33 -32.77 -11.21
N THR A 285 7.75 -33.53 -12.23
CA THR A 285 7.12 -33.40 -13.53
C THR A 285 5.66 -33.81 -13.48
N LEU A 286 5.37 -34.96 -12.85
CA LEU A 286 3.99 -35.39 -12.69
C LEU A 286 3.17 -34.36 -11.94
N ALA A 287 3.73 -33.79 -10.88
CA ALA A 287 2.99 -32.83 -10.08
C ALA A 287 2.69 -31.56 -10.86
N ARG A 288 3.60 -31.15 -11.76
CA ARG A 288 3.35 -29.96 -12.56
C ARG A 288 2.18 -30.17 -13.50
N GLN A 289 2.01 -31.38 -14.02
CA GLN A 289 0.88 -31.68 -14.89
C GLN A 289 -0.45 -31.61 -14.14
N ARG A 290 -0.48 -31.96 -12.86
CA ARG A 290 -1.70 -31.84 -12.08
C ARG A 290 -1.93 -30.41 -11.61
N CYS A 291 -0.85 -29.65 -11.42
CA CYS A 291 -0.97 -28.25 -11.01
C CYS A 291 -1.77 -27.44 -12.02
N VAL A 292 -1.59 -27.71 -13.31
CA VAL A 292 -2.17 -26.88 -14.36
C VAL A 292 -3.71 -26.88 -14.31
N PRO A 293 -4.40 -28.03 -14.37
CA PRO A 293 -5.87 -27.96 -14.33
C PRO A 293 -6.45 -27.58 -12.97
N MET A 294 -5.69 -27.71 -11.88
CA MET A 294 -6.25 -27.57 -10.54
C MET A 294 -5.96 -26.22 -9.89
N GLU A 295 -4.80 -25.63 -10.16
CA GLU A 295 -4.35 -24.45 -9.44
C GLU A 295 -4.03 -23.28 -10.37
N GLY A 296 -3.29 -23.53 -11.43
CA GLY A 296 -2.83 -22.47 -12.32
C GLY A 296 -1.59 -22.92 -13.06
N PHE A 297 -0.96 -21.97 -13.73
CA PHE A 297 0.29 -22.28 -14.39
C PHE A 297 1.37 -22.54 -13.35
N VAL A 298 2.41 -23.28 -13.77
CA VAL A 298 3.35 -23.85 -12.80
C VAL A 298 4.21 -22.81 -12.11
N THR A 299 4.28 -21.57 -12.63
CA THR A 299 5.07 -20.53 -12.00
C THR A 299 4.24 -19.54 -11.18
N TYR A 300 2.96 -19.84 -10.95
CA TYR A 300 2.20 -19.12 -9.93
C TYR A 300 1.22 -19.98 -9.13
N GLY A 301 0.73 -21.10 -9.68
CA GLY A 301 -0.10 -22.04 -8.93
C GLY A 301 -1.26 -21.44 -8.18
N GLY A 302 -2.09 -20.65 -8.86
CA GLY A 302 -3.22 -20.04 -8.19
C GLY A 302 -2.85 -18.97 -7.18
N LEU A 303 -1.63 -18.43 -7.25
CA LEU A 303 -1.15 -17.35 -6.41
C LEU A 303 -0.81 -16.14 -7.26
N ALA A 304 -1.28 -14.96 -6.87
CA ALA A 304 -0.78 -13.74 -7.47
C ALA A 304 0.72 -13.64 -7.24
N GLY A 305 1.41 -12.92 -8.12
CA GLY A 305 2.83 -12.68 -7.92
C GLY A 305 3.11 -12.02 -6.58
N ARG A 306 2.25 -11.09 -6.16
CA ARG A 306 2.45 -10.42 -4.88
C ARG A 306 2.44 -11.42 -3.72
N ASP A 307 1.69 -12.50 -3.84
CA ASP A 307 1.66 -13.44 -2.74
C ASP A 307 2.90 -14.34 -2.75
N MET A 308 3.40 -14.73 -3.92
CA MET A 308 4.70 -15.36 -3.93
C MET A 308 5.74 -14.44 -3.30
N ALA A 309 5.70 -13.14 -3.62
CA ALA A 309 6.65 -12.19 -3.01
C ALA A 309 6.52 -12.16 -1.50
N ALA A 310 5.29 -12.07 -1.01
CA ALA A 310 5.09 -12.05 0.44
C ALA A 310 5.60 -13.33 1.07
N MET A 311 5.46 -14.47 0.38
CA MET A 311 5.90 -15.75 0.91
C MET A 311 7.42 -15.82 1.03
N VAL A 312 8.15 -15.37 0.01
CA VAL A 312 9.61 -15.31 0.08
C VAL A 312 10.04 -14.56 1.34
N GLN A 313 9.43 -13.40 1.58
CA GLN A 313 9.79 -12.61 2.75
C GLN A 313 9.29 -13.27 4.04
N GLY A 314 8.08 -13.82 4.02
CA GLY A 314 7.53 -14.41 5.24
C GLY A 314 8.24 -15.67 5.65
N LEU A 315 8.69 -16.47 4.67
CA LEU A 315 9.53 -17.62 4.98
C LEU A 315 10.75 -17.19 5.77
N GLU A 316 11.36 -16.08 5.37
CA GLU A 316 12.49 -15.58 6.14
C GLU A 316 12.06 -15.18 7.55
N GLU A 317 11.04 -14.32 7.65
CA GLU A 317 10.65 -13.78 8.97
C GLU A 317 10.20 -14.86 9.92
N GLY A 318 9.59 -15.91 9.40
CA GLY A 318 9.06 -16.95 10.24
C GLY A 318 10.13 -17.82 10.85
N THR A 319 11.38 -17.76 10.36
CA THR A 319 12.48 -18.49 10.97
C THR A 319 13.20 -17.69 12.05
N GLU A 320 12.84 -16.42 12.26
CA GLU A 320 13.61 -15.59 13.19
C GLU A 320 13.36 -16.01 14.63
N GLU A 321 14.43 -16.37 15.33
CA GLU A 321 14.28 -16.99 16.65
C GLU A 321 13.63 -16.03 17.65
N GLU A 322 13.98 -14.74 17.61
CA GLU A 322 13.39 -13.79 18.54
C GLU A 322 11.88 -13.74 18.38
N TYR A 323 11.41 -13.75 17.13
CA TYR A 323 9.99 -13.77 16.87
C TYR A 323 9.36 -15.07 17.36
N LEU A 324 10.00 -16.21 17.08
CA LEU A 324 9.45 -17.51 17.48
C LEU A 324 9.36 -17.65 18.99
N HIS A 325 10.41 -17.21 19.70
CA HIS A 325 10.41 -17.17 21.17
C HIS A 325 9.21 -16.38 21.69
N TYR A 326 8.98 -15.21 21.13
CA TYR A 326 7.86 -14.36 21.53
CA TYR A 326 7.86 -14.38 21.55
C TYR A 326 6.52 -15.01 21.19
N ARG A 327 6.39 -15.53 19.96
CA ARG A 327 5.13 -16.09 19.49
C ARG A 327 4.73 -17.29 20.34
N ILE A 328 5.65 -18.24 20.50
CA ILE A 328 5.35 -19.45 21.25
C ILE A 328 5.23 -19.13 22.72
N GLY A 329 5.99 -18.13 23.19
CA GLY A 329 5.87 -17.69 24.57
C GLY A 329 4.55 -17.02 24.87
N GLN A 330 3.95 -16.36 23.88
CA GLN A 330 2.62 -15.79 24.06
C GLN A 330 1.57 -16.89 24.22
N VAL A 331 1.64 -17.93 23.40
CA VAL A 331 0.74 -19.08 23.56
C VAL A 331 0.94 -19.70 24.93
N LYS A 332 2.20 -19.88 25.34
CA LYS A 332 2.47 -20.44 26.67
C LYS A 332 1.96 -19.53 27.77
N TYR A 333 2.05 -18.21 27.57
CA TYR A 333 1.56 -17.27 28.57
C TYR A 333 0.06 -17.44 28.80
N LEU A 334 -0.71 -17.53 27.72
CA LEU A 334 -2.15 -17.76 27.83
C LEU A 334 -2.44 -19.07 28.54
N GLY A 335 -1.74 -20.14 28.14
CA GLY A 335 -1.94 -21.41 28.82
C GLY A 335 -1.60 -21.33 30.29
N ASP A 336 -0.54 -20.59 30.64
CA ASP A 336 -0.13 -20.50 32.03
C ASP A 336 -1.11 -19.67 32.85
N ARG A 337 -1.66 -18.59 32.27
CA ARG A 337 -2.72 -17.87 32.96
C ARG A 337 -3.88 -18.81 33.32
N LEU A 338 -4.33 -19.60 32.34
CA LEU A 338 -5.42 -20.53 32.58
C LEU A 338 -5.04 -21.61 33.58
N ARG A 339 -3.85 -22.20 33.39
CA ARG A 339 -3.41 -23.30 34.23
C ARG A 339 -3.26 -22.86 35.68
N GLU A 340 -2.65 -21.70 35.90
CA GLU A 340 -2.48 -21.18 37.26
C GLU A 340 -3.80 -20.86 37.93
N ALA A 341 -4.86 -20.60 37.16
CA ALA A 341 -6.18 -20.37 37.72
C ALA A 341 -7.02 -21.64 37.83
N GLY A 342 -6.41 -22.80 37.62
CA GLY A 342 -7.10 -24.05 37.78
C GLY A 342 -7.82 -24.56 36.54
N ILE A 343 -7.73 -23.85 35.42
CA ILE A 343 -8.38 -24.26 34.19
C ILE A 343 -7.53 -25.37 33.55
N PRO A 344 -8.09 -26.56 33.30
CA PRO A 344 -7.29 -27.66 32.78
C PRO A 344 -7.04 -27.51 31.29
N ILE A 345 -5.79 -27.68 30.87
CA ILE A 345 -5.41 -27.51 29.47
C ILE A 345 -4.53 -28.67 29.03
N GLN A 346 -4.40 -28.79 27.71
CA GLN A 346 -3.31 -29.58 27.15
C GLN A 346 -1.99 -28.96 27.55
N TYR A 347 -1.09 -29.77 28.10
CA TYR A 347 0.17 -29.26 28.64
C TYR A 347 1.33 -30.15 28.25
N PRO A 348 2.46 -29.58 27.78
CA PRO A 348 2.74 -28.17 27.56
C PRO A 348 1.93 -27.66 26.39
N THR A 349 1.78 -26.35 26.29
CA THR A 349 1.12 -25.78 25.14
C THR A 349 1.99 -25.98 23.89
N GLY A 350 1.33 -26.15 22.76
CA GLY A 350 2.00 -26.27 21.49
C GLY A 350 2.36 -24.90 20.93
N GLY A 351 2.67 -24.88 19.64
CA GLY A 351 3.18 -23.66 19.04
C GLY A 351 2.15 -22.57 18.81
N HIS A 352 0.87 -22.94 18.65
CA HIS A 352 -0.07 -22.00 18.03
C HIS A 352 -1.42 -21.91 18.71
N ALA A 353 -1.72 -22.73 19.71
CA ALA A 353 -3.06 -22.77 20.26
C ALA A 353 -3.01 -23.37 21.66
N VAL A 354 -3.97 -22.95 22.47
CA VAL A 354 -4.22 -23.53 23.78
C VAL A 354 -5.50 -24.34 23.67
N PHE A 355 -5.50 -25.53 24.28
CA PHE A 355 -6.65 -26.42 24.29
C PHE A 355 -7.15 -26.55 25.71
N VAL A 356 -8.40 -26.13 25.93
CA VAL A 356 -9.05 -26.19 27.24
C VAL A 356 -9.95 -27.40 27.30
N ASP A 357 -9.80 -28.21 28.36
CA ASP A 357 -10.64 -29.38 28.57
C ASP A 357 -11.96 -28.94 29.20
N CYS A 358 -13.01 -28.86 28.39
CA CYS A 358 -14.30 -28.40 28.86
C CYS A 358 -15.10 -29.49 29.56
N LYS A 359 -14.77 -30.76 29.32
CA LYS A 359 -15.46 -31.83 30.04
C LYS A 359 -15.33 -31.62 31.54
N LYS A 360 -14.17 -31.14 31.99
CA LYS A 360 -13.95 -30.90 33.41
C LYS A 360 -14.60 -29.61 33.89
N LEU A 361 -14.77 -28.63 33.00
CA LEU A 361 -15.41 -27.38 33.40
C LEU A 361 -16.91 -27.55 33.58
N VAL A 362 -17.57 -28.26 32.66
CA VAL A 362 -19.02 -28.43 32.70
C VAL A 362 -19.37 -29.91 32.75
N PRO A 363 -19.05 -30.60 33.85
CA PRO A 363 -19.33 -32.05 33.90
C PRO A 363 -20.80 -32.39 33.68
N GLN A 364 -21.71 -31.46 33.98
CA GLN A 364 -23.14 -31.75 33.89
C GLN A 364 -23.63 -31.87 32.46
N ILE A 365 -22.85 -31.46 31.46
CA ILE A 365 -23.26 -31.48 30.07
C ILE A 365 -22.66 -32.72 29.41
N PRO A 366 -23.47 -33.70 28.99
CA PRO A 366 -22.92 -34.88 28.31
C PRO A 366 -22.31 -34.51 26.96
N GLY A 367 -21.45 -35.40 26.47
CA GLY A 367 -20.75 -35.13 25.23
C GLY A 367 -21.69 -34.85 24.07
N ASP A 368 -22.78 -35.60 23.98
CA ASP A 368 -23.72 -35.47 22.87
C ASP A 368 -24.55 -34.18 22.93
N GLN A 369 -24.42 -33.38 23.98
CA GLN A 369 -24.99 -32.03 24.02
C GLN A 369 -23.92 -30.96 23.92
N PHE A 370 -22.68 -31.36 23.62
CA PHE A 370 -21.56 -30.51 23.20
C PHE A 370 -21.10 -29.56 24.31
N PRO A 371 -20.48 -30.09 25.38
CA PRO A 371 -20.05 -29.20 26.48
C PRO A 371 -19.04 -28.15 26.07
N ALA A 372 -18.06 -28.49 25.21
CA ALA A 372 -17.09 -27.49 24.80
C ALA A 372 -17.76 -26.36 24.04
N GLN A 373 -18.77 -26.69 23.23
CA GLN A 373 -19.50 -25.62 22.55
C GLN A 373 -20.26 -24.75 23.55
N ALA A 374 -20.78 -25.36 24.61
CA ALA A 374 -21.45 -24.57 25.64
C ALA A 374 -20.49 -23.60 26.28
N VAL A 375 -19.27 -24.06 26.59
CA VAL A 375 -18.25 -23.19 27.17
C VAL A 375 -17.89 -22.08 26.20
N ILE A 376 -17.73 -22.42 24.91
CA ILE A 376 -17.36 -21.44 23.90
C ILE A 376 -18.44 -20.37 23.78
N ASN A 377 -19.70 -20.80 23.73
CA ASN A 377 -20.80 -19.85 23.62
C ASN A 377 -20.82 -18.93 24.83
N ALA A 378 -20.69 -19.50 26.04
CA ALA A 378 -20.63 -18.68 27.24
C ALA A 378 -19.50 -17.67 27.16
N LEU A 379 -18.31 -18.12 26.73
CA LEU A 379 -17.17 -17.23 26.59
C LEU A 379 -17.50 -16.07 25.66
N TYR A 380 -18.10 -16.37 24.50
CA TYR A 380 -18.47 -15.31 23.58
C TYR A 380 -19.47 -14.35 24.21
N LEU A 381 -20.51 -14.88 24.83
CA LEU A 381 -21.49 -14.01 25.47
C LEU A 381 -20.83 -13.13 26.53
N GLU A 382 -19.83 -13.69 27.22
CA GLU A 382 -19.18 -12.96 28.31
C GLU A 382 -18.20 -11.90 27.81
N SER A 383 -17.64 -12.07 26.61
CA SER A 383 -16.48 -11.27 26.25
C SER A 383 -16.37 -10.84 24.79
N GLY A 384 -17.16 -11.38 23.88
CA GLY A 384 -16.94 -11.15 22.46
C GLY A 384 -15.82 -11.97 21.84
N VAL A 385 -15.22 -12.89 22.58
CA VAL A 385 -14.15 -13.74 22.08
C VAL A 385 -14.76 -14.95 21.37
N ARG A 386 -14.24 -15.29 20.19
CA ARG A 386 -14.75 -16.42 19.42
C ARG A 386 -13.69 -17.51 19.36
N ALA A 387 -13.96 -18.64 20.00
CA ALA A 387 -13.12 -19.82 19.94
C ALA A 387 -13.83 -20.89 19.13
N VAL A 388 -13.18 -22.05 18.99
CA VAL A 388 -13.68 -23.11 18.13
C VAL A 388 -13.66 -24.42 18.91
N GLU A 389 -14.64 -25.28 18.60
CA GLU A 389 -14.83 -26.53 19.30
C GLU A 389 -13.99 -27.63 18.63
N ILE A 390 -13.29 -28.41 19.46
CA ILE A 390 -12.61 -29.63 19.06
C ILE A 390 -13.11 -30.76 19.95
N GLY A 391 -14.35 -31.19 19.72
CA GLY A 391 -14.96 -32.21 20.55
C GLY A 391 -16.07 -32.94 19.84
N SER A 392 -17.13 -33.28 20.58
CA SER A 392 -18.22 -34.07 20.01
C SER A 392 -18.88 -33.37 18.84
N PHE A 393 -19.10 -32.05 18.96
CA PHE A 393 -19.74 -31.30 17.89
C PHE A 393 -18.98 -31.44 16.58
N LEU A 394 -17.65 -31.28 16.64
CA LEU A 394 -16.82 -31.39 15.44
C LEU A 394 -16.72 -32.83 14.96
N LEU A 395 -16.67 -33.79 15.88
CA LEU A 395 -16.42 -35.18 15.51
C LEU A 395 -17.55 -35.74 14.65
N GLY A 396 -18.77 -35.22 14.80
CA GLY A 396 -19.87 -35.64 13.97
C GLY A 396 -20.45 -36.98 14.40
N ARG A 397 -21.44 -37.42 13.65
CA ARG A 397 -22.07 -38.70 13.90
C ARG A 397 -21.33 -39.82 13.18
N ASP A 398 -21.51 -41.02 13.70
CA ASP A 398 -20.95 -42.20 13.05
C ASP A 398 -21.82 -42.57 11.86
N PRO A 399 -21.29 -42.55 10.63
CA PRO A 399 -22.17 -42.75 9.46
C PRO A 399 -22.89 -44.08 9.48
N ALA A 400 -22.33 -45.09 10.15
CA ALA A 400 -22.95 -46.41 10.17
C ALA A 400 -24.11 -46.48 11.16
N THR A 401 -23.97 -45.83 12.31
CA THR A 401 -24.99 -45.90 13.34
C THR A 401 -25.93 -44.69 13.36
N GLY A 402 -25.51 -43.57 12.79
CA GLY A 402 -26.28 -42.35 12.87
C GLY A 402 -26.27 -41.68 14.23
N GLU A 403 -25.53 -42.20 15.19
CA GLU A 403 -25.48 -41.66 16.54
C GLU A 403 -24.17 -40.90 16.75
N GLN A 404 -24.13 -40.14 17.85
CA GLN A 404 -22.96 -39.34 18.17
C GLN A 404 -21.74 -40.21 18.36
N LYS A 405 -20.63 -39.83 17.71
CA LYS A 405 -19.36 -40.50 17.96
C LYS A 405 -18.82 -40.06 19.33
N HIS A 406 -18.42 -41.03 20.14
CA HIS A 406 -17.87 -40.74 21.45
C HIS A 406 -16.54 -39.99 21.30
N ALA A 407 -16.43 -38.85 21.96
CA ALA A 407 -15.23 -38.03 21.88
C ALA A 407 -14.30 -38.35 23.05
N ASP A 408 -13.03 -38.58 22.75
CA ASP A 408 -12.03 -38.75 23.81
C ASP A 408 -11.94 -37.51 24.68
N MET A 409 -11.83 -36.34 24.05
CA MET A 409 -11.74 -35.07 24.76
C MET A 409 -12.78 -34.11 24.20
N GLU A 410 -13.26 -33.22 25.06
CA GLU A 410 -14.13 -32.11 24.69
C GLU A 410 -13.30 -30.82 24.81
N PHE A 411 -12.61 -30.45 23.74
CA PHE A 411 -11.69 -29.31 23.78
C PHE A 411 -12.33 -28.03 23.25
N MET A 412 -12.04 -26.93 23.92
CA MET A 412 -12.17 -25.61 23.33
C MET A 412 -10.77 -25.17 22.91
N ARG A 413 -10.61 -24.82 21.64
CA ARG A 413 -9.31 -24.42 21.12
C ARG A 413 -9.25 -22.90 21.04
N LEU A 414 -8.25 -22.32 21.66
CA LEU A 414 -7.96 -20.91 21.58
C LEU A 414 -6.78 -20.78 20.62
N THR A 415 -7.09 -20.50 19.34
CA THR A 415 -6.09 -20.53 18.27
C THR A 415 -5.55 -19.12 18.06
N ILE A 416 -4.23 -18.96 18.10
CA ILE A 416 -3.62 -17.63 18.21
C ILE A 416 -2.96 -17.27 16.89
N ALA A 417 -3.48 -16.23 16.22
CA ALA A 417 -2.81 -15.71 15.02
C ALA A 417 -1.43 -15.16 15.38
N ARG A 418 -0.56 -15.05 14.38
CA ARG A 418 0.80 -14.59 14.60
C ARG A 418 0.88 -13.08 14.43
N ARG A 419 1.43 -12.41 15.45
CA ARG A 419 1.74 -10.98 15.48
C ARG A 419 0.50 -10.10 15.43
N VAL A 420 -0.65 -10.60 15.89
CA VAL A 420 -1.92 -9.87 15.81
C VAL A 420 -2.35 -9.36 17.17
N TYR A 421 -2.33 -10.20 18.19
CA TYR A 421 -2.85 -9.86 19.50
C TYR A 421 -1.71 -9.69 20.48
N THR A 422 -1.93 -8.80 21.44
CA THR A 422 -0.94 -8.56 22.48
C THR A 422 -1.19 -9.47 23.67
N ASN A 423 -0.27 -9.42 24.63
CA ASN A 423 -0.48 -10.17 25.86
C ASN A 423 -1.61 -9.57 26.70
N ASP A 424 -1.97 -8.32 26.46
CA ASP A 424 -3.17 -7.81 27.10
C ASP A 424 -4.42 -8.44 26.51
N HIS A 425 -4.42 -8.72 25.21
CA HIS A 425 -5.50 -9.51 24.63
C HIS A 425 -5.54 -10.91 25.23
N MET A 426 -4.36 -11.50 25.45
CA MET A 426 -4.31 -12.80 26.11
C MET A 426 -4.95 -12.74 27.50
N ASP A 427 -4.58 -11.71 28.30
CA ASP A 427 -5.20 -11.54 29.61
C ASP A 427 -6.71 -11.39 29.49
N TYR A 428 -7.18 -10.68 28.47
CA TYR A 428 -8.61 -10.50 28.28
C TYR A 428 -9.29 -11.85 28.07
N ILE A 429 -8.73 -12.69 27.20
CA ILE A 429 -9.26 -14.03 27.01
C ILE A 429 -9.24 -14.81 28.31
N ALA A 430 -8.07 -14.87 28.96
CA ALA A 430 -7.93 -15.68 30.17
C ALA A 430 -8.87 -15.20 31.26
N ASP A 431 -8.95 -13.88 31.47
CA ASP A 431 -9.80 -13.34 32.53
C ASP A 431 -11.28 -13.62 32.27
N ALA A 432 -11.70 -13.50 31.01
CA ALA A 432 -13.11 -13.76 30.71
C ALA A 432 -13.47 -15.21 31.01
N LEU A 433 -12.57 -16.14 30.69
CA LEU A 433 -12.83 -17.56 30.93
C LEU A 433 -12.76 -17.90 32.41
N ILE A 434 -11.74 -17.40 33.10
CA ILE A 434 -11.63 -17.60 34.55
C ILE A 434 -12.85 -17.04 35.25
N GLY A 435 -13.37 -15.91 34.76
CA GLY A 435 -14.53 -15.27 35.35
C GLY A 435 -15.83 -16.01 35.17
N LEU A 436 -15.84 -17.10 34.39
CA LEU A 436 -17.02 -17.93 34.26
C LEU A 436 -17.06 -19.07 35.27
N LYS A 437 -16.16 -19.07 36.25
CA LYS A 437 -15.98 -20.28 37.04
C LYS A 437 -17.16 -20.53 37.98
N GLU A 438 -17.83 -19.47 38.45
CA GLU A 438 -19.06 -19.67 39.21
C GLU A 438 -20.25 -19.96 38.29
N LYS A 439 -20.12 -19.70 37.00
CA LYS A 439 -21.21 -19.92 36.06
C LYS A 439 -21.17 -21.27 35.38
N PHE A 440 -20.01 -21.95 35.39
CA PHE A 440 -19.85 -23.20 34.65
C PHE A 440 -20.91 -24.23 35.04
N ALA A 441 -21.19 -24.38 36.34
CA ALA A 441 -22.12 -25.40 36.79
C ALA A 441 -23.54 -25.14 36.29
N THR A 442 -23.89 -23.88 36.06
CA THR A 442 -25.24 -23.55 35.59
C THR A 442 -25.40 -23.72 34.08
N LEU A 443 -24.29 -23.80 33.34
CA LEU A 443 -24.34 -23.84 31.88
C LEU A 443 -25.14 -25.03 31.38
N LYS A 444 -25.81 -24.84 30.25
CA LYS A 444 -26.70 -25.84 29.69
C LYS A 444 -26.16 -26.35 28.37
N GLY A 445 -26.50 -27.61 28.07
CA GLY A 445 -26.13 -28.22 26.82
C GLY A 445 -26.89 -27.65 25.64
N LEU A 446 -26.60 -28.20 24.47
CA LEU A 446 -27.09 -27.68 23.21
C LEU A 446 -27.66 -28.82 22.38
N GLU A 447 -28.67 -28.49 21.57
CA GLU A 447 -29.31 -29.43 20.65
C GLU A 447 -29.38 -28.80 19.28
N PHE A 448 -29.76 -29.60 18.29
CA PHE A 448 -29.75 -29.17 16.89
C PHE A 448 -31.10 -28.54 16.52
N GLU A 449 -31.07 -27.25 16.18
CA GLU A 449 -32.15 -26.62 15.45
C GLU A 449 -32.09 -26.99 13.97
N TYR A 450 -30.89 -27.25 13.45
CA TYR A 450 -30.69 -27.68 12.07
C TYR A 450 -29.32 -28.35 11.98
N GLU A 451 -29.26 -29.51 11.32
CA GLU A 451 -28.01 -30.26 11.22
C GLU A 451 -27.73 -30.66 9.78
N PRO A 452 -26.55 -30.33 9.24
CA PRO A 452 -26.16 -30.81 7.91
C PRO A 452 -25.77 -32.27 7.97
N PRO A 453 -25.69 -32.95 6.81
CA PRO A 453 -25.25 -34.35 6.85
C PRO A 453 -23.76 -34.49 7.11
N VAL A 454 -22.92 -33.67 6.47
CA VAL A 454 -21.48 -33.72 6.64
C VAL A 454 -20.98 -32.32 6.97
N LEU A 455 -19.83 -32.26 7.65
CA LEU A 455 -19.18 -31.00 8.02
C LEU A 455 -20.14 -30.12 8.81
N ARG A 456 -20.84 -30.72 9.77
CA ARG A 456 -21.95 -30.04 10.44
C ARG A 456 -21.47 -28.85 11.27
N HIS A 457 -20.25 -28.91 11.82
CA HIS A 457 -19.81 -27.84 12.71
C HIS A 457 -19.75 -26.48 12.03
N PHE A 458 -19.65 -26.45 10.70
CA PHE A 458 -19.51 -25.17 9.99
C PHE A 458 -20.83 -24.42 9.93
N THR A 459 -21.94 -25.10 9.69
CA THR A 459 -23.20 -24.42 9.41
C THR A 459 -24.39 -24.87 10.24
N ALA A 460 -24.23 -25.86 11.12
CA ALA A 460 -25.36 -26.30 11.93
C ALA A 460 -25.87 -25.16 12.80
N ARG A 461 -27.17 -25.20 13.10
CA ARG A 461 -27.78 -24.24 14.01
C ARG A 461 -28.23 -24.98 15.27
N LEU A 462 -27.92 -24.40 16.42
CA LEU A 462 -28.15 -25.00 17.71
C LEU A 462 -29.16 -24.19 18.52
N LYS A 463 -29.56 -24.76 19.65
CA LYS A 463 -30.51 -24.18 20.59
C LYS A 463 -30.10 -24.69 21.96
N PRO A 464 -30.09 -23.83 22.99
CA PRO A 464 -29.79 -24.32 24.33
C PRO A 464 -30.86 -25.29 24.81
N ILE A 465 -30.55 -26.00 25.89
CA ILE A 465 -31.41 -27.07 26.39
C ILE A 465 -31.96 -26.67 27.75
N GLU A 466 -33.29 -26.77 27.90
CA GLU A 466 -33.98 -26.57 29.17
C GLU A 466 -33.67 -25.22 29.80
N ALA B 1 -7.03 3.16 -38.51
CA ALA B 1 -7.00 2.73 -37.11
C ALA B 1 -7.24 3.91 -36.18
N LYS B 2 -8.01 3.70 -35.12
CA LYS B 2 -8.42 4.77 -34.23
C LYS B 2 -7.96 4.48 -32.82
N ARG B 3 -7.24 5.44 -32.23
CA ARG B 3 -6.75 5.33 -30.86
C ARG B 3 -7.76 5.99 -29.94
N ILE B 4 -8.22 5.24 -28.94
CA ILE B 4 -9.19 5.74 -27.98
C ILE B 4 -8.45 6.08 -26.70
N VAL B 5 -8.66 7.30 -26.21
CA VAL B 5 -7.92 7.77 -25.04
C VAL B 5 -8.40 7.05 -23.78
N GLU B 6 -7.49 6.92 -22.80
CA GLU B 6 -7.79 6.25 -21.53
C GLU B 6 -8.79 7.06 -20.71
N PRO B 7 -9.84 6.42 -20.18
CA PRO B 7 -10.73 7.12 -19.23
C PRO B 7 -10.17 7.06 -17.81
N PHE B 8 -8.86 7.20 -17.69
CA PHE B 8 -8.17 7.19 -16.41
C PHE B 8 -6.80 7.77 -16.66
N ARG B 9 -6.05 7.98 -15.58
CA ARG B 9 -4.65 8.33 -15.72
C ARG B 9 -3.80 7.36 -14.91
N ILE B 10 -2.50 7.42 -15.14
CA ILE B 10 -1.58 6.48 -14.52
C ILE B 10 -1.30 6.92 -13.10
N LYS B 11 -1.42 6.01 -12.14
CA LYS B 11 -1.05 6.34 -10.78
C LYS B 11 0.21 5.62 -10.28
N MET B 12 0.54 4.45 -10.83
CA MET B 12 1.78 3.78 -10.47
C MET B 12 2.34 3.07 -11.70
N VAL B 13 3.66 3.10 -11.87
CA VAL B 13 4.29 2.48 -13.04
C VAL B 13 5.18 1.32 -12.60
N GLU B 14 5.45 0.43 -13.55
CA GLU B 14 6.31 -0.74 -13.37
C GLU B 14 7.28 -0.75 -14.54
N LYS B 15 8.58 -0.78 -14.25
CA LYS B 15 9.56 -0.66 -15.34
C LYS B 15 9.56 -1.91 -16.20
N ILE B 16 9.70 -1.73 -17.51
CA ILE B 16 9.95 -2.85 -18.42
C ILE B 16 11.11 -2.47 -19.33
N ARG B 17 11.71 -3.49 -19.93
CA ARG B 17 12.95 -3.34 -20.68
C ARG B 17 12.93 -4.28 -21.86
N VAL B 18 13.59 -3.88 -22.94
CA VAL B 18 13.81 -4.75 -24.10
C VAL B 18 15.18 -5.41 -23.93
N PRO B 19 15.25 -6.72 -23.71
CA PRO B 19 16.54 -7.37 -23.67
C PRO B 19 17.22 -7.24 -25.02
N SER B 20 18.55 -7.24 -25.01
CA SER B 20 19.28 -7.21 -26.27
C SER B 20 18.95 -8.45 -27.10
N ARG B 21 19.25 -8.38 -28.40
CA ARG B 21 19.00 -9.53 -29.25
C ARG B 21 19.73 -10.76 -28.75
N GLU B 22 20.99 -10.61 -28.31
CA GLU B 22 21.72 -11.80 -27.87
C GLU B 22 21.12 -12.34 -26.57
N GLU B 23 20.65 -11.46 -25.68
CA GLU B 23 19.91 -11.92 -24.51
C GLU B 23 18.65 -12.68 -24.93
N ARG B 24 17.92 -12.18 -25.94
CA ARG B 24 16.73 -12.87 -26.43
C ARG B 24 17.09 -14.20 -27.08
N GLU B 25 18.18 -14.23 -27.86
CA GLU B 25 18.69 -15.48 -28.41
C GLU B 25 18.95 -16.50 -27.31
N ALA B 26 19.77 -16.12 -26.33
CA ALA B 26 20.16 -17.06 -25.29
C ALA B 26 18.97 -17.50 -24.45
N ALA B 27 18.03 -16.57 -24.17
CA ALA B 27 16.88 -16.92 -23.35
C ALA B 27 15.95 -17.90 -24.06
N LEU B 28 15.67 -17.65 -25.34
CA LEU B 28 14.79 -18.57 -26.07
C LEU B 28 15.44 -19.94 -26.25
N LYS B 29 16.76 -19.97 -26.42
CA LYS B 29 17.46 -21.26 -26.49
C LYS B 29 17.46 -21.94 -25.12
N GLU B 30 17.63 -21.15 -24.06
CA GLU B 30 17.54 -21.69 -22.70
C GLU B 30 16.14 -22.25 -22.42
N ALA B 31 15.10 -21.55 -22.89
CA ALA B 31 13.72 -21.97 -22.77
C ALA B 31 13.31 -23.05 -23.77
N GLY B 32 14.25 -23.58 -24.54
CA GLY B 32 13.92 -24.61 -25.51
C GLY B 32 12.91 -24.16 -26.54
N TYR B 33 13.02 -22.92 -27.01
CA TYR B 33 12.19 -22.37 -28.07
C TYR B 33 10.70 -22.48 -27.74
N ASN B 34 10.39 -22.47 -26.45
CA ASN B 34 9.02 -22.40 -25.96
C ASN B 34 8.93 -21.15 -25.07
N PRO B 35 8.34 -20.06 -25.55
CA PRO B 35 8.25 -18.83 -24.73
C PRO B 35 7.55 -19.02 -23.39
N PHE B 36 6.75 -20.07 -23.20
CA PHE B 36 6.15 -20.31 -21.90
C PHE B 36 7.21 -20.56 -20.84
N LEU B 37 8.37 -21.06 -21.24
CA LEU B 37 9.48 -21.33 -20.35
C LEU B 37 10.39 -20.13 -20.13
N LEU B 38 10.11 -19.01 -20.79
CA LEU B 38 10.92 -17.81 -20.60
C LEU B 38 10.63 -17.19 -19.23
N PRO B 39 11.65 -16.73 -18.52
CA PRO B 39 11.42 -15.86 -17.35
C PRO B 39 10.90 -14.50 -17.82
N SER B 40 10.08 -13.87 -16.98
CA SER B 40 9.54 -12.56 -17.38
C SER B 40 10.67 -11.55 -17.60
N SER B 41 11.82 -11.74 -16.94
CA SER B 41 12.95 -10.84 -17.13
C SER B 41 13.48 -10.84 -18.56
N ALA B 42 13.15 -11.86 -19.35
CA ALA B 42 13.53 -11.92 -20.75
C ALA B 42 12.46 -11.37 -21.68
N VAL B 43 11.37 -10.84 -21.14
CA VAL B 43 10.21 -10.46 -21.95
C VAL B 43 10.01 -8.95 -21.82
N TYR B 44 9.82 -8.30 -22.96
CA TYR B 44 9.51 -6.87 -22.96
C TYR B 44 8.03 -6.66 -22.71
N ILE B 45 7.21 -6.71 -23.77
CA ILE B 45 5.75 -6.68 -23.63
C ILE B 45 5.24 -8.10 -23.58
N ASP B 46 4.46 -8.44 -22.55
CA ASP B 46 3.98 -9.80 -22.34
C ASP B 46 2.52 -9.93 -22.77
N LEU B 47 2.29 -10.75 -23.79
CA LEU B 47 0.98 -10.95 -24.41
C LEU B 47 0.51 -12.38 -24.27
N LEU B 48 1.09 -13.11 -23.31
CA LEU B 48 0.70 -14.50 -23.10
C LEU B 48 -0.77 -14.62 -22.76
N THR B 49 -1.29 -13.69 -21.95
CA THR B 49 -2.61 -13.85 -21.38
C THR B 49 -3.13 -12.50 -20.90
N ASP B 50 -4.45 -12.39 -20.81
CA ASP B 50 -5.12 -11.30 -20.11
C ASP B 50 -5.58 -11.72 -18.73
N SER B 51 -5.12 -12.86 -18.24
CA SER B 51 -5.63 -13.45 -17.00
C SER B 51 -4.67 -13.12 -15.86
N GLY B 52 -5.12 -12.25 -14.95
CA GLY B 52 -4.37 -11.96 -13.75
C GLY B 52 -3.22 -10.99 -13.93
N THR B 53 -3.09 -10.37 -15.10
CA THR B 53 -2.02 -9.44 -15.37
C THR B 53 -2.52 -8.00 -15.41
N ASN B 54 -3.78 -7.80 -15.09
CA ASN B 54 -4.43 -6.49 -15.18
C ASN B 54 -3.86 -5.52 -14.15
N ALA B 55 -3.98 -4.23 -14.47
CA ALA B 55 -3.66 -3.17 -13.52
C ALA B 55 -4.89 -2.82 -12.71
N MET B 56 -4.76 -2.87 -11.39
CA MET B 56 -5.86 -2.47 -10.52
C MET B 56 -5.90 -0.95 -10.34
N SER B 57 -7.04 -0.47 -9.85
CA SER B 57 -7.18 0.94 -9.53
C SER B 57 -6.69 1.23 -8.12
N ASP B 58 -6.54 2.52 -7.81
CA ASP B 58 -6.26 2.91 -6.42
C ASP B 58 -7.37 2.47 -5.47
N HIS B 59 -8.64 2.55 -5.91
CA HIS B 59 -9.74 2.06 -5.09
C HIS B 59 -9.63 0.57 -4.82
N GLN B 60 -9.17 -0.21 -5.81
CA GLN B 60 -8.99 -1.63 -5.55
C GLN B 60 -7.90 -1.88 -4.54
N TRP B 61 -6.77 -1.18 -4.67
CA TRP B 61 -5.70 -1.33 -3.69
C TRP B 61 -6.15 -0.88 -2.30
N ALA B 62 -6.94 0.20 -2.24
CA ALA B 62 -7.49 0.64 -0.95
C ALA B 62 -8.37 -0.43 -0.32
N ALA B 63 -9.20 -1.08 -1.13
CA ALA B 63 -10.08 -2.14 -0.61
C ALA B 63 -9.25 -3.30 -0.05
N MET B 64 -8.12 -3.61 -0.70
CA MET B 64 -7.25 -4.67 -0.19
C MET B 64 -6.72 -4.30 1.19
N ILE B 65 -6.28 -3.04 1.35
CA ILE B 65 -5.65 -2.61 2.59
C ILE B 65 -6.61 -2.77 3.78
N THR B 66 -7.89 -2.48 3.57
CA THR B 66 -8.87 -2.66 4.65
C THR B 66 -9.55 -4.01 4.59
N GLY B 67 -9.04 -4.95 3.79
CA GLY B 67 -9.68 -6.25 3.70
C GLY B 67 -9.73 -6.95 5.03
N ASP B 68 -10.80 -7.70 5.24
CA ASP B 68 -11.06 -8.42 6.48
C ASP B 68 -10.60 -9.86 6.29
N GLU B 69 -9.54 -10.24 7.02
CA GLU B 69 -8.94 -11.57 6.85
C GLU B 69 -9.58 -12.64 7.72
N ALA B 70 -10.74 -12.34 8.33
CA ALA B 70 -11.42 -13.30 9.19
C ALA B 70 -11.63 -14.62 8.46
N TYR B 71 -11.42 -15.72 9.19
CA TYR B 71 -11.58 -17.05 8.60
CA TYR B 71 -11.59 -17.05 8.62
C TYR B 71 -13.05 -17.32 8.26
N ALA B 72 -13.96 -16.87 9.11
CA ALA B 72 -15.39 -17.05 8.91
C ALA B 72 -16.08 -15.71 9.12
N GLY B 73 -16.98 -15.36 8.20
CA GLY B 73 -17.77 -14.15 8.38
C GLY B 73 -17.08 -12.86 7.97
N SER B 74 -16.12 -12.95 7.05
CA SER B 74 -15.42 -11.75 6.59
C SER B 74 -16.40 -10.72 6.03
N ARG B 75 -16.18 -9.46 6.38
CA ARG B 75 -17.03 -8.37 5.89
CA ARG B 75 -17.09 -8.43 5.89
C ARG B 75 -17.09 -8.37 4.37
N ASN B 76 -15.98 -8.73 3.72
CA ASN B 76 -15.91 -8.73 2.27
C ASN B 76 -16.63 -9.91 1.64
N TYR B 77 -16.76 -11.04 2.35
CA TYR B 77 -17.66 -12.07 1.88
C TYR B 77 -19.07 -11.52 1.66
N TYR B 78 -19.63 -10.83 2.67
CA TYR B 78 -20.99 -10.33 2.52
C TYR B 78 -21.08 -9.26 1.43
N ASP B 79 -20.06 -8.41 1.31
CA ASP B 79 -20.05 -7.44 0.21
C ASP B 79 -20.10 -8.15 -1.12
N LEU B 80 -19.32 -9.23 -1.26
CA LEU B 80 -19.29 -9.98 -2.51
C LEU B 80 -20.63 -10.64 -2.78
N LYS B 81 -21.23 -11.26 -1.75
CA LYS B 81 -22.57 -11.82 -1.88
C LYS B 81 -23.55 -10.74 -2.33
N ASP B 82 -23.49 -9.56 -1.69
CA ASP B 82 -24.35 -8.46 -2.09
C ASP B 82 -24.08 -8.04 -3.53
N LYS B 83 -22.81 -8.03 -3.94
CA LYS B 83 -22.45 -7.59 -5.28
C LYS B 83 -23.01 -8.54 -6.34
N ALA B 84 -22.90 -9.84 -6.12
CA ALA B 84 -23.45 -10.81 -7.06
C ALA B 84 -24.97 -10.71 -7.16
N LYS B 85 -25.64 -10.43 -6.04
CA LYS B 85 -27.09 -10.22 -6.10
C LYS B 85 -27.42 -8.97 -6.90
N GLU B 86 -26.60 -7.94 -6.79
CA GLU B 86 -26.83 -6.70 -7.54
C GLU B 86 -26.64 -6.90 -9.04
N LEU B 87 -25.51 -7.49 -9.44
CA LEU B 87 -25.18 -7.59 -10.86
C LEU B 87 -25.93 -8.72 -11.56
N PHE B 88 -26.07 -9.87 -10.91
CA PHE B 88 -26.59 -11.06 -11.56
C PHE B 88 -27.97 -11.46 -11.07
N ASN B 89 -28.43 -10.88 -9.95
CA ASN B 89 -29.66 -11.30 -9.29
C ASN B 89 -29.57 -12.76 -8.83
N TYR B 90 -28.36 -13.20 -8.44
CA TYR B 90 -28.16 -14.55 -7.93
C TYR B 90 -28.06 -14.50 -6.41
N ASP B 91 -28.62 -15.52 -5.75
CA ASP B 91 -28.80 -15.49 -4.30
C ASP B 91 -27.70 -16.20 -3.52
N TYR B 92 -26.80 -16.94 -4.16
CA TYR B 92 -25.79 -17.72 -3.46
C TYR B 92 -24.45 -17.53 -4.13
N ILE B 93 -23.40 -17.43 -3.32
CA ILE B 93 -22.04 -17.34 -3.86
C ILE B 93 -21.13 -18.32 -3.15
N ILE B 94 -20.10 -18.75 -3.86
CA ILE B 94 -18.97 -19.46 -3.27
C ILE B 94 -17.70 -18.88 -3.90
N PRO B 95 -16.89 -18.12 -3.17
CA PRO B 95 -15.62 -17.66 -3.73
C PRO B 95 -14.67 -18.82 -4.04
N ALA B 96 -13.82 -18.61 -5.04
CA ALA B 96 -12.81 -19.59 -5.45
C ALA B 96 -11.51 -18.84 -5.70
N HIS B 97 -10.38 -19.59 -5.73
CA HIS B 97 -9.11 -18.90 -5.91
C HIS B 97 -8.93 -18.43 -7.34
N GLN B 98 -9.50 -19.13 -8.32
CA GLN B 98 -9.58 -18.58 -9.68
C GLN B 98 -10.60 -19.38 -10.47
N GLY B 99 -10.61 -19.18 -11.79
CA GLY B 99 -11.68 -19.72 -12.62
C GLY B 99 -11.73 -21.22 -12.62
N ARG B 100 -10.57 -21.88 -12.77
CA ARG B 100 -10.61 -23.34 -12.80
C ARG B 100 -10.90 -23.91 -11.42
N GLY B 101 -10.65 -23.13 -10.36
CA GLY B 101 -11.16 -23.52 -9.04
C GLY B 101 -12.67 -23.47 -8.98
N ALA B 102 -13.28 -22.43 -9.56
CA ALA B 102 -14.73 -22.37 -9.62
C ALA B 102 -15.31 -23.58 -10.36
N GLU B 103 -14.71 -23.92 -11.50
CA GLU B 103 -15.18 -25.08 -12.26
C GLU B 103 -15.04 -26.36 -11.44
N ASN B 104 -13.87 -26.55 -10.83
CA ASN B 104 -13.64 -27.74 -10.00
C ASN B 104 -14.64 -27.83 -8.84
N ILE B 105 -15.15 -26.68 -8.37
CA ILE B 105 -16.19 -26.69 -7.35
C ILE B 105 -17.52 -27.11 -7.94
N LEU B 106 -17.96 -26.44 -9.00
CA LEU B 106 -19.35 -26.58 -9.43
C LEU B 106 -19.58 -27.80 -10.31
N PHE B 107 -18.69 -28.05 -11.28
CA PHE B 107 -18.97 -29.07 -12.29
C PHE B 107 -19.13 -30.47 -11.70
N PRO B 108 -18.26 -30.97 -10.82
CA PRO B 108 -18.53 -32.28 -10.21
C PRO B 108 -19.87 -32.33 -9.48
N VAL B 109 -20.29 -31.21 -8.88
CA VAL B 109 -21.58 -31.16 -8.20
C VAL B 109 -22.72 -31.25 -9.20
N LEU B 110 -22.56 -30.65 -10.38
CA LEU B 110 -23.60 -30.75 -11.39
C LEU B 110 -23.74 -32.18 -11.90
N LEU B 111 -22.62 -32.90 -12.02
CA LEU B 111 -22.68 -34.30 -12.45
C LEU B 111 -23.37 -35.15 -11.39
N LYS B 112 -22.98 -34.97 -10.12
CA LYS B 112 -23.62 -35.72 -9.04
C LYS B 112 -25.11 -35.42 -8.96
N TYR B 113 -25.50 -34.18 -9.26
CA TYR B 113 -26.89 -33.78 -9.17
C TYR B 113 -27.75 -34.49 -10.22
N LYS B 114 -27.28 -34.50 -11.48
CA LYS B 114 -28.03 -35.18 -12.53
C LYS B 114 -27.99 -36.69 -12.32
N GLN B 115 -26.90 -37.23 -11.76
CA GLN B 115 -26.76 -38.67 -11.61
C GLN B 115 -27.67 -39.24 -10.53
N LYS B 116 -28.01 -38.44 -9.51
CA LYS B 116 -28.70 -38.97 -8.35
C LYS B 116 -30.19 -39.25 -8.60
N GLU B 117 -30.61 -39.35 -9.86
CA GLU B 117 -31.93 -39.83 -10.22
C GLU B 117 -31.84 -40.99 -11.21
N GLY B 118 -30.67 -41.59 -11.33
CA GLY B 118 -30.43 -42.59 -12.35
C GLY B 118 -30.00 -42.05 -13.70
N LYS B 119 -29.92 -40.72 -13.85
CA LYS B 119 -29.59 -40.11 -15.12
C LYS B 119 -28.07 -40.08 -15.32
N ALA B 120 -27.64 -39.44 -16.41
CA ALA B 120 -26.23 -39.19 -16.68
C ALA B 120 -25.42 -40.49 -16.75
N LYS B 121 -26.03 -41.55 -17.30
CA LYS B 121 -25.29 -42.79 -17.51
C LYS B 121 -24.18 -42.59 -18.53
N ASN B 122 -24.43 -41.76 -19.55
CA ASN B 122 -23.43 -41.35 -20.53
C ASN B 122 -23.43 -39.82 -20.53
N PRO B 123 -22.79 -39.20 -19.53
CA PRO B 123 -22.97 -37.76 -19.33
C PRO B 123 -22.10 -36.91 -20.25
N VAL B 124 -22.65 -35.77 -20.67
CA VAL B 124 -21.96 -34.83 -21.55
C VAL B 124 -22.26 -33.39 -21.11
N PHE B 125 -21.34 -32.50 -21.46
CA PHE B 125 -21.51 -31.06 -21.34
C PHE B 125 -21.55 -30.46 -22.74
N ILE B 126 -22.46 -29.52 -22.96
CA ILE B 126 -22.59 -28.82 -24.24
C ILE B 126 -22.31 -27.34 -24.02
N SER B 127 -21.37 -26.80 -24.78
CA SER B 127 -21.02 -25.39 -24.71
C SER B 127 -20.93 -24.80 -26.11
N ASN B 128 -21.02 -23.47 -26.19
CA ASN B 128 -20.65 -22.80 -27.43
C ASN B 128 -19.17 -23.00 -27.72
N PHE B 129 -18.33 -22.95 -26.68
CA PHE B 129 -16.96 -23.44 -26.76
C PHE B 129 -16.33 -23.48 -25.38
N HIS B 130 -16.03 -24.68 -24.89
CA HIS B 130 -15.27 -24.81 -23.64
C HIS B 130 -13.87 -24.26 -23.83
N PHE B 131 -13.45 -23.36 -22.94
CA PHE B 131 -12.04 -22.98 -22.90
C PHE B 131 -11.23 -24.18 -22.41
N ASP B 132 -9.89 -24.08 -22.57
CA ASP B 132 -8.98 -25.18 -22.22
C ASP B 132 -9.29 -25.79 -20.85
N THR B 133 -9.19 -24.98 -19.78
CA THR B 133 -9.38 -25.53 -18.44
C THR B 133 -10.79 -26.07 -18.23
N THR B 134 -11.79 -25.42 -18.84
CA THR B 134 -13.17 -25.87 -18.71
C THR B 134 -13.35 -27.26 -19.32
N ALA B 135 -12.83 -27.48 -20.52
CA ALA B 135 -12.94 -28.78 -21.18
C ALA B 135 -12.07 -29.83 -20.51
N ALA B 136 -11.01 -29.41 -19.80
CA ALA B 136 -10.16 -30.36 -19.09
C ALA B 136 -10.86 -30.89 -17.84
N HIS B 137 -11.64 -30.05 -17.16
CA HIS B 137 -12.42 -30.52 -16.02
C HIS B 137 -13.58 -31.40 -16.47
N VAL B 138 -14.28 -30.99 -17.53
CA VAL B 138 -15.35 -31.82 -18.10
C VAL B 138 -14.85 -33.23 -18.36
N GLU B 139 -13.69 -33.35 -19.02
CA GLU B 139 -13.15 -34.67 -19.35
C GLU B 139 -12.47 -35.34 -18.15
N LEU B 140 -11.99 -34.54 -17.18
CA LEU B 140 -11.47 -35.12 -15.94
C LEU B 140 -12.56 -35.81 -15.14
N ASN B 141 -13.81 -35.36 -15.29
CA ASN B 141 -14.94 -35.92 -14.56
C ASN B 141 -15.73 -36.94 -15.38
N GLY B 142 -15.06 -37.63 -16.32
CA GLY B 142 -15.67 -38.71 -17.07
C GLY B 142 -16.71 -38.30 -18.09
N CYS B 143 -16.81 -37.01 -18.42
CA CYS B 143 -17.79 -36.51 -19.37
C CYS B 143 -17.08 -36.05 -20.63
N LYS B 144 -17.87 -35.81 -21.68
CA LYS B 144 -17.36 -35.28 -22.93
C LYS B 144 -17.82 -33.84 -23.12
N ALA B 145 -16.93 -33.00 -23.66
CA ALA B 145 -17.22 -31.62 -23.95
C ALA B 145 -17.58 -31.48 -25.44
N ILE B 146 -18.66 -30.77 -25.72
CA ILE B 146 -19.16 -30.59 -27.07
C ILE B 146 -19.19 -29.10 -27.37
N ASN B 147 -18.46 -28.69 -28.40
CA ASN B 147 -18.34 -27.27 -28.78
C ASN B 147 -19.19 -27.03 -30.02
N ILE B 148 -20.41 -26.54 -29.81
CA ILE B 148 -21.33 -26.30 -30.91
C ILE B 148 -21.37 -24.81 -31.25
N VAL B 149 -20.20 -24.21 -31.47
CA VAL B 149 -20.16 -22.80 -31.86
C VAL B 149 -20.69 -22.62 -33.28
N THR B 150 -21.16 -21.41 -33.57
CA THR B 150 -21.61 -21.07 -34.90
C THR B 150 -20.46 -21.15 -35.90
N GLU B 151 -20.76 -21.59 -37.12
CA GLU B 151 -19.69 -21.69 -38.10
C GLU B 151 -19.27 -20.34 -38.67
N LYS B 152 -20.00 -19.26 -38.35
CA LYS B 152 -19.52 -17.91 -38.64
C LYS B 152 -18.10 -17.70 -38.13
N ALA B 153 -17.80 -18.26 -36.95
CA ALA B 153 -16.49 -18.06 -36.33
C ALA B 153 -15.36 -18.66 -37.16
N PHE B 154 -15.66 -19.69 -37.96
CA PHE B 154 -14.64 -20.38 -38.73
C PHE B 154 -14.35 -19.70 -40.07
N ASP B 155 -15.05 -18.61 -40.40
CA ASP B 155 -14.69 -17.76 -41.53
C ASP B 155 -13.89 -16.59 -40.96
N SER B 156 -12.57 -16.82 -40.82
CA SER B 156 -11.72 -15.97 -40.00
C SER B 156 -11.85 -14.50 -40.37
N GLU B 157 -11.71 -14.18 -41.65
CA GLU B 157 -11.59 -12.78 -42.08
C GLU B 157 -12.91 -12.13 -42.46
N THR B 158 -14.04 -12.83 -42.35
CA THR B 158 -15.34 -12.29 -42.73
C THR B 158 -16.09 -11.82 -41.51
N TYR B 159 -16.57 -10.58 -41.55
CA TYR B 159 -17.20 -9.95 -40.40
C TYR B 159 -18.52 -10.63 -40.04
N ASP B 160 -18.77 -10.76 -38.73
CA ASP B 160 -20.07 -11.14 -38.21
C ASP B 160 -20.21 -10.56 -36.80
N ASP B 161 -21.46 -10.28 -36.42
CA ASP B 161 -21.69 -9.62 -35.14
C ASP B 161 -21.52 -10.55 -33.95
N TRP B 162 -21.81 -11.85 -34.11
CA TRP B 162 -21.92 -12.74 -32.98
C TRP B 162 -21.19 -14.07 -33.26
N LYS B 163 -19.88 -13.98 -33.48
CA LYS B 163 -19.10 -15.19 -33.77
C LYS B 163 -18.94 -16.11 -32.57
N GLY B 164 -19.49 -15.76 -31.41
CA GLY B 164 -19.51 -16.63 -30.25
C GLY B 164 -20.82 -17.35 -30.01
N ASP B 165 -21.82 -17.14 -30.87
CA ASP B 165 -23.13 -17.76 -30.69
C ASP B 165 -23.05 -19.28 -30.68
N PHE B 166 -23.91 -19.89 -29.86
CA PHE B 166 -24.26 -21.28 -30.07
C PHE B 166 -24.80 -21.48 -31.48
N ASP B 167 -24.59 -22.66 -32.01
CA ASP B 167 -25.31 -23.12 -33.19
C ASP B 167 -26.58 -23.80 -32.68
N ILE B 168 -27.73 -23.15 -32.91
CA ILE B 168 -28.99 -23.64 -32.34
C ILE B 168 -29.38 -24.99 -32.93
N LYS B 169 -29.13 -25.19 -34.22
CA LYS B 169 -29.44 -26.49 -34.82
C LYS B 169 -28.61 -27.59 -34.19
N LYS B 170 -27.32 -27.34 -33.97
CA LYS B 170 -26.46 -28.32 -33.34
C LYS B 170 -26.85 -28.55 -31.88
N LEU B 171 -27.37 -27.52 -31.21
CA LEU B 171 -27.88 -27.69 -29.86
C LEU B 171 -29.04 -28.67 -29.84
N LYS B 172 -30.02 -28.44 -30.71
CA LYS B 172 -31.18 -29.32 -30.74
C LYS B 172 -30.80 -30.74 -31.17
N GLU B 173 -29.88 -30.85 -32.13
CA GLU B 173 -29.46 -32.18 -32.59
C GLU B 173 -28.64 -32.92 -31.54
N ASN B 174 -27.86 -32.18 -30.74
CA ASN B 174 -27.13 -32.84 -29.66
C ASN B 174 -28.06 -33.27 -28.53
N ILE B 175 -29.11 -32.49 -28.28
CA ILE B 175 -30.07 -32.89 -27.25
C ILE B 175 -30.84 -34.12 -27.67
N ALA B 176 -31.10 -34.28 -28.97
CA ALA B 176 -31.81 -35.47 -29.44
C ALA B 176 -30.90 -36.69 -29.39
N GLN B 177 -29.67 -36.55 -29.89
CA GLN B 177 -28.74 -37.68 -29.94
C GLN B 177 -28.47 -38.23 -28.55
N HIS B 178 -28.07 -37.36 -27.61
CA HIS B 178 -27.66 -37.80 -26.29
C HIS B 178 -28.82 -37.93 -25.30
N GLY B 179 -29.91 -37.22 -25.52
CA GLY B 179 -31.01 -37.23 -24.57
C GLY B 179 -30.85 -36.16 -23.49
N ALA B 180 -31.97 -35.58 -23.06
CA ALA B 180 -31.91 -34.53 -22.04
C ALA B 180 -31.35 -35.06 -20.72
N ASP B 181 -31.55 -36.34 -20.42
CA ASP B 181 -31.12 -36.90 -19.14
C ASP B 181 -29.62 -37.13 -19.06
N ASN B 182 -28.91 -37.11 -20.19
CA ASN B 182 -27.46 -37.24 -20.18
C ASN B 182 -26.73 -35.90 -20.21
N ILE B 183 -27.43 -34.81 -20.51
CA ILE B 183 -26.81 -33.49 -20.59
C ILE B 183 -26.72 -32.94 -19.18
N VAL B 184 -25.53 -33.01 -18.58
CA VAL B 184 -25.34 -32.53 -17.22
C VAL B 184 -25.65 -31.03 -17.15
N ALA B 185 -25.15 -30.28 -18.11
CA ALA B 185 -25.36 -28.83 -18.14
C ALA B 185 -24.96 -28.31 -19.50
N ILE B 186 -25.55 -27.18 -19.86
CA ILE B 186 -25.13 -26.35 -20.97
C ILE B 186 -24.28 -25.22 -20.41
N VAL B 187 -23.10 -24.98 -20.98
CA VAL B 187 -22.19 -23.93 -20.53
C VAL B 187 -22.14 -22.84 -21.60
N SER B 188 -22.59 -21.64 -21.24
CA SER B 188 -22.56 -20.48 -22.12
C SER B 188 -21.32 -19.64 -21.80
N THR B 189 -20.31 -19.70 -22.67
CA THR B 189 -19.06 -18.96 -22.48
C THR B 189 -19.20 -17.56 -23.05
N VAL B 190 -19.11 -16.54 -22.18
CA VAL B 190 -19.25 -15.15 -22.58
C VAL B 190 -18.06 -14.35 -22.05
N THR B 191 -17.35 -13.67 -22.95
CA THR B 191 -17.41 -13.92 -24.39
C THR B 191 -16.92 -15.34 -24.70
N CYS B 192 -17.00 -15.74 -25.96
CA CYS B 192 -16.51 -17.06 -26.36
C CYS B 192 -15.01 -16.96 -26.61
N ASN B 193 -14.21 -17.34 -25.61
CA ASN B 193 -12.77 -17.12 -25.69
C ASN B 193 -12.15 -17.92 -26.83
N SER B 194 -12.51 -19.20 -26.95
CA SER B 194 -11.93 -20.04 -27.99
C SER B 194 -12.33 -19.58 -29.39
N ALA B 195 -13.47 -18.89 -29.52
CA ALA B 195 -13.82 -18.33 -30.82
C ALA B 195 -13.08 -17.03 -31.11
N GLY B 196 -12.24 -16.57 -30.19
CA GLY B 196 -11.50 -15.33 -30.37
C GLY B 196 -12.02 -14.20 -29.50
N GLY B 197 -12.51 -14.54 -28.32
CA GLY B 197 -13.17 -13.56 -27.47
C GLY B 197 -14.36 -12.92 -28.17
N GLN B 198 -15.11 -13.70 -28.95
CA GLN B 198 -16.22 -13.18 -29.74
C GLN B 198 -17.52 -13.21 -28.94
N PRO B 199 -18.34 -12.18 -29.07
CA PRO B 199 -19.54 -12.08 -28.21
C PRO B 199 -20.62 -13.09 -28.57
N VAL B 200 -21.42 -13.40 -27.56
CA VAL B 200 -22.66 -14.16 -27.72
C VAL B 200 -23.82 -13.17 -27.64
N SER B 201 -24.73 -13.22 -28.61
CA SER B 201 -25.84 -12.28 -28.60
C SER B 201 -26.82 -12.60 -27.49
N MET B 202 -27.53 -11.57 -27.03
CA MET B 202 -28.60 -11.76 -26.04
C MET B 202 -29.68 -12.71 -26.56
N SER B 203 -30.01 -12.64 -27.85
CA SER B 203 -31.06 -13.51 -28.36
C SER B 203 -30.59 -14.95 -28.43
N ASN B 204 -29.30 -15.18 -28.65
CA ASN B 204 -28.75 -16.53 -28.60
C ASN B 204 -28.78 -17.09 -27.18
N LEU B 205 -28.30 -16.30 -26.21
CA LEU B 205 -28.38 -16.68 -24.80
C LEU B 205 -29.81 -17.03 -24.40
N LYS B 206 -30.77 -16.19 -24.82
CA LYS B 206 -32.16 -16.42 -24.49
C LYS B 206 -32.67 -17.73 -25.10
N GLU B 207 -32.34 -17.99 -26.36
CA GLU B 207 -32.85 -19.18 -27.03
C GLU B 207 -32.21 -20.44 -26.48
N VAL B 208 -30.94 -20.37 -26.09
CA VAL B 208 -30.30 -21.52 -25.45
C VAL B 208 -30.98 -21.83 -24.12
N TYR B 209 -31.19 -20.80 -23.29
CA TYR B 209 -31.83 -21.02 -22.00
C TYR B 209 -33.23 -21.59 -22.15
N GLU B 210 -34.02 -21.02 -23.07
CA GLU B 210 -35.38 -21.51 -23.27
C GLU B 210 -35.38 -22.97 -23.72
N ILE B 211 -34.55 -23.29 -24.71
CA ILE B 211 -34.38 -24.68 -25.14
C ILE B 211 -33.99 -25.56 -23.95
N ALA B 212 -33.06 -25.08 -23.13
CA ALA B 212 -32.58 -25.87 -22.00
C ALA B 212 -33.68 -26.09 -20.97
N LYS B 213 -34.44 -25.05 -20.66
CA LYS B 213 -35.52 -25.18 -19.68
C LYS B 213 -36.65 -26.06 -20.19
N GLN B 214 -36.81 -26.17 -21.51
CA GLN B 214 -37.77 -27.13 -22.06
C GLN B 214 -37.46 -28.54 -21.61
N HIS B 215 -36.17 -28.87 -21.47
CA HIS B 215 -35.73 -30.22 -21.16
C HIS B 215 -35.26 -30.38 -19.73
N GLY B 216 -35.34 -29.34 -18.91
CA GLY B 216 -34.84 -29.43 -17.55
C GLY B 216 -33.34 -29.46 -17.45
N ILE B 217 -32.65 -28.81 -18.39
CA ILE B 217 -31.19 -28.82 -18.43
C ILE B 217 -30.69 -27.59 -17.69
N PHE B 218 -29.81 -27.81 -16.72
CA PHE B 218 -29.17 -26.73 -15.98
C PHE B 218 -28.24 -25.95 -16.91
N VAL B 219 -28.19 -24.63 -16.74
CA VAL B 219 -27.36 -23.76 -17.57
C VAL B 219 -26.38 -22.99 -16.69
N VAL B 220 -25.08 -23.08 -17.03
CA VAL B 220 -24.02 -22.36 -16.35
C VAL B 220 -23.45 -21.33 -17.31
N MET B 221 -23.24 -20.12 -16.82
CA MET B 221 -22.58 -19.06 -17.60
C MET B 221 -21.11 -18.99 -17.21
N ASP B 222 -20.22 -19.38 -18.13
CA ASP B 222 -18.78 -19.17 -17.96
C ASP B 222 -18.51 -17.69 -18.19
N SER B 223 -18.21 -16.97 -17.11
CA SER B 223 -18.39 -15.53 -17.09
C SER B 223 -17.09 -14.74 -16.99
N ALA B 224 -15.95 -15.36 -17.34
CA ALA B 224 -14.67 -14.67 -17.20
C ALA B 224 -14.67 -13.34 -17.94
N ARG B 225 -15.30 -13.28 -19.12
CA ARG B 225 -15.31 -12.04 -19.88
C ARG B 225 -16.72 -11.53 -20.13
N PHE B 226 -17.55 -11.60 -19.09
CA PHE B 226 -18.96 -11.25 -19.26
C PHE B 226 -19.16 -9.77 -19.56
N CYS B 227 -18.31 -8.90 -19.02
CA CYS B 227 -18.48 -7.47 -19.25
C CYS B 227 -18.14 -7.10 -20.67
N GLU B 228 -17.12 -7.73 -21.24
CA GLU B 228 -16.81 -7.49 -22.64
C GLU B 228 -17.93 -7.98 -23.53
N ASN B 229 -18.61 -9.06 -23.14
CA ASN B 229 -19.78 -9.53 -23.88
C ASN B 229 -20.94 -8.54 -23.77
N ALA B 230 -21.17 -8.01 -22.57
CA ALA B 230 -22.21 -7.01 -22.38
C ALA B 230 -21.95 -5.78 -23.23
N TYR B 231 -20.69 -5.33 -23.29
CA TYR B 231 -20.36 -4.20 -24.14
C TYR B 231 -20.74 -4.50 -25.60
N PHE B 232 -20.34 -5.66 -26.11
CA PHE B 232 -20.66 -5.97 -27.50
C PHE B 232 -22.16 -6.07 -27.73
N ILE B 233 -22.93 -6.51 -26.72
CA ILE B 233 -24.38 -6.52 -26.87
C ILE B 233 -24.90 -5.09 -26.98
N LYS B 234 -24.43 -4.19 -26.12
CA LYS B 234 -24.84 -2.79 -26.23
C LYS B 234 -24.39 -2.19 -27.56
N ALA B 235 -23.20 -2.59 -28.04
CA ALA B 235 -22.64 -1.99 -29.23
C ALA B 235 -23.36 -2.42 -30.50
N ARG B 236 -23.86 -3.66 -30.53
CA ARG B 236 -24.35 -4.25 -31.76
C ARG B 236 -25.82 -4.64 -31.75
N ASP B 237 -26.45 -4.75 -30.57
CA ASP B 237 -27.86 -5.12 -30.51
C ASP B 237 -28.71 -3.86 -30.40
N PRO B 238 -29.59 -3.59 -31.37
CA PRO B 238 -30.44 -2.38 -31.30
C PRO B 238 -31.31 -2.30 -30.05
N LYS B 239 -31.79 -3.44 -29.52
CA LYS B 239 -32.63 -3.41 -28.32
C LYS B 239 -31.92 -2.80 -27.13
N TYR B 240 -30.59 -2.95 -27.05
CA TYR B 240 -29.84 -2.49 -25.89
C TYR B 240 -29.04 -1.23 -26.17
N LYS B 241 -29.38 -0.52 -27.25
CA LYS B 241 -28.64 0.69 -27.63
C LYS B 241 -28.65 1.72 -26.52
N ASN B 242 -29.75 1.82 -25.78
CA ASN B 242 -29.90 2.79 -24.70
C ASN B 242 -29.82 2.15 -23.32
N ALA B 243 -29.45 0.87 -23.24
CA ALA B 243 -29.30 0.20 -21.97
C ALA B 243 -27.96 0.56 -21.35
N THR B 244 -27.93 0.60 -20.01
CA THR B 244 -26.64 0.65 -19.34
C THR B 244 -25.97 -0.71 -19.44
N ILE B 245 -24.65 -0.73 -19.21
CA ILE B 245 -23.94 -2.01 -19.24
C ILE B 245 -24.50 -2.95 -18.18
N LYS B 246 -24.79 -2.42 -16.99
CA LYS B 246 -25.33 -3.26 -15.93
C LYS B 246 -26.70 -3.81 -16.31
N GLU B 247 -27.52 -3.02 -17.00
CA GLU B 247 -28.80 -3.53 -17.48
C GLU B 247 -28.61 -4.68 -18.45
N VAL B 248 -27.62 -4.56 -19.33
CA VAL B 248 -27.31 -5.67 -20.24
C VAL B 248 -26.93 -6.91 -19.45
N ILE B 249 -26.04 -6.76 -18.47
CA ILE B 249 -25.57 -7.88 -17.65
C ILE B 249 -26.73 -8.54 -16.93
N PHE B 250 -27.57 -7.72 -16.29
CA PHE B 250 -28.75 -8.23 -15.60
C PHE B 250 -29.61 -9.09 -16.53
N ASP B 251 -29.80 -8.65 -17.77
CA ASP B 251 -30.57 -9.45 -18.72
C ASP B 251 -29.83 -10.73 -19.10
N MET B 252 -28.52 -10.65 -19.36
CA MET B 252 -27.76 -11.85 -19.68
C MET B 252 -28.00 -12.97 -18.68
N TYR B 253 -28.02 -12.65 -17.40
CA TYR B 253 -28.06 -13.69 -16.38
C TYR B 253 -29.48 -14.15 -16.06
N LYS B 254 -30.49 -13.59 -16.71
CA LYS B 254 -31.79 -14.25 -16.75
C LYS B 254 -31.71 -15.57 -17.50
N TYR B 255 -30.67 -15.78 -18.30
CA TYR B 255 -30.58 -16.93 -19.17
C TYR B 255 -29.48 -17.89 -18.72
N ALA B 256 -29.30 -18.00 -17.40
CA ALA B 256 -28.50 -19.07 -16.81
C ALA B 256 -29.03 -19.33 -15.41
N ASP B 257 -28.68 -20.51 -14.89
CA ASP B 257 -29.03 -20.89 -13.52
C ASP B 257 -27.88 -20.70 -12.54
N ALA B 258 -26.67 -20.51 -13.05
CA ALA B 258 -25.49 -20.34 -12.20
C ALA B 258 -24.38 -19.79 -13.10
N LEU B 259 -23.27 -19.46 -12.48
CA LEU B 259 -22.14 -18.93 -13.22
C LEU B 259 -20.87 -19.42 -12.57
N THR B 260 -19.86 -19.68 -13.40
CA THR B 260 -18.48 -19.80 -12.96
C THR B 260 -17.72 -18.62 -13.55
N MET B 261 -16.76 -18.10 -12.81
CA MET B 261 -16.09 -16.89 -13.24
C MET B 261 -14.63 -16.94 -12.83
N SER B 262 -13.74 -16.70 -13.79
CA SER B 262 -12.39 -16.27 -13.48
C SER B 262 -12.43 -14.75 -13.30
N ALA B 263 -12.31 -14.30 -12.06
CA ALA B 263 -12.27 -12.87 -11.78
C ALA B 263 -10.94 -12.24 -12.16
N LYS B 264 -9.97 -13.03 -12.62
CA LYS B 264 -8.71 -12.55 -13.17
C LYS B 264 -8.86 -11.92 -14.56
N LYS B 265 -10.07 -11.91 -15.12
CA LYS B 265 -10.31 -11.25 -16.40
C LYS B 265 -11.06 -9.94 -16.21
N ASP B 266 -12.35 -9.92 -16.56
CA ASP B 266 -13.10 -8.67 -16.56
C ASP B 266 -13.21 -7.98 -15.20
N PRO B 267 -13.28 -8.67 -14.03
CA PRO B 267 -13.26 -7.93 -12.75
C PRO B 267 -11.90 -7.32 -12.38
N LEU B 268 -10.93 -7.37 -13.30
CA LEU B 268 -9.73 -6.55 -13.20
C LEU B 268 -8.83 -6.95 -12.02
N LEU B 269 -8.61 -8.26 -11.85
CA LEU B 269 -7.86 -8.75 -10.69
C LEU B 269 -6.59 -9.48 -11.12
N ASN B 270 -5.76 -9.76 -10.13
CA ASN B 270 -4.57 -10.57 -10.34
C ASN B 270 -4.74 -12.00 -9.87
N ILE B 271 -5.80 -12.25 -9.09
CA ILE B 271 -6.18 -13.55 -8.57
C ILE B 271 -7.67 -13.47 -8.22
N GLY B 272 -8.35 -14.62 -8.24
CA GLY B 272 -9.74 -14.66 -7.82
C GLY B 272 -10.68 -15.37 -8.75
N GLY B 273 -11.65 -16.10 -8.19
CA GLY B 273 -12.71 -16.71 -8.96
C GLY B 273 -14.00 -16.69 -8.17
N LEU B 274 -15.08 -17.15 -8.82
CA LEU B 274 -16.40 -17.05 -8.21
C LEU B 274 -17.36 -18.07 -8.79
N VAL B 275 -18.10 -18.74 -7.92
CA VAL B 275 -19.31 -19.46 -8.29
C VAL B 275 -20.51 -18.69 -7.73
N ALA B 276 -21.51 -18.45 -8.57
CA ALA B 276 -22.78 -17.89 -8.11
C ALA B 276 -23.90 -18.74 -8.67
N ILE B 277 -24.90 -19.01 -7.84
CA ILE B 277 -26.04 -19.84 -8.20
C ILE B 277 -27.30 -19.00 -8.01
N ARG B 278 -28.19 -19.02 -9.00
CA ARG B 278 -29.33 -18.12 -8.97
C ARG B 278 -30.25 -18.42 -7.78
N ASP B 279 -30.73 -19.66 -7.68
CA ASP B 279 -31.65 -19.94 -6.58
C ASP B 279 -31.72 -21.41 -6.16
N ASN B 280 -30.93 -22.29 -6.79
CA ASN B 280 -30.98 -23.71 -6.45
C ASN B 280 -30.13 -23.95 -5.20
N GLU B 281 -30.78 -23.90 -4.04
CA GLU B 281 -30.07 -24.05 -2.77
C GLU B 281 -29.42 -25.42 -2.64
N GLU B 282 -30.00 -26.44 -3.27
CA GLU B 282 -29.44 -27.80 -3.16
C GLU B 282 -28.08 -27.87 -3.83
N ILE B 283 -27.97 -27.34 -5.04
CA ILE B 283 -26.69 -27.36 -5.74
C ILE B 283 -25.67 -26.50 -4.99
N PHE B 284 -26.12 -25.39 -4.42
CA PHE B 284 -25.26 -24.57 -3.57
C PHE B 284 -24.72 -25.37 -2.39
N THR B 285 -25.57 -26.16 -1.73
CA THR B 285 -25.13 -26.93 -0.58
C THR B 285 -24.09 -27.97 -0.98
N LEU B 286 -24.35 -28.72 -2.04
CA LEU B 286 -23.38 -29.69 -2.51
C LEU B 286 -22.09 -29.02 -2.94
N ALA B 287 -22.19 -27.85 -3.56
CA ALA B 287 -21.00 -27.15 -4.02
C ALA B 287 -20.14 -26.70 -2.85
N ARG B 288 -20.76 -26.36 -1.71
CA ARG B 288 -19.98 -25.93 -0.55
C ARG B 288 -19.18 -27.08 0.05
N GLN B 289 -19.67 -28.32 -0.09
CA GLN B 289 -18.94 -29.44 0.48
C GLN B 289 -17.72 -29.82 -0.35
N ARG B 290 -17.75 -29.54 -1.66
CA ARG B 290 -16.57 -29.74 -2.49
C ARG B 290 -15.57 -28.59 -2.37
N CYS B 291 -16.07 -27.37 -2.16
CA CYS B 291 -15.19 -26.21 -2.03
C CYS B 291 -14.20 -26.37 -0.89
N VAL B 292 -14.64 -26.98 0.22
CA VAL B 292 -13.82 -27.07 1.42
C VAL B 292 -12.54 -27.86 1.17
N PRO B 293 -12.56 -29.11 0.66
CA PRO B 293 -11.28 -29.80 0.45
C PRO B 293 -10.41 -29.18 -0.65
N MET B 294 -11.02 -28.62 -1.69
CA MET B 294 -10.27 -28.19 -2.86
C MET B 294 -9.71 -26.78 -2.73
N GLU B 295 -10.48 -25.85 -2.13
CA GLU B 295 -10.16 -24.43 -2.16
C GLU B 295 -9.94 -23.85 -0.76
N GLY B 296 -10.91 -24.00 0.13
CA GLY B 296 -10.84 -23.41 1.45
C GLY B 296 -12.23 -23.38 2.05
N PHE B 297 -12.30 -22.78 3.24
CA PHE B 297 -13.62 -22.57 3.85
C PHE B 297 -14.47 -21.71 2.94
N VAL B 298 -15.80 -21.90 3.03
CA VAL B 298 -16.71 -21.40 2.00
C VAL B 298 -16.88 -19.88 2.01
N THR B 299 -16.36 -19.16 3.02
CA THR B 299 -16.45 -17.70 3.04
C THR B 299 -15.12 -17.02 2.67
N TYR B 300 -14.21 -17.74 2.02
CA TYR B 300 -13.06 -17.08 1.39
C TYR B 300 -12.58 -17.90 0.19
N GLY B 301 -12.85 -19.21 0.22
CA GLY B 301 -12.58 -20.11 -0.89
C GLY B 301 -11.22 -19.99 -1.55
N GLY B 302 -10.14 -20.12 -0.77
CA GLY B 302 -8.81 -20.01 -1.36
C GLY B 302 -8.41 -18.60 -1.72
N LEU B 303 -9.10 -17.60 -1.16
CA LEU B 303 -8.85 -16.18 -1.40
C LEU B 303 -8.65 -15.46 -0.08
N ALA B 304 -7.63 -14.62 -0.02
CA ALA B 304 -7.50 -13.72 1.11
C ALA B 304 -8.71 -12.77 1.17
N GLY B 305 -9.02 -12.28 2.37
CA GLY B 305 -10.04 -11.23 2.50
C GLY B 305 -9.77 -10.06 1.58
N ARG B 306 -8.50 -9.68 1.44
CA ARG B 306 -8.15 -8.53 0.61
C ARG B 306 -8.48 -8.77 -0.84
N ASP B 307 -8.48 -10.03 -1.27
CA ASP B 307 -8.81 -10.30 -2.66
C ASP B 307 -10.31 -10.33 -2.88
N MET B 308 -11.08 -10.78 -1.89
CA MET B 308 -12.52 -10.61 -1.98
C MET B 308 -12.88 -9.13 -2.05
N ALA B 309 -12.15 -8.30 -1.29
CA ALA B 309 -12.40 -6.86 -1.30
C ALA B 309 -12.06 -6.26 -2.66
N ALA B 310 -10.91 -6.65 -3.22
CA ALA B 310 -10.56 -6.18 -4.55
C ALA B 310 -11.58 -6.64 -5.58
N MET B 311 -12.13 -7.85 -5.41
CA MET B 311 -13.09 -8.38 -6.37
C MET B 311 -14.39 -7.59 -6.35
N VAL B 312 -14.87 -7.25 -5.15
CA VAL B 312 -16.08 -6.44 -5.03
C VAL B 312 -15.93 -5.15 -5.83
N GLN B 313 -14.78 -4.49 -5.67
CA GLN B 313 -14.54 -3.23 -6.37
C GLN B 313 -14.32 -3.46 -7.87
N GLY B 314 -13.52 -4.47 -8.21
CA GLY B 314 -13.26 -4.74 -9.62
C GLY B 314 -14.50 -5.14 -10.38
N LEU B 315 -15.44 -5.82 -9.73
CA LEU B 315 -16.68 -6.16 -10.42
C LEU B 315 -17.38 -4.89 -10.88
N GLU B 316 -17.35 -3.85 -10.05
CA GLU B 316 -17.97 -2.58 -10.41
C GLU B 316 -17.21 -1.90 -11.55
N GLU B 317 -15.88 -1.78 -11.40
CA GLU B 317 -15.09 -1.08 -12.41
C GLU B 317 -15.15 -1.78 -13.75
N GLY B 318 -15.22 -3.11 -13.74
CA GLY B 318 -15.29 -3.88 -14.98
C GLY B 318 -16.54 -3.63 -15.79
N THR B 319 -17.61 -3.11 -15.17
CA THR B 319 -18.84 -2.81 -15.91
C THR B 319 -18.85 -1.41 -16.51
N GLU B 320 -17.82 -0.59 -16.26
CA GLU B 320 -17.90 0.83 -16.61
C GLU B 320 -17.74 0.98 -18.13
N GLU B 321 -18.74 1.63 -18.76
CA GLU B 321 -18.80 1.65 -20.21
C GLU B 321 -17.63 2.41 -20.82
N GLU B 322 -17.26 3.56 -20.24
CA GLU B 322 -16.10 4.29 -20.74
C GLU B 322 -14.86 3.41 -20.72
N TYR B 323 -14.68 2.64 -19.65
CA TYR B 323 -13.52 1.77 -19.57
C TYR B 323 -13.59 0.67 -20.65
N LEU B 324 -14.75 0.04 -20.80
CA LEU B 324 -14.90 -1.04 -21.78
C LEU B 324 -14.69 -0.53 -23.20
N HIS B 325 -15.30 0.61 -23.53
CA HIS B 325 -15.08 1.24 -24.82
C HIS B 325 -13.60 1.41 -25.11
N TYR B 326 -12.84 1.92 -24.14
CA TYR B 326 -11.41 2.12 -24.34
CA TYR B 326 -11.41 2.12 -24.34
C TYR B 326 -10.67 0.79 -24.46
N ARG B 327 -11.03 -0.18 -23.60
CA ARG B 327 -10.28 -1.43 -23.56
C ARG B 327 -10.47 -2.22 -24.85
N ILE B 328 -11.71 -2.45 -25.24
CA ILE B 328 -12.02 -3.16 -26.46
C ILE B 328 -11.53 -2.36 -27.67
N GLY B 329 -11.56 -1.03 -27.58
CA GLY B 329 -11.07 -0.22 -28.68
C GLY B 329 -9.56 -0.28 -28.83
N GLN B 330 -8.84 -0.56 -27.74
CA GLN B 330 -7.40 -0.78 -27.86
C GLN B 330 -7.12 -2.08 -28.62
N VAL B 331 -7.80 -3.15 -28.25
CA VAL B 331 -7.69 -4.42 -28.97
C VAL B 331 -8.03 -4.22 -30.44
N LYS B 332 -9.13 -3.51 -30.71
CA LYS B 332 -9.50 -3.23 -32.08
C LYS B 332 -8.42 -2.41 -32.79
N TYR B 333 -7.80 -1.46 -32.08
CA TYR B 333 -6.77 -0.64 -32.69
C TYR B 333 -5.58 -1.46 -33.14
N LEU B 334 -5.13 -2.40 -32.29
CA LEU B 334 -4.05 -3.28 -32.68
C LEU B 334 -4.43 -4.13 -33.88
N GLY B 335 -5.64 -4.70 -33.84
CA GLY B 335 -6.11 -5.47 -34.99
C GLY B 335 -6.09 -4.65 -36.27
N ASP B 336 -6.55 -3.41 -36.20
CA ASP B 336 -6.59 -2.56 -37.38
C ASP B 336 -5.20 -2.22 -37.88
N ARG B 337 -4.25 -1.93 -36.97
CA ARG B 337 -2.86 -1.73 -37.38
C ARG B 337 -2.36 -2.90 -38.22
N LEU B 338 -2.64 -4.14 -37.80
CA LEU B 338 -2.17 -5.30 -38.53
C LEU B 338 -2.99 -5.53 -39.79
N ARG B 339 -4.31 -5.41 -39.68
CA ARG B 339 -5.18 -5.68 -40.81
C ARG B 339 -4.92 -4.70 -41.94
N GLU B 340 -4.66 -3.43 -41.61
CA GLU B 340 -4.34 -2.44 -42.62
C GLU B 340 -2.99 -2.68 -43.27
N ALA B 341 -2.14 -3.53 -42.67
CA ALA B 341 -0.86 -3.88 -43.25
C ALA B 341 -0.90 -5.23 -43.96
N GLY B 342 -2.08 -5.79 -44.17
CA GLY B 342 -2.20 -7.08 -44.83
C GLY B 342 -1.96 -8.26 -43.94
N ILE B 343 -1.83 -8.07 -42.63
CA ILE B 343 -1.68 -9.18 -41.69
C ILE B 343 -3.08 -9.75 -41.44
N PRO B 344 -3.34 -11.00 -41.80
CA PRO B 344 -4.69 -11.55 -41.65
C PRO B 344 -5.00 -11.84 -40.19
N ILE B 345 -6.14 -11.34 -39.71
CA ILE B 345 -6.58 -11.54 -38.35
C ILE B 345 -8.01 -12.05 -38.35
N GLN B 346 -8.42 -12.57 -37.20
CA GLN B 346 -9.84 -12.80 -36.97
C GLN B 346 -10.54 -11.45 -36.91
N TYR B 347 -11.64 -11.31 -37.66
CA TYR B 347 -12.29 -10.03 -37.81
C TYR B 347 -13.80 -10.21 -37.66
N PRO B 348 -14.45 -9.45 -36.78
CA PRO B 348 -13.91 -8.35 -35.95
C PRO B 348 -13.08 -8.87 -34.78
N THR B 349 -12.25 -8.02 -34.19
CA THR B 349 -11.50 -8.42 -33.01
C THR B 349 -12.44 -8.62 -31.82
N GLY B 350 -12.13 -9.60 -30.99
CA GLY B 350 -12.87 -9.84 -29.78
C GLY B 350 -12.51 -8.84 -28.68
N GLY B 351 -12.91 -9.18 -27.46
CA GLY B 351 -12.78 -8.23 -26.37
C GLY B 351 -11.37 -8.08 -25.84
N HIS B 352 -10.56 -9.13 -25.89
CA HIS B 352 -9.35 -9.18 -25.07
C HIS B 352 -8.06 -9.54 -25.82
N ALA B 353 -8.12 -9.89 -27.10
CA ALA B 353 -6.96 -10.39 -27.81
C ALA B 353 -7.18 -10.22 -29.31
N VAL B 354 -6.08 -10.21 -30.04
CA VAL B 354 -6.07 -10.27 -31.50
C VAL B 354 -5.52 -11.64 -31.89
N PHE B 355 -6.17 -12.28 -32.87
CA PHE B 355 -5.78 -13.60 -33.35
C PHE B 355 -5.25 -13.47 -34.77
N VAL B 356 -3.97 -13.76 -34.96
CA VAL B 356 -3.31 -13.64 -36.25
C VAL B 356 -3.24 -15.03 -36.87
N ASP B 357 -3.70 -15.15 -38.13
CA ASP B 357 -3.65 -16.42 -38.86
C ASP B 357 -2.24 -16.60 -39.43
N CYS B 358 -1.46 -17.49 -38.82
CA CYS B 358 -0.08 -17.72 -39.23
C CYS B 358 0.05 -18.74 -40.35
N LYS B 359 -1.02 -19.49 -40.68
CA LYS B 359 -0.96 -20.33 -41.86
C LYS B 359 -0.66 -19.49 -43.10
N LYS B 360 -1.26 -18.30 -43.18
CA LYS B 360 -1.08 -17.41 -44.31
C LYS B 360 0.23 -16.63 -44.25
N LEU B 361 0.94 -16.67 -43.13
CA LEU B 361 2.21 -15.96 -43.01
C LEU B 361 3.41 -16.84 -43.31
N VAL B 362 3.35 -18.13 -43.01
CA VAL B 362 4.48 -19.03 -43.21
C VAL B 362 4.01 -20.30 -43.92
N PRO B 363 3.53 -20.21 -45.17
CA PRO B 363 2.98 -21.41 -45.82
C PRO B 363 3.98 -22.55 -45.95
N GLN B 364 5.28 -22.23 -45.99
CA GLN B 364 6.33 -23.24 -46.11
C GLN B 364 6.50 -24.08 -44.85
N ILE B 365 5.76 -23.80 -43.79
CA ILE B 365 5.80 -24.56 -42.53
C ILE B 365 4.46 -25.27 -42.37
N PRO B 366 4.43 -26.60 -42.35
CA PRO B 366 3.17 -27.31 -42.18
C PRO B 366 2.75 -27.35 -40.71
N GLY B 367 1.51 -27.80 -40.49
CA GLY B 367 0.96 -27.84 -39.14
C GLY B 367 1.83 -28.60 -38.15
N ASP B 368 2.35 -29.76 -38.56
CA ASP B 368 3.10 -30.59 -37.63
C ASP B 368 4.45 -30.00 -37.26
N GLN B 369 4.86 -28.91 -37.91
CA GLN B 369 6.08 -28.19 -37.54
C GLN B 369 5.77 -26.87 -36.85
N PHE B 370 4.50 -26.62 -36.52
CA PHE B 370 3.98 -25.52 -35.70
C PHE B 370 4.23 -24.16 -36.34
N PRO B 371 3.45 -23.81 -37.38
CA PRO B 371 3.64 -22.51 -38.05
C PRO B 371 3.41 -21.32 -37.13
N ALA B 372 2.32 -21.31 -36.35
CA ALA B 372 2.07 -20.20 -35.44
C ALA B 372 3.15 -20.08 -34.36
N GLN B 373 3.73 -21.19 -33.93
CA GLN B 373 4.79 -21.10 -32.94
C GLN B 373 6.08 -20.57 -33.55
N ALA B 374 6.34 -20.90 -34.82
CA ALA B 374 7.49 -20.30 -35.50
C ALA B 374 7.33 -18.80 -35.61
N VAL B 375 6.10 -18.34 -35.88
CA VAL B 375 5.86 -16.91 -35.97
C VAL B 375 6.04 -16.25 -34.60
N ILE B 376 5.49 -16.87 -33.57
CA ILE B 376 5.65 -16.36 -32.20
C ILE B 376 7.11 -16.25 -31.84
N ASN B 377 7.87 -17.32 -32.10
CA ASN B 377 9.29 -17.31 -31.76
C ASN B 377 10.04 -16.25 -32.54
N ALA B 378 9.72 -16.09 -33.82
CA ALA B 378 10.33 -15.04 -34.62
C ALA B 378 9.97 -13.67 -34.06
N LEU B 379 8.70 -13.48 -33.69
CA LEU B 379 8.30 -12.22 -33.10
C LEU B 379 9.08 -11.94 -31.82
N TYR B 380 9.23 -12.95 -30.96
CA TYR B 380 9.98 -12.74 -29.72
C TYR B 380 11.44 -12.40 -30.01
N LEU B 381 12.07 -13.14 -30.93
CA LEU B 381 13.47 -12.86 -31.23
C LEU B 381 13.63 -11.47 -31.80
N GLU B 382 12.67 -11.02 -32.60
CA GLU B 382 12.74 -9.74 -33.26
C GLU B 382 12.51 -8.56 -32.32
N SER B 383 11.78 -8.75 -31.20
CA SER B 383 11.25 -7.60 -30.47
C SER B 383 11.15 -7.75 -28.96
N GLY B 384 11.22 -8.98 -28.45
CA GLY B 384 10.98 -9.19 -27.05
C GLY B 384 9.51 -9.33 -26.66
N VAL B 385 8.59 -9.28 -27.61
CA VAL B 385 7.18 -9.48 -27.35
C VAL B 385 6.92 -10.98 -27.25
N ARG B 386 6.24 -11.41 -26.18
CA ARG B 386 5.88 -12.80 -25.97
C ARG B 386 4.39 -13.01 -26.22
N ALA B 387 4.04 -13.81 -27.21
CA ALA B 387 2.65 -14.16 -27.49
C ALA B 387 2.49 -15.67 -27.30
N VAL B 388 1.29 -16.18 -27.62
CA VAL B 388 0.95 -17.56 -27.29
C VAL B 388 0.23 -18.22 -28.47
N GLU B 389 0.43 -19.54 -28.61
CA GLU B 389 0.01 -20.27 -29.79
C GLU B 389 -1.34 -20.94 -29.56
N ILE B 390 -2.24 -20.78 -30.54
CA ILE B 390 -3.52 -21.46 -30.56
C ILE B 390 -3.59 -22.25 -31.86
N GLY B 391 -2.78 -23.31 -31.95
CA GLY B 391 -2.69 -24.10 -33.16
C GLY B 391 -2.24 -25.53 -32.91
N SER B 392 -1.40 -26.06 -33.82
CA SER B 392 -1.04 -27.47 -33.76
C SER B 392 -0.16 -27.79 -32.55
N PHE B 393 0.57 -26.82 -32.02
CA PHE B 393 1.35 -27.07 -30.82
C PHE B 393 0.45 -27.21 -29.60
N LEU B 394 -0.55 -26.35 -29.46
CA LEU B 394 -1.50 -26.47 -28.38
C LEU B 394 -2.35 -27.74 -28.50
N LEU B 395 -2.84 -28.03 -29.70
CA LEU B 395 -3.82 -29.09 -29.87
C LEU B 395 -3.26 -30.45 -29.45
N GLY B 396 -1.99 -30.69 -29.76
CA GLY B 396 -1.32 -31.89 -29.32
C GLY B 396 -1.57 -33.07 -30.25
N ARG B 397 -1.31 -34.26 -29.71
CA ARG B 397 -1.47 -35.49 -30.45
C ARG B 397 -2.80 -36.14 -30.13
N ASP B 398 -3.21 -37.06 -31.00
CA ASP B 398 -4.47 -37.75 -30.81
C ASP B 398 -4.29 -38.95 -29.88
N PRO B 399 -5.27 -39.22 -29.00
CA PRO B 399 -5.15 -40.39 -28.11
C PRO B 399 -5.15 -41.72 -28.84
N ALA B 400 -5.53 -41.77 -30.11
CA ALA B 400 -5.60 -43.03 -30.84
C ALA B 400 -4.33 -43.33 -31.61
N THR B 401 -3.92 -42.40 -32.49
CA THR B 401 -2.75 -42.64 -33.34
C THR B 401 -1.44 -42.32 -32.64
N GLY B 402 -1.46 -41.48 -31.61
CA GLY B 402 -0.22 -40.91 -31.13
C GLY B 402 0.44 -39.96 -32.10
N GLU B 403 -0.30 -39.53 -33.12
CA GLU B 403 0.18 -38.62 -34.14
C GLU B 403 -0.48 -37.26 -33.95
N GLN B 404 0.04 -36.28 -34.69
CA GLN B 404 -0.42 -34.90 -34.57
C GLN B 404 -1.91 -34.78 -34.90
N LYS B 405 -2.69 -34.27 -33.96
N LYS B 405 -2.68 -34.30 -33.94
CA LYS B 405 -4.09 -34.00 -34.25
CA LYS B 405 -4.07 -33.92 -34.22
C LYS B 405 -4.21 -32.77 -35.13
C LYS B 405 -4.10 -32.79 -35.23
N HIS B 406 -4.99 -32.89 -36.20
CA HIS B 406 -5.11 -31.82 -37.20
C HIS B 406 -5.82 -30.61 -36.61
N ALA B 407 -5.24 -29.43 -36.83
CA ALA B 407 -5.78 -28.19 -36.32
C ALA B 407 -6.45 -27.41 -37.44
N ASP B 408 -7.64 -26.86 -37.14
CA ASP B 408 -8.36 -26.04 -38.11
C ASP B 408 -7.56 -24.79 -38.45
N MET B 409 -7.29 -23.95 -37.46
CA MET B 409 -6.53 -22.71 -37.62
C MET B 409 -5.20 -22.80 -36.89
N GLU B 410 -4.22 -22.07 -37.41
CA GLU B 410 -2.93 -21.88 -36.76
C GLU B 410 -2.85 -20.42 -36.33
N PHE B 411 -3.33 -20.13 -35.13
CA PHE B 411 -3.46 -18.76 -34.64
C PHE B 411 -2.31 -18.40 -33.71
N MET B 412 -1.86 -17.16 -33.80
CA MET B 412 -1.07 -16.52 -32.76
C MET B 412 -1.99 -15.56 -32.02
N ARG B 413 -2.11 -15.73 -30.71
CA ARG B 413 -2.95 -14.89 -29.87
CA ARG B 413 -2.95 -14.88 -29.89
C ARG B 413 -2.11 -13.80 -29.23
N LEU B 414 -2.45 -12.55 -29.51
CA LEU B 414 -1.87 -11.38 -28.87
C LEU B 414 -2.86 -10.98 -27.79
N THR B 415 -2.67 -11.49 -26.58
CA THR B 415 -3.61 -11.30 -25.48
C THR B 415 -3.24 -10.05 -24.70
N ILE B 416 -4.22 -9.18 -24.44
CA ILE B 416 -3.99 -7.83 -23.93
C ILE B 416 -4.51 -7.73 -22.50
N ALA B 417 -3.61 -7.49 -21.56
CA ALA B 417 -4.01 -7.25 -20.18
C ALA B 417 -4.77 -5.93 -20.09
N ARG B 418 -5.63 -5.82 -19.08
CA ARG B 418 -6.48 -4.64 -18.95
C ARG B 418 -5.75 -3.50 -18.24
N ARG B 419 -5.73 -2.32 -18.88
CA ARG B 419 -5.22 -1.08 -18.28
C ARG B 419 -3.72 -1.14 -18.00
N VAL B 420 -2.97 -1.90 -18.78
CA VAL B 420 -1.55 -2.10 -18.54
C VAL B 420 -0.70 -1.42 -19.61
N TYR B 421 -1.05 -1.59 -20.88
CA TYR B 421 -0.24 -1.11 -21.99
C TYR B 421 -0.95 0.04 -22.71
N THR B 422 -0.16 0.96 -23.23
CA THR B 422 -0.70 2.06 -24.02
C THR B 422 -0.81 1.65 -25.49
N ASN B 423 -1.48 2.49 -26.27
CA ASN B 423 -1.56 2.25 -27.69
C ASN B 423 -0.21 2.45 -28.36
N ASP B 424 0.74 3.08 -27.68
CA ASP B 424 2.12 3.08 -28.19
C ASP B 424 2.78 1.72 -28.01
N HIS B 425 2.45 1.00 -26.93
CA HIS B 425 2.86 -0.40 -26.85
C HIS B 425 2.22 -1.22 -27.97
N MET B 426 0.93 -0.98 -28.24
CA MET B 426 0.28 -1.63 -29.39
C MET B 426 1.05 -1.37 -30.67
N ASP B 427 1.41 -0.10 -30.93
CA ASP B 427 2.18 0.22 -32.13
C ASP B 427 3.50 -0.54 -32.17
N TYR B 428 4.16 -0.69 -31.01
CA TYR B 428 5.38 -1.50 -30.97
C TYR B 428 5.11 -2.93 -31.42
N ILE B 429 4.04 -3.53 -30.89
CA ILE B 429 3.68 -4.90 -31.25
C ILE B 429 3.40 -4.99 -32.74
N ALA B 430 2.51 -4.12 -33.23
CA ALA B 430 2.13 -4.16 -34.64
C ALA B 430 3.35 -3.99 -35.53
N ASP B 431 4.20 -3.00 -35.23
CA ASP B 431 5.33 -2.70 -36.09
C ASP B 431 6.36 -3.82 -36.10
N ALA B 432 6.54 -4.50 -34.98
CA ALA B 432 7.45 -5.63 -34.96
C ALA B 432 6.92 -6.78 -35.82
N LEU B 433 5.61 -7.02 -35.75
CA LEU B 433 5.03 -8.09 -36.56
C LEU B 433 5.01 -7.71 -38.04
N ILE B 434 4.72 -6.46 -38.35
CA ILE B 434 4.71 -6.00 -39.74
C ILE B 434 6.11 -6.08 -40.34
N GLY B 435 7.14 -5.83 -39.54
CA GLY B 435 8.51 -5.89 -40.02
C GLY B 435 9.01 -7.29 -40.27
N LEU B 436 8.26 -8.31 -39.85
CA LEU B 436 8.61 -9.68 -40.16
C LEU B 436 8.10 -10.12 -41.52
N LYS B 437 7.40 -9.26 -42.25
CA LYS B 437 6.89 -9.67 -43.55
C LYS B 437 8.03 -10.01 -44.50
N GLU B 438 9.15 -9.30 -44.38
CA GLU B 438 10.34 -9.59 -45.18
C GLU B 438 11.08 -10.85 -44.75
N LYS B 439 10.75 -11.40 -43.58
CA LYS B 439 11.43 -12.57 -43.05
C LYS B 439 10.55 -13.80 -42.92
N PHE B 440 9.24 -13.69 -43.17
CA PHE B 440 8.35 -14.83 -42.99
C PHE B 440 8.76 -16.01 -43.86
N ALA B 441 9.09 -15.75 -45.14
CA ALA B 441 9.44 -16.82 -46.05
C ALA B 441 10.67 -17.60 -45.59
N THR B 442 11.59 -16.93 -44.89
CA THR B 442 12.82 -17.56 -44.45
C THR B 442 12.63 -18.48 -43.25
N LEU B 443 11.58 -18.27 -42.44
CA LEU B 443 11.39 -19.03 -41.23
C LEU B 443 11.24 -20.52 -41.52
N LYS B 444 11.59 -21.33 -40.53
CA LYS B 444 11.50 -22.78 -40.61
C LYS B 444 10.63 -23.30 -39.47
N GLY B 445 10.30 -24.58 -39.55
CA GLY B 445 9.45 -25.21 -38.57
C GLY B 445 10.21 -25.56 -37.30
N LEU B 446 9.51 -26.28 -36.42
CA LEU B 446 10.02 -26.64 -35.11
C LEU B 446 9.78 -28.11 -34.85
N GLU B 447 10.79 -28.80 -34.33
CA GLU B 447 10.69 -30.19 -33.92
C GLU B 447 10.95 -30.28 -32.43
N PHE B 448 10.67 -31.46 -31.87
CA PHE B 448 10.77 -31.69 -30.43
C PHE B 448 12.18 -32.11 -30.06
N GLU B 449 12.81 -31.33 -29.17
CA GLU B 449 13.94 -31.83 -28.39
C GLU B 449 13.44 -32.64 -27.20
N TYR B 450 12.39 -32.16 -26.54
CA TYR B 450 11.70 -32.86 -25.47
C TYR B 450 10.20 -32.66 -25.65
N GLU B 451 9.44 -33.73 -25.50
CA GLU B 451 7.98 -33.65 -25.58
C GLU B 451 7.35 -34.42 -24.42
N PRO B 452 6.69 -33.75 -23.48
CA PRO B 452 6.02 -34.46 -22.41
C PRO B 452 4.74 -35.10 -22.92
N PRO B 453 4.36 -36.26 -22.37
CA PRO B 453 3.21 -36.98 -22.94
C PRO B 453 1.90 -36.21 -22.87
N VAL B 454 1.77 -35.24 -21.97
CA VAL B 454 0.57 -34.43 -21.86
C VAL B 454 0.98 -32.97 -21.62
N LEU B 455 0.03 -32.07 -21.89
CA LEU B 455 0.20 -30.63 -21.62
C LEU B 455 1.48 -30.10 -22.25
N ARG B 456 1.82 -30.60 -23.44
CA ARG B 456 3.15 -30.38 -23.98
C ARG B 456 3.43 -28.90 -24.24
N HIS B 457 2.39 -28.10 -24.51
CA HIS B 457 2.61 -26.69 -24.83
C HIS B 457 3.18 -25.91 -23.64
N PHE B 458 3.02 -26.43 -22.43
CA PHE B 458 3.51 -25.71 -21.26
C PHE B 458 5.00 -25.94 -21.02
N THR B 459 5.51 -27.14 -21.32
CA THR B 459 6.90 -27.44 -20.97
C THR B 459 7.70 -28.15 -22.04
N ALA B 460 7.16 -28.38 -23.24
CA ALA B 460 7.96 -29.02 -24.27
C ALA B 460 9.14 -28.14 -24.64
N ARG B 461 10.26 -28.78 -24.98
CA ARG B 461 11.45 -28.09 -25.45
C ARG B 461 11.58 -28.36 -26.94
N LEU B 462 11.21 -27.37 -27.74
CA LEU B 462 11.26 -27.47 -29.19
C LEU B 462 12.67 -27.14 -29.67
N LYS B 463 12.86 -27.21 -31.00
CA LYS B 463 14.15 -27.06 -31.65
C LYS B 463 13.90 -26.62 -33.09
N PRO B 464 14.65 -25.64 -33.59
CA PRO B 464 14.52 -25.25 -35.00
C PRO B 464 14.99 -26.36 -35.93
N ILE B 465 14.27 -26.54 -37.02
CA ILE B 465 14.59 -27.56 -38.01
C ILE B 465 15.66 -27.01 -38.96
N GLU B 466 16.57 -27.89 -39.37
CA GLU B 466 17.69 -27.54 -40.25
C GLU B 466 18.59 -26.52 -39.57
N ALA C 1 -0.58 -0.73 39.24
CA ALA C 1 -0.54 -0.35 37.83
C ALA C 1 -1.49 -1.25 37.06
N LYS C 2 -2.30 -0.65 36.19
CA LYS C 2 -3.36 -1.36 35.49
C LYS C 2 -3.08 -1.32 34.00
N ARG C 3 -2.97 -2.50 33.38
CA ARG C 3 -2.81 -2.57 31.95
CA ARG C 3 -2.81 -2.60 31.95
C ARG C 3 -4.19 -2.50 31.29
N ILE C 4 -4.30 -1.68 30.26
CA ILE C 4 -5.55 -1.52 29.53
C ILE C 4 -5.38 -2.11 28.14
N VAL C 5 -6.28 -3.02 27.77
CA VAL C 5 -6.11 -3.78 26.53
C VAL C 5 -6.36 -2.89 25.32
N GLU C 6 -5.71 -3.23 24.21
CA GLU C 6 -5.84 -2.45 22.99
C GLU C 6 -7.24 -2.58 22.40
N PRO C 7 -7.87 -1.48 22.01
CA PRO C 7 -9.14 -1.55 21.26
C PRO C 7 -8.90 -1.69 19.77
N PHE C 8 -7.89 -2.47 19.42
CA PHE C 8 -7.52 -2.73 18.04
C PHE C 8 -6.62 -3.95 18.08
N ARG C 9 -6.34 -4.49 16.90
CA ARG C 9 -5.35 -5.53 16.80
C ARG C 9 -4.34 -5.11 15.75
N ILE C 10 -3.26 -5.86 15.67
CA ILE C 10 -2.13 -5.49 14.84
C ILE C 10 -2.37 -6.00 13.42
N LYS C 11 -2.23 -5.12 12.45
CA LYS C 11 -2.32 -5.50 11.04
C LYS C 11 -0.99 -5.44 10.33
N MET C 12 -0.03 -4.63 10.78
CA MET C 12 1.29 -4.64 10.19
C MET C 12 2.34 -4.37 11.26
N VAL C 13 3.46 -5.11 11.21
CA VAL C 13 4.53 -4.92 12.17
C VAL C 13 5.75 -4.34 11.46
N GLU C 14 6.63 -3.78 12.30
CA GLU C 14 7.93 -3.23 11.90
C GLU C 14 8.96 -3.82 12.84
N LYS C 15 9.93 -4.55 12.32
CA LYS C 15 10.96 -5.17 13.16
C LYS C 15 11.79 -4.12 13.89
N ILE C 16 12.02 -4.35 15.18
CA ILE C 16 13.01 -3.61 15.95
C ILE C 16 13.84 -4.62 16.72
N ARG C 17 15.01 -4.18 17.16
CA ARG C 17 15.95 -5.08 17.81
C ARG C 17 16.76 -4.34 18.85
N VAL C 18 17.19 -5.06 19.88
CA VAL C 18 18.08 -4.54 20.91
C VAL C 18 19.51 -4.76 20.41
N PRO C 19 20.24 -3.72 20.06
CA PRO C 19 21.65 -3.92 19.73
C PRO C 19 22.36 -4.50 20.95
N SER C 20 23.41 -5.27 20.69
CA SER C 20 24.22 -5.83 21.76
C SER C 20 24.74 -4.70 22.66
N ARG C 21 25.15 -5.07 23.88
CA ARG C 21 25.73 -4.06 24.76
C ARG C 21 26.97 -3.45 24.13
N GLU C 22 27.81 -4.29 23.50
CA GLU C 22 28.97 -3.78 22.76
CA GLU C 22 28.96 -3.77 22.76
C GLU C 22 28.53 -2.76 21.72
N GLU C 23 27.47 -3.07 20.97
CA GLU C 23 26.99 -2.16 19.93
C GLU C 23 26.42 -0.87 20.51
N ARG C 24 25.71 -0.94 21.64
CA ARG C 24 25.15 0.26 22.23
C ARG C 24 26.25 1.17 22.75
N GLU C 25 27.31 0.58 23.33
CA GLU C 25 28.45 1.37 23.79
C GLU C 25 29.13 2.05 22.62
N ALA C 26 29.40 1.30 21.55
CA ALA C 26 30.07 1.88 20.38
C ALA C 26 29.21 2.95 19.73
N ALA C 27 27.90 2.72 19.64
CA ALA C 27 27.03 3.71 19.02
C ALA C 27 26.93 4.99 19.84
N LEU C 28 26.78 4.86 21.17
CA LEU C 28 26.70 6.06 22.00
C LEU C 28 28.00 6.86 21.93
N LYS C 29 29.14 6.16 21.88
CA LYS C 29 30.41 6.82 21.66
C LYS C 29 30.40 7.59 20.34
N GLU C 30 29.99 6.93 19.25
CA GLU C 30 29.96 7.61 17.97
C GLU C 30 29.02 8.81 17.97
N ALA C 31 27.92 8.72 18.74
CA ALA C 31 26.99 9.83 18.84
C ALA C 31 27.42 10.86 19.87
N GLY C 32 28.67 10.81 20.33
CA GLY C 32 29.14 11.79 21.29
C GLY C 32 28.29 11.86 22.55
N TYR C 33 27.83 10.71 23.04
CA TYR C 33 27.02 10.64 24.26
C TYR C 33 25.82 11.58 24.19
N ASN C 34 25.32 11.81 22.98
CA ASN C 34 24.09 12.56 22.74
C ASN C 34 23.15 11.64 21.98
N PRO C 35 22.14 11.07 22.65
CA PRO C 35 21.22 10.17 21.92
C PRO C 35 20.53 10.82 20.74
N PHE C 36 20.40 12.16 20.72
CA PHE C 36 19.81 12.80 19.55
C PHE C 36 20.62 12.56 18.29
N LEU C 37 21.87 12.12 18.42
CA LEU C 37 22.76 11.85 17.30
C LEU C 37 22.84 10.36 16.97
N LEU C 38 22.17 9.51 17.72
CA LEU C 38 22.15 8.11 17.37
C LEU C 38 21.35 7.89 16.10
N PRO C 39 21.81 7.03 15.20
CA PRO C 39 20.91 6.54 14.14
C PRO C 39 19.83 5.64 14.75
N SER C 40 18.67 5.62 14.08
CA SER C 40 17.56 4.80 14.59
C SER C 40 17.92 3.32 14.64
N SER C 41 18.85 2.89 13.79
CA SER C 41 19.30 1.50 13.78
C SER C 41 19.98 1.12 15.09
N ALA C 42 20.42 2.10 15.88
CA ALA C 42 21.01 1.84 17.18
C ALA C 42 19.98 1.85 18.30
N VAL C 43 18.69 1.99 17.99
CA VAL C 43 17.66 2.22 19.00
C VAL C 43 16.66 1.08 18.94
N TYR C 44 16.33 0.54 20.10
CA TYR C 44 15.27 -0.46 20.21
C TYR C 44 13.91 0.25 20.34
N ILE C 45 13.56 0.70 21.53
CA ILE C 45 12.32 1.44 21.75
C ILE C 45 12.66 2.92 21.73
N ASP C 46 12.04 3.69 20.83
CA ASP C 46 12.39 5.09 20.68
C ASP C 46 11.36 5.95 21.40
N LEU C 47 11.80 6.69 22.42
CA LEU C 47 10.95 7.53 23.25
C LEU C 47 11.33 9.01 23.13
N LEU C 48 11.97 9.38 22.02
CA LEU C 48 12.38 10.75 21.80
C LEU C 48 11.17 11.70 21.71
N THR C 49 10.11 11.25 21.05
CA THR C 49 8.99 12.12 20.76
C THR C 49 7.76 11.28 20.52
N ASP C 50 6.58 11.90 20.66
CA ASP C 50 5.33 11.34 20.16
C ASP C 50 4.90 12.03 18.88
N SER C 51 5.83 12.69 18.21
CA SER C 51 5.51 13.50 17.05
C SER C 51 5.86 12.74 15.78
N GLY C 52 4.84 12.35 15.02
CA GLY C 52 5.07 11.81 13.68
C GLY C 52 5.51 10.37 13.64
N THR C 53 5.55 9.69 14.79
CA THR C 53 5.97 8.30 14.89
C THR C 53 4.81 7.36 15.14
N ASN C 54 3.59 7.86 15.04
CA ASN C 54 2.39 7.09 15.35
C ASN C 54 2.17 6.00 14.31
N ALA C 55 1.47 4.95 14.71
CA ALA C 55 1.01 3.94 13.77
C ALA C 55 -0.36 4.35 13.25
N MET C 56 -0.52 4.33 11.94
CA MET C 56 -1.81 4.60 11.32
C MET C 56 -2.64 3.32 11.24
N SER C 57 -3.92 3.51 10.96
CA SER C 57 -4.82 2.38 10.78
C SER C 57 -4.84 1.94 9.32
N ASP C 58 -5.45 0.78 9.07
CA ASP C 58 -5.70 0.37 7.69
C ASP C 58 -6.58 1.40 6.97
N HIS C 59 -7.55 2.01 7.66
CA HIS C 59 -8.36 3.02 6.97
C HIS C 59 -7.55 4.24 6.58
N GLN C 60 -6.56 4.62 7.39
CA GLN C 60 -5.70 5.74 7.03
C GLN C 60 -4.82 5.42 5.83
N TRP C 61 -4.23 4.22 5.80
CA TRP C 61 -3.44 3.85 4.63
C TRP C 61 -4.32 3.77 3.38
N ALA C 62 -5.54 3.24 3.51
CA ALA C 62 -6.41 3.19 2.35
C ALA C 62 -6.73 4.58 1.84
N ALA C 63 -6.97 5.52 2.76
CA ALA C 63 -7.21 6.90 2.37
C ALA C 63 -6.01 7.50 1.65
N MET C 64 -4.80 7.15 2.08
CA MET C 64 -3.62 7.65 1.38
C MET C 64 -3.59 7.15 -0.05
N ILE C 65 -3.92 5.88 -0.25
CA ILE C 65 -3.81 5.25 -1.56
C ILE C 65 -4.75 5.90 -2.56
N THR C 66 -5.95 6.33 -2.12
CA THR C 66 -6.87 7.00 -3.01
C THR C 66 -6.77 8.52 -2.90
N GLY C 67 -5.76 9.03 -2.21
CA GLY C 67 -5.62 10.48 -2.06
C GLY C 67 -5.47 11.16 -3.41
N ASP C 68 -6.01 12.38 -3.48
CA ASP C 68 -6.08 13.17 -4.70
C ASP C 68 -4.94 14.18 -4.67
N GLU C 69 -3.98 14.02 -5.57
CA GLU C 69 -2.76 14.82 -5.58
C GLU C 69 -2.88 16.09 -6.40
N ALA C 70 -4.09 16.47 -6.81
CA ALA C 70 -4.32 17.68 -7.60
C ALA C 70 -3.73 18.90 -6.91
N TYR C 71 -3.11 19.76 -7.71
CA TYR C 71 -2.50 20.97 -7.17
C TYR C 71 -3.53 21.89 -6.56
N ALA C 72 -4.68 22.06 -7.22
CA ALA C 72 -5.75 22.93 -6.77
C ALA C 72 -7.05 22.15 -6.74
N GLY C 73 -7.77 22.26 -5.63
CA GLY C 73 -9.09 21.65 -5.56
C GLY C 73 -9.07 20.17 -5.27
N SER C 74 -8.07 19.69 -4.54
CA SER C 74 -8.04 18.28 -4.16
C SER C 74 -9.30 17.87 -3.41
N ARG C 75 -9.83 16.70 -3.77
CA ARG C 75 -10.95 16.11 -3.05
CA ARG C 75 -10.97 16.15 -3.04
C ARG C 75 -10.73 16.14 -1.55
N ASN C 76 -9.51 15.81 -1.13
CA ASN C 76 -9.22 15.67 0.29
C ASN C 76 -9.14 17.02 0.98
N TYR C 77 -8.87 18.09 0.24
CA TYR C 77 -8.98 19.42 0.83
C TYR C 77 -10.40 19.70 1.29
N TYR C 78 -11.39 19.38 0.46
CA TYR C 78 -12.77 19.67 0.82
C TYR C 78 -13.26 18.78 1.96
N ASP C 79 -12.82 17.51 1.97
CA ASP C 79 -13.08 16.63 3.10
C ASP C 79 -12.48 17.20 4.38
N LEU C 80 -11.27 17.75 4.27
CA LEU C 80 -10.62 18.30 5.46
C LEU C 80 -11.34 19.54 5.95
N LYS C 81 -11.74 20.42 5.02
CA LYS C 81 -12.55 21.57 5.40
C LYS C 81 -13.84 21.14 6.09
N ASP C 82 -14.49 20.10 5.56
CA ASP C 82 -15.72 19.59 6.16
C ASP C 82 -15.45 19.03 7.54
N LYS C 83 -14.33 18.30 7.69
CA LYS C 83 -14.02 17.68 8.97
C LYS C 83 -13.76 18.74 10.04
N ALA C 84 -13.07 19.82 9.68
CA ALA C 84 -12.84 20.89 10.64
C ALA C 84 -14.14 21.57 11.04
N LYS C 85 -15.05 21.75 10.08
CA LYS C 85 -16.37 22.30 10.42
C LYS C 85 -17.12 21.37 11.37
N GLU C 86 -17.08 20.08 11.11
CA GLU C 86 -17.74 19.10 11.98
C GLU C 86 -17.14 19.12 13.39
N LEU C 87 -15.81 19.02 13.50
CA LEU C 87 -15.19 18.86 14.80
C LEU C 87 -15.16 20.16 15.60
N PHE C 88 -14.78 21.27 14.95
CA PHE C 88 -14.51 22.52 15.65
C PHE C 88 -15.55 23.60 15.40
N ASN C 89 -16.41 23.43 14.41
CA ASN C 89 -17.36 24.44 13.97
C ASN C 89 -16.64 25.65 13.37
N TYR C 90 -15.42 25.46 12.85
CA TYR C 90 -14.67 26.53 12.21
C TYR C 90 -14.87 26.47 10.70
N ASP C 91 -14.96 27.65 10.08
CA ASP C 91 -15.40 27.75 8.70
C ASP C 91 -14.27 27.77 7.68
N TYR C 92 -13.02 27.94 8.10
CA TYR C 92 -11.92 28.14 7.18
C TYR C 92 -10.75 27.26 7.60
N ILE C 93 -10.06 26.67 6.62
CA ILE C 93 -8.87 25.88 6.90
C ILE C 93 -7.75 26.26 5.94
N ILE C 94 -6.52 26.10 6.42
CA ILE C 94 -5.33 26.13 5.59
C ILE C 94 -4.48 24.94 6.04
N PRO C 95 -4.32 23.91 5.22
CA PRO C 95 -3.42 22.83 5.60
C PRO C 95 -2.00 23.35 5.62
N ALA C 96 -1.18 22.71 6.47
CA ALA C 96 0.22 23.06 6.64
C ALA C 96 1.02 21.76 6.66
N HIS C 97 2.32 21.85 6.36
CA HIS C 97 3.09 20.61 6.31
C HIS C 97 3.31 20.04 7.70
N GLN C 98 3.35 20.89 8.73
CA GLN C 98 3.24 20.44 10.12
C GLN C 98 2.95 21.65 11.02
N GLY C 99 2.99 21.41 12.33
CA GLY C 99 2.51 22.42 13.27
C GLY C 99 3.26 23.72 13.19
N ARG C 100 4.59 23.66 13.06
CA ARG C 100 5.34 24.91 12.99
C ARG C 100 5.11 25.62 11.66
N GLY C 101 4.81 24.87 10.59
CA GLY C 101 4.28 25.49 9.38
C GLY C 101 2.99 26.25 9.64
N ALA C 102 2.07 25.64 10.42
CA ALA C 102 0.83 26.34 10.74
C ALA C 102 1.10 27.60 11.55
N GLU C 103 2.05 27.53 12.48
CA GLU C 103 2.41 28.72 13.25
C GLU C 103 3.02 29.79 12.35
N ASN C 104 3.87 29.38 11.40
CA ASN C 104 4.49 30.34 10.50
C ASN C 104 3.45 31.03 9.63
N ILE C 105 2.34 30.35 9.32
CA ILE C 105 1.29 30.96 8.52
C ILE C 105 0.52 31.98 9.35
N LEU C 106 0.11 31.58 10.56
CA LEU C 106 -0.90 32.36 11.27
C LEU C 106 -0.30 33.48 12.12
N PHE C 107 0.78 33.21 12.84
CA PHE C 107 1.29 34.20 13.79
C PHE C 107 1.74 35.50 13.14
N PRO C 108 2.52 35.49 12.06
CA PRO C 108 2.88 36.79 11.44
C PRO C 108 1.66 37.55 10.94
N VAL C 109 0.63 36.83 10.51
CA VAL C 109 -0.60 37.49 10.06
C VAL C 109 -1.31 38.15 11.22
N LEU C 110 -1.39 37.46 12.35
CA LEU C 110 -2.01 38.05 13.55
C LEU C 110 -1.27 39.31 13.99
N LEU C 111 0.06 39.29 13.91
CA LEU C 111 0.82 40.47 14.30
C LEU C 111 0.55 41.64 13.37
N LYS C 112 0.57 41.39 12.06
CA LYS C 112 0.30 42.46 11.11
C LYS C 112 -1.14 42.95 11.24
N TYR C 113 -2.06 42.03 11.53
CA TYR C 113 -3.46 42.41 11.74
C TYR C 113 -3.61 43.35 12.93
N LYS C 114 -2.92 43.05 14.04
CA LYS C 114 -2.99 43.93 15.20
C LYS C 114 -2.22 45.24 14.97
N GLN C 115 -1.13 45.19 14.21
CA GLN C 115 -0.38 46.43 13.92
C GLN C 115 -1.16 47.35 13.01
N LYS C 116 -1.76 46.80 11.94
CA LYS C 116 -2.55 47.62 11.03
C LYS C 116 -3.71 48.30 11.75
N GLU C 117 -4.21 47.69 12.82
CA GLU C 117 -5.19 48.32 13.69
C GLU C 117 -4.61 49.44 14.53
N GLY C 118 -3.46 49.99 14.15
CA GLY C 118 -2.81 51.05 14.91
C GLY C 118 -2.25 50.62 16.25
N LYS C 119 -2.04 49.33 16.47
CA LYS C 119 -1.68 48.82 17.79
C LYS C 119 -0.40 47.99 17.67
N ALA C 120 -0.15 47.16 18.68
CA ALA C 120 0.94 46.17 18.66
C ALA C 120 2.32 46.85 18.55
N LYS C 121 2.49 47.95 19.28
CA LYS C 121 3.77 48.67 19.25
C LYS C 121 4.85 47.95 20.06
N ASN C 122 4.47 47.29 21.15
CA ASN C 122 5.38 46.42 21.91
CA ASN C 122 5.38 46.43 21.92
C ASN C 122 4.70 45.07 22.06
N PRO C 123 4.69 44.28 20.99
CA PRO C 123 3.80 43.12 20.92
C PRO C 123 4.27 41.94 21.74
N VAL C 124 3.29 41.20 22.28
CA VAL C 124 3.53 39.98 23.04
C VAL C 124 2.44 38.97 22.73
N PHE C 125 2.77 37.71 22.97
CA PHE C 125 1.78 36.62 23.01
C PHE C 125 1.74 36.09 24.43
N ILE C 126 0.55 35.73 24.89
CA ILE C 126 0.36 35.16 26.22
C ILE C 126 -0.14 33.73 26.06
N SER C 127 0.50 32.79 26.77
CA SER C 127 0.06 31.40 26.71
C SER C 127 0.11 30.79 28.10
N ASN C 128 -0.68 29.73 28.30
CA ASN C 128 -0.46 28.90 29.49
C ASN C 128 0.95 28.34 29.46
N PHE C 129 1.38 27.85 28.30
CA PHE C 129 2.82 27.68 28.03
C PHE C 129 3.00 27.51 26.53
N HIS C 130 3.78 28.41 25.93
CA HIS C 130 4.16 28.28 24.53
C HIS C 130 5.08 27.08 24.36
N PHE C 131 4.75 26.21 23.40
CA PHE C 131 5.70 25.17 23.00
C PHE C 131 6.94 25.80 22.35
N ASP C 132 8.02 25.03 22.27
CA ASP C 132 9.31 25.54 21.79
C ASP C 132 9.20 26.22 20.42
N THR C 133 8.64 25.51 19.42
CA THR C 133 8.50 26.12 18.10
C THR C 133 7.56 27.31 18.12
N THR C 134 6.50 27.23 18.93
CA THR C 134 5.55 28.33 19.07
C THR C 134 6.26 29.58 19.58
N ALA C 135 7.01 29.45 20.67
CA ALA C 135 7.75 30.58 21.21
C ALA C 135 8.82 31.08 20.26
N ALA C 136 9.41 30.17 19.48
CA ALA C 136 10.38 30.57 18.48
C ALA C 136 9.75 31.47 17.43
N HIS C 137 8.58 31.07 16.90
CA HIS C 137 7.90 31.92 15.92
C HIS C 137 7.47 33.24 16.54
N VAL C 138 6.98 33.22 17.77
CA VAL C 138 6.63 34.46 18.46
C VAL C 138 7.82 35.40 18.51
N GLU C 139 8.99 34.88 18.88
CA GLU C 139 10.19 35.71 18.99
C GLU C 139 10.80 36.04 17.63
N LEU C 140 10.65 35.16 16.64
CA LEU C 140 11.14 35.46 15.30
C LEU C 140 10.43 36.66 14.71
N ASN C 141 9.17 36.87 15.08
CA ASN C 141 8.40 38.03 14.67
C ASN C 141 8.50 39.19 15.66
N GLY C 142 9.62 39.31 16.37
CA GLY C 142 9.91 40.45 17.23
C GLY C 142 9.02 40.61 18.44
N CYS C 143 8.26 39.59 18.81
CA CYS C 143 7.36 39.62 19.94
C CYS C 143 7.92 38.81 21.11
N LYS C 144 7.39 39.08 22.30
CA LYS C 144 7.77 38.38 23.52
CA LYS C 144 7.78 38.36 23.49
C LYS C 144 6.74 37.29 23.81
N ALA C 145 7.22 36.08 24.13
CA ALA C 145 6.36 34.97 24.51
C ALA C 145 6.25 34.93 26.04
N ILE C 146 5.03 35.10 26.55
CA ILE C 146 4.79 35.16 27.99
C ILE C 146 4.04 33.90 28.41
N ASN C 147 4.59 33.16 29.36
CA ASN C 147 4.03 31.89 29.84
C ASN C 147 3.51 32.08 31.25
N ILE C 148 2.25 31.72 31.47
CA ILE C 148 1.60 31.93 32.76
C ILE C 148 0.82 30.69 33.19
N VAL C 149 1.49 29.54 33.22
CA VAL C 149 0.83 28.32 33.65
C VAL C 149 0.49 28.41 35.14
N THR C 150 -0.53 27.65 35.55
CA THR C 150 -0.93 27.57 36.95
C THR C 150 0.25 27.16 37.82
N GLU C 151 0.32 27.73 39.02
CA GLU C 151 1.36 27.31 39.95
C GLU C 151 1.21 25.86 40.38
N LYS C 152 0.04 25.25 40.16
CA LYS C 152 -0.13 23.83 40.43
C LYS C 152 0.83 22.97 39.61
N ALA C 153 1.32 23.48 38.48
CA ALA C 153 2.20 22.70 37.62
C ALA C 153 3.57 22.46 38.25
N PHE C 154 4.00 23.34 39.17
CA PHE C 154 5.35 23.28 39.73
C PHE C 154 5.46 22.39 40.96
N ASP C 155 4.34 21.95 41.53
CA ASP C 155 4.35 20.92 42.56
C ASP C 155 4.32 19.57 41.84
N SER C 156 5.51 19.08 41.49
CA SER C 156 5.62 18.06 40.45
C SER C 156 4.94 16.76 40.85
N GLU C 157 5.23 16.26 42.05
CA GLU C 157 4.72 14.97 42.51
C GLU C 157 3.33 15.02 43.13
N THR C 158 2.75 16.21 43.29
CA THR C 158 1.44 16.35 43.93
C THR C 158 0.34 16.43 42.88
N TYR C 159 -0.66 15.57 43.04
CA TYR C 159 -1.74 15.48 42.06
C TYR C 159 -2.50 16.81 41.97
N ASP C 160 -2.96 17.12 40.75
CA ASP C 160 -3.96 18.15 40.53
C ASP C 160 -4.66 17.84 39.21
N ASP C 161 -5.96 18.15 39.13
CA ASP C 161 -6.76 17.78 37.96
C ASP C 161 -6.33 18.52 36.70
N TRP C 162 -5.81 19.74 36.82
CA TRP C 162 -5.68 20.64 35.68
C TRP C 162 -4.34 21.39 35.71
N LYS C 163 -3.25 20.64 35.65
CA LYS C 163 -1.94 21.28 35.74
C LYS C 163 -1.59 22.09 34.50
N GLY C 164 -2.38 22.00 33.44
CA GLY C 164 -2.14 22.87 32.31
C GLY C 164 -2.84 24.22 32.33
N ASP C 165 -3.68 24.50 33.34
CA ASP C 165 -4.50 25.71 33.37
C ASP C 165 -3.66 26.97 33.25
N PHE C 166 -4.24 28.01 32.62
CA PHE C 166 -3.76 29.38 32.81
C PHE C 166 -3.91 29.80 34.26
N ASP C 167 -2.96 30.59 34.74
CA ASP C 167 -3.11 31.38 35.98
C ASP C 167 -3.95 32.61 35.63
N ILE C 168 -5.22 32.60 36.03
CA ILE C 168 -6.15 33.67 35.62
C ILE C 168 -5.69 35.02 36.17
N LYS C 169 -5.23 35.06 37.42
CA LYS C 169 -4.76 36.33 37.99
C LYS C 169 -3.59 36.88 37.18
N LYS C 170 -2.65 36.01 36.80
CA LYS C 170 -1.53 36.46 35.98
C LYS C 170 -2.00 36.90 34.60
N LEU C 171 -3.02 36.24 34.04
CA LEU C 171 -3.54 36.69 32.74
C LEU C 171 -4.06 38.12 32.84
N LYS C 172 -4.90 38.40 33.85
CA LYS C 172 -5.44 39.74 34.00
C LYS C 172 -4.33 40.74 34.27
N GLU C 173 -3.33 40.32 35.04
CA GLU C 173 -2.21 41.20 35.38
C GLU C 173 -1.40 41.53 34.13
N ASN C 174 -1.08 40.53 33.32
CA ASN C 174 -0.28 40.76 32.13
C ASN C 174 -1.03 41.58 31.09
N ILE C 175 -2.34 41.40 30.98
CA ILE C 175 -3.11 42.19 30.03
C ILE C 175 -3.04 43.67 30.40
N ALA C 176 -3.14 43.97 31.69
CA ALA C 176 -3.04 45.36 32.13
C ALA C 176 -1.61 45.88 31.96
N GLN C 177 -0.63 45.08 32.36
CA GLN C 177 0.77 45.51 32.33
C GLN C 177 1.20 45.85 30.91
N HIS C 178 0.91 44.96 29.96
CA HIS C 178 1.33 45.19 28.58
C HIS C 178 0.30 45.96 27.78
N GLY C 179 -0.96 45.89 28.17
CA GLY C 179 -2.00 46.55 27.39
C GLY C 179 -2.58 45.58 26.39
N ALA C 180 -3.91 45.50 26.35
CA ALA C 180 -4.58 44.66 25.37
C ALA C 180 -4.15 45.02 23.95
N ASP C 181 -3.90 46.31 23.69
CA ASP C 181 -3.48 46.66 22.34
C ASP C 181 -2.12 46.08 21.97
N ASN C 182 -1.35 45.58 22.94
CA ASN C 182 -0.08 44.92 22.67
C ASN C 182 -0.16 43.40 22.66
N ILE C 183 -1.27 42.81 23.09
CA ILE C 183 -1.42 41.35 23.13
C ILE C 183 -1.84 40.93 21.73
N VAL C 184 -0.90 40.42 20.93
CA VAL C 184 -1.24 39.99 19.58
C VAL C 184 -2.26 38.86 19.62
N ALA C 185 -2.05 37.89 20.52
CA ALA C 185 -2.98 36.78 20.67
C ALA C 185 -2.70 36.12 22.01
N ILE C 186 -3.72 35.44 22.52
CA ILE C 186 -3.56 34.49 23.60
C ILE C 186 -3.56 33.10 22.99
N VAL C 187 -2.63 32.25 23.41
CA VAL C 187 -2.47 30.91 22.84
C VAL C 187 -2.81 29.91 23.92
N SER C 188 -3.93 29.20 23.75
CA SER C 188 -4.36 28.15 24.68
C SER C 188 -3.82 26.82 24.18
N THR C 189 -2.81 26.28 24.87
CA THR C 189 -2.16 25.04 24.47
C THR C 189 -2.81 23.84 25.15
N VAL C 190 -3.39 22.92 24.36
CA VAL C 190 -4.14 21.79 24.89
C VAL C 190 -3.66 20.49 24.25
N THR C 191 -3.30 19.50 25.07
CA THR C 191 -2.89 19.69 26.46
C THR C 191 -1.71 20.65 26.52
N CYS C 192 -1.31 21.03 27.72
CA CYS C 192 -0.20 21.97 27.90
C CYS C 192 1.09 21.17 27.81
N ASN C 193 1.70 21.17 26.63
CA ASN C 193 2.82 20.28 26.37
C ASN C 193 3.97 20.55 27.32
N SER C 194 4.31 21.83 27.50
CA SER C 194 5.47 22.19 28.30
C SER C 194 5.23 22.05 29.80
N ALA C 195 3.99 21.92 30.24
CA ALA C 195 3.75 21.52 31.61
C ALA C 195 3.71 20.00 31.76
N GLY C 196 4.04 19.27 30.71
CA GLY C 196 4.07 17.82 30.76
C GLY C 196 2.89 17.12 30.10
N GLY C 197 2.19 17.75 29.18
CA GLY C 197 1.00 17.13 28.63
C GLY C 197 -0.16 17.15 29.59
N GLN C 198 -0.23 18.15 30.46
CA GLN C 198 -1.27 18.25 31.47
C GLN C 198 -2.48 19.02 30.93
N PRO C 199 -3.68 18.60 31.27
CA PRO C 199 -4.88 19.17 30.65
C PRO C 199 -5.21 20.56 31.18
N VAL C 200 -5.95 21.29 30.34
CA VAL C 200 -6.58 22.56 30.67
C VAL C 200 -8.08 22.31 30.82
N SER C 201 -8.67 22.79 31.91
CA SER C 201 -10.08 22.52 32.13
C SER C 201 -10.94 23.31 31.16
N MET C 202 -12.16 22.82 30.94
CA MET C 202 -13.14 23.58 30.18
C MET C 202 -13.39 24.95 30.81
N SER C 203 -13.53 25.00 32.13
CA SER C 203 -13.86 26.28 32.76
C SER C 203 -12.69 27.24 32.66
N ASN C 204 -11.47 26.73 32.65
CA ASN C 204 -10.31 27.60 32.44
C ASN C 204 -10.29 28.13 31.01
N LEU C 205 -10.49 27.24 30.02
CA LEU C 205 -10.55 27.67 28.62
C LEU C 205 -11.61 28.73 28.43
N LYS C 206 -12.79 28.48 29.00
CA LYS C 206 -13.90 29.41 28.88
C LYS C 206 -13.57 30.76 29.50
N GLU C 207 -13.01 30.74 30.71
CA GLU C 207 -12.75 32.02 31.39
C GLU C 207 -11.66 32.80 30.67
N VAL C 208 -10.63 32.11 30.18
CA VAL C 208 -9.60 32.77 29.39
C VAL C 208 -10.20 33.41 28.14
N TYR C 209 -11.06 32.67 27.44
CA TYR C 209 -11.71 33.23 26.27
C TYR C 209 -12.58 34.43 26.61
N GLU C 210 -13.37 34.34 27.68
CA GLU C 210 -14.22 35.48 28.03
C GLU C 210 -13.37 36.69 28.41
N ILE C 211 -12.26 36.48 29.10
CA ILE C 211 -11.37 37.60 29.41
C ILE C 211 -10.83 38.21 28.12
N ALA C 212 -10.36 37.36 27.22
CA ALA C 212 -9.84 37.85 25.95
C ALA C 212 -10.87 38.68 25.18
N LYS C 213 -12.10 38.19 25.11
CA LYS C 213 -13.14 38.93 24.38
C LYS C 213 -13.48 40.26 25.04
N GLN C 214 -13.41 40.35 26.37
N GLN C 214 -13.42 40.35 26.36
CA GLN C 214 -13.60 41.63 27.05
CA GLN C 214 -13.60 41.63 27.05
C GLN C 214 -12.59 42.68 26.60
C GLN C 214 -12.60 42.68 26.58
N HIS C 215 -11.45 42.25 26.06
CA HIS C 215 -10.36 43.14 25.67
C HIS C 215 -10.11 43.13 24.17
N GLY C 216 -10.92 42.42 23.37
CA GLY C 216 -10.69 42.37 21.95
C GLY C 216 -9.51 41.53 21.52
N ILE C 217 -9.07 40.59 22.35
CA ILE C 217 -7.84 39.84 22.09
C ILE C 217 -8.18 38.54 21.38
N PHE C 218 -7.46 38.28 20.30
CA PHE C 218 -7.64 37.07 19.51
C PHE C 218 -7.07 35.87 20.26
N VAL C 219 -7.78 34.74 20.22
CA VAL C 219 -7.37 33.53 20.92
C VAL C 219 -7.12 32.42 19.91
N VAL C 220 -5.94 31.81 19.98
CA VAL C 220 -5.56 30.65 19.18
C VAL C 220 -5.46 29.43 20.10
N MET C 221 -6.10 28.34 19.71
CA MET C 221 -5.93 27.07 20.40
C MET C 221 -4.80 26.31 19.71
N ASP C 222 -3.68 26.13 20.41
CA ASP C 222 -2.62 25.25 19.92
C ASP C 222 -3.08 23.84 20.21
N SER C 223 -3.33 23.05 19.16
CA SER C 223 -4.26 21.92 19.23
C SER C 223 -3.58 20.58 18.96
N ALA C 224 -2.25 20.50 19.08
CA ALA C 224 -1.56 19.23 18.79
C ALA C 224 -2.14 18.06 19.58
N ARG C 225 -2.51 18.29 20.85
CA ARG C 225 -3.00 17.19 21.67
C ARG C 225 -4.38 17.52 22.24
N PHE C 226 -5.26 17.98 21.35
CA PHE C 226 -6.59 18.42 21.76
C PHE C 226 -7.47 17.25 22.16
N CYS C 227 -7.26 16.07 21.57
CA CYS C 227 -8.09 14.91 21.93
C CYS C 227 -7.72 14.39 23.30
N GLU C 228 -6.43 14.35 23.62
CA GLU C 228 -6.00 13.98 24.95
C GLU C 228 -6.54 14.96 25.97
N ASN C 229 -6.59 16.24 25.63
CA ASN C 229 -7.18 17.20 26.55
C ASN C 229 -8.67 16.94 26.71
N ALA C 230 -9.36 16.65 25.61
CA ALA C 230 -10.80 16.34 25.69
C ALA C 230 -11.04 15.12 26.55
N TYR C 231 -10.16 14.11 26.43
CA TYR C 231 -10.30 12.93 27.28
C TYR C 231 -10.17 13.31 28.75
N PHE C 232 -9.19 14.13 29.09
CA PHE C 232 -9.03 14.49 30.49
C PHE C 232 -10.22 15.29 31.01
N ILE C 233 -10.80 16.16 30.16
CA ILE C 233 -11.99 16.89 30.58
C ILE C 233 -13.13 15.92 30.84
N LYS C 234 -13.34 14.96 29.94
CA LYS C 234 -14.37 13.95 30.18
C LYS C 234 -14.05 13.14 31.45
N ALA C 235 -12.78 12.83 31.68
CA ALA C 235 -12.41 11.97 32.81
C ALA C 235 -12.54 12.70 34.14
N ARG C 236 -12.27 14.00 34.17
CA ARG C 236 -12.10 14.73 35.42
C ARG C 236 -13.15 15.79 35.69
N ASP C 237 -13.90 16.23 34.70
CA ASP C 237 -14.88 17.27 34.93
C ASP C 237 -16.25 16.64 35.03
N PRO C 238 -16.90 16.65 36.20
CA PRO C 238 -18.20 15.96 36.31
C PRO C 238 -19.25 16.49 35.35
N LYS C 239 -19.13 17.76 34.91
CA LYS C 239 -20.08 18.26 33.91
C LYS C 239 -20.06 17.43 32.64
N TYR C 240 -18.91 16.86 32.28
CA TYR C 240 -18.73 16.21 30.98
C TYR C 240 -18.62 14.70 31.04
N LYS C 241 -18.89 14.08 32.19
CA LYS C 241 -18.64 12.64 32.26
C LYS C 241 -19.69 11.81 31.54
N ASN C 242 -20.73 12.44 30.98
CA ASN C 242 -21.66 11.76 30.07
C ASN C 242 -21.62 12.32 28.66
N ALA C 243 -20.70 13.23 28.37
CA ALA C 243 -20.55 13.76 27.03
C ALA C 243 -19.68 12.83 26.19
N THR C 244 -19.91 12.83 24.88
CA THR C 244 -18.97 12.18 23.99
C THR C 244 -17.70 13.02 23.87
N ILE C 245 -16.61 12.39 23.46
CA ILE C 245 -15.38 13.14 23.24
C ILE C 245 -15.62 14.24 22.21
N LYS C 246 -16.39 13.96 21.16
CA LYS C 246 -16.64 15.01 20.17
C LYS C 246 -17.46 16.14 20.76
N GLU C 247 -18.40 15.85 21.68
CA GLU C 247 -19.10 16.94 22.35
C GLU C 247 -18.14 17.79 23.18
N VAL C 248 -17.20 17.16 23.88
CA VAL C 248 -16.21 17.91 24.65
C VAL C 248 -15.37 18.79 23.72
N ILE C 249 -14.84 18.20 22.65
CA ILE C 249 -14.05 18.95 21.67
C ILE C 249 -14.85 20.12 21.12
N PHE C 250 -16.11 19.87 20.74
CA PHE C 250 -16.95 20.92 20.21
C PHE C 250 -17.07 22.09 21.20
N ASP C 251 -17.24 21.80 22.48
CA ASP C 251 -17.28 22.87 23.49
C ASP C 251 -15.93 23.58 23.63
N MET C 252 -14.83 22.84 23.64
CA MET C 252 -13.51 23.47 23.79
C MET C 252 -13.30 24.59 22.77
N TYR C 253 -13.69 24.33 21.52
CA TYR C 253 -13.40 25.27 20.44
C TYR C 253 -14.41 26.41 20.34
N LYS C 254 -15.39 26.45 21.25
CA LYS C 254 -16.12 27.68 21.46
C LYS C 254 -15.23 28.74 22.09
N TYR C 255 -14.09 28.34 22.65
CA TYR C 255 -13.26 29.22 23.47
C TYR C 255 -11.93 29.51 22.78
N ALA C 256 -11.98 29.64 21.45
CA ALA C 256 -10.89 30.12 20.64
C ALA C 256 -11.48 30.73 19.38
N ASP C 257 -10.68 31.55 18.70
CA ASP C 257 -11.03 32.12 17.40
C ASP C 257 -10.36 31.42 16.22
N ALA C 258 -9.35 30.62 16.48
CA ALA C 258 -8.62 29.91 15.45
C ALA C 258 -7.85 28.80 16.16
N LEU C 259 -7.26 27.93 15.38
CA LEU C 259 -6.42 26.88 15.93
C LEU C 259 -5.22 26.70 15.03
N THR C 260 -4.10 26.30 15.64
CA THR C 260 -2.96 25.75 14.94
C THR C 260 -2.75 24.34 15.48
N MET C 261 -2.42 23.41 14.59
CA MET C 261 -2.36 22.03 15.00
C MET C 261 -1.20 21.35 14.30
N SER C 262 -0.36 20.68 15.07
CA SER C 262 0.50 19.64 14.53
C SER C 262 -0.36 18.38 14.41
N ALA C 263 -0.63 17.96 13.19
CA ALA C 263 -1.39 16.74 13.00
C ALA C 263 -0.55 15.49 13.20
N LYS C 264 0.74 15.64 13.51
CA LYS C 264 1.67 14.56 13.83
C LYS C 264 1.46 14.02 15.24
N ASP C 266 -2.11 14.13 17.95
CA ASP C 266 -3.37 13.42 18.18
C ASP C 266 -4.14 12.90 16.95
N PRO C 267 -4.03 13.55 15.79
CA PRO C 267 -4.62 12.97 14.57
C PRO C 267 -3.83 11.81 13.97
N LEU C 268 -2.79 11.31 14.67
CA LEU C 268 -2.25 9.99 14.38
C LEU C 268 -1.57 9.93 13.01
N LEU C 269 -0.82 10.97 12.67
CA LEU C 269 -0.14 11.06 11.39
C LEU C 269 1.38 11.01 11.58
N ASN C 270 2.08 10.80 10.47
CA ASN C 270 3.54 10.91 10.42
C ASN C 270 4.00 12.26 9.87
N ILE C 271 3.07 13.05 9.33
CA ILE C 271 3.36 14.38 8.81
C ILE C 271 2.04 15.11 8.73
N GLY C 272 2.07 16.43 8.81
CA GLY C 272 0.89 17.22 8.54
C GLY C 272 0.58 18.24 9.64
N GLY C 273 -0.06 19.34 9.23
CA GLY C 273 -0.44 20.39 10.15
C GLY C 273 -1.71 21.06 9.64
N LEU C 274 -2.24 21.98 10.43
CA LEU C 274 -3.51 22.59 10.07
C LEU C 274 -3.66 23.94 10.76
N VAL C 275 -4.08 24.93 9.99
CA VAL C 275 -4.68 26.16 10.52
C VAL C 275 -6.17 26.06 10.27
N ALA C 276 -6.97 26.39 11.27
CA ALA C 276 -8.40 26.58 11.06
C ALA C 276 -8.81 27.89 11.71
N ILE C 277 -9.68 28.64 11.05
CA ILE C 277 -10.11 29.93 11.57
C ILE C 277 -11.62 29.86 11.73
N ARG C 278 -12.10 30.34 12.88
CA ARG C 278 -13.50 30.16 13.22
C ARG C 278 -14.41 30.92 12.27
N ASP C 279 -14.20 32.23 12.14
CA ASP C 279 -15.08 33.00 11.27
C ASP C 279 -14.47 34.30 10.77
N ASN C 280 -13.24 34.61 11.16
CA ASN C 280 -12.63 35.87 10.71
C ASN C 280 -12.08 35.71 9.30
N GLU C 281 -12.87 36.11 8.31
CA GLU C 281 -12.48 35.91 6.92
C GLU C 281 -11.29 36.76 6.53
N GLU C 282 -11.14 37.95 7.12
CA GLU C 282 -10.00 38.79 6.80
C GLU C 282 -8.69 38.11 7.19
N ILE C 283 -8.64 37.55 8.41
CA ILE C 283 -7.46 36.82 8.87
CA ILE C 283 -7.44 36.84 8.85
C ILE C 283 -7.20 35.61 7.98
N PHE C 284 -8.26 34.89 7.62
CA PHE C 284 -8.13 33.77 6.70
C PHE C 284 -7.47 34.18 5.40
N THR C 285 -7.92 35.29 4.82
CA THR C 285 -7.37 35.73 3.56
C THR C 285 -5.90 36.11 3.68
N LEU C 286 -5.55 36.83 4.74
CA LEU C 286 -4.15 37.20 4.96
C LEU C 286 -3.29 35.97 5.21
N ALA C 287 -3.80 35.01 5.95
CA ALA C 287 -3.03 33.79 6.20
C ALA C 287 -2.82 33.01 4.90
N ARG C 288 -3.77 33.09 3.97
CA ARG C 288 -3.60 32.41 2.68
C ARG C 288 -2.45 33.01 1.89
N GLN C 289 -2.32 34.33 1.92
CA GLN C 289 -1.25 35.00 1.17
C GLN C 289 0.12 34.68 1.74
N ARG C 290 0.21 34.37 3.03
CA ARG C 290 1.49 33.93 3.57
C ARG C 290 1.73 32.45 3.29
N CYS C 291 0.65 31.67 3.22
CA CYS C 291 0.76 30.24 2.93
C CYS C 291 1.47 29.99 1.60
N VAL C 292 1.11 30.76 0.56
CA VAL C 292 1.63 30.47 -0.78
C VAL C 292 3.15 30.45 -0.84
N PRO C 293 3.88 31.49 -0.40
CA PRO C 293 5.35 31.42 -0.50
C PRO C 293 6.00 30.50 0.52
N MET C 294 5.37 30.29 1.68
CA MET C 294 5.99 29.55 2.78
C MET C 294 5.74 28.04 2.74
N GLU C 295 4.55 27.62 2.30
CA GLU C 295 4.13 26.23 2.42
C GLU C 295 3.73 25.62 1.10
N GLY C 296 2.89 26.30 0.34
CA GLY C 296 2.38 25.78 -0.92
C GLY C 296 1.08 26.47 -1.28
N PHE C 297 0.45 26.00 -2.36
CA PHE C 297 -0.85 26.52 -2.71
C PHE C 297 -1.86 26.19 -1.61
N VAL C 298 -2.91 27.02 -1.52
CA VAL C 298 -3.74 27.04 -0.32
C VAL C 298 -4.63 25.81 -0.15
N THR C 299 -4.72 24.93 -1.16
CA THR C 299 -5.51 23.71 -1.04
C THR C 299 -4.66 22.46 -0.85
N TYR C 300 -3.38 22.61 -0.49
CA TYR C 300 -2.60 21.44 -0.05
C TYR C 300 -1.58 21.84 1.01
N GLY C 301 -1.12 23.09 0.99
CA GLY C 301 -0.32 23.64 2.09
C GLY C 301 0.94 22.89 2.41
N GLY C 302 1.66 22.45 1.38
CA GLY C 302 2.87 21.69 1.63
C GLY C 302 2.64 20.26 2.04
N LEU C 303 1.42 19.76 1.83
CA LEU C 303 1.05 18.36 2.06
C LEU C 303 0.67 17.68 0.76
N ALA C 304 1.10 16.43 0.61
CA ALA C 304 0.54 15.61 -0.46
C ALA C 304 -0.96 15.41 -0.20
N GLY C 305 -1.71 15.19 -1.30
CA GLY C 305 -3.11 14.83 -1.14
C GLY C 305 -3.31 13.61 -0.27
N ARG C 306 -2.39 12.64 -0.34
CA ARG C 306 -2.54 11.45 0.48
C ARG C 306 -2.48 11.79 1.97
N ASP C 307 -1.75 12.84 2.33
CA ASP C 307 -1.64 13.21 3.74
C ASP C 307 -2.83 14.02 4.22
N MET C 308 -3.45 14.85 3.37
CA MET C 308 -4.73 15.42 3.74
C MET C 308 -5.77 14.32 3.92
N ALA C 309 -5.73 13.29 3.06
CA ALA C 309 -6.66 12.16 3.20
C ALA C 309 -6.44 11.43 4.52
N ALA C 310 -5.19 11.13 4.85
CA ALA C 310 -4.90 10.48 6.13
C ALA C 310 -5.31 11.33 7.31
N MET C 311 -5.20 12.66 7.17
CA MET C 311 -5.57 13.59 8.24
C MET C 311 -7.08 13.55 8.49
N VAL C 312 -7.88 13.57 7.44
CA VAL C 312 -9.34 13.45 7.59
C VAL C 312 -9.67 12.21 8.42
N GLN C 313 -9.05 11.07 8.09
CA GLN C 313 -9.33 9.84 8.81
C GLN C 313 -8.76 9.87 10.22
N GLY C 314 -7.53 10.38 10.39
CA GLY C 314 -6.91 10.40 11.71
C GLY C 314 -7.59 11.35 12.67
N LEU C 315 -8.13 12.46 12.17
CA LEU C 315 -8.88 13.36 13.04
C LEU C 315 -10.07 12.64 13.64
N GLU C 316 -10.75 11.81 12.86
CA GLU C 316 -11.84 11.01 13.42
C GLU C 316 -11.32 10.00 14.44
N GLU C 317 -10.30 9.22 14.05
CA GLU C 317 -9.79 8.15 14.91
C GLU C 317 -9.20 8.69 16.21
N GLY C 318 -8.61 9.88 16.15
CA GLY C 318 -8.02 10.45 17.34
C GLY C 318 -9.04 10.88 18.39
N THR C 319 -10.32 10.93 18.04
CA THR C 319 -11.36 11.30 19.00
C THR C 319 -12.00 10.08 19.65
N GLU C 320 -11.62 8.88 19.26
CA GLU C 320 -12.36 7.71 19.74
C GLU C 320 -11.97 7.44 21.19
N GLU C 321 -12.97 7.43 22.06
CA GLU C 321 -12.73 7.33 23.51
C GLU C 321 -12.07 6.02 23.89
N GLU C 322 -12.50 4.90 23.29
CA GLU C 322 -11.85 3.63 23.57
C GLU C 322 -10.36 3.72 23.31
N TYR C 323 -9.99 4.28 22.15
CA TYR C 323 -8.58 4.51 21.86
C TYR C 323 -7.93 5.43 22.89
N LEU C 324 -8.56 6.56 23.20
CA LEU C 324 -7.93 7.53 24.10
C LEU C 324 -7.74 6.94 25.49
N HIS C 325 -8.73 6.21 25.99
CA HIS C 325 -8.64 5.55 27.29
C HIS C 325 -7.47 4.59 27.34
N TYR C 326 -7.27 3.81 26.26
CA TYR C 326 -6.12 2.92 26.17
CA TYR C 326 -6.12 2.91 26.18
C TYR C 326 -4.81 3.69 26.10
N ARG C 327 -4.75 4.70 25.22
CA ARG C 327 -3.52 5.43 24.97
C ARG C 327 -3.04 6.13 26.24
N ILE C 328 -3.91 6.95 26.81
CA ILE C 328 -3.56 7.68 28.03
C ILE C 328 -3.37 6.71 29.19
N GLY C 329 -4.17 5.63 29.21
CA GLY C 329 -3.99 4.60 30.23
C GLY C 329 -2.65 3.90 30.13
N GLN C 330 -2.07 3.80 28.93
CA GLN C 330 -0.77 3.16 28.79
C GLN C 330 0.33 4.07 29.30
N VAL C 331 0.22 5.37 29.03
CA VAL C 331 1.14 6.33 29.63
C VAL C 331 1.02 6.29 31.15
N LYS C 332 -0.21 6.24 31.66
CA LYS C 332 -0.42 6.12 33.10
C LYS C 332 0.22 4.84 33.65
N TYR C 333 0.07 3.73 32.91
CA TYR C 333 0.62 2.45 33.37
C TYR C 333 2.13 2.52 33.50
N LEU C 334 2.80 3.10 32.51
CA LEU C 334 4.25 3.28 32.60
C LEU C 334 4.60 4.13 33.82
N GLY C 335 3.88 5.23 34.03
CA GLY C 335 4.14 6.05 35.20
C GLY C 335 3.90 5.30 36.51
N ASP C 336 2.85 4.49 36.56
CA ASP C 336 2.57 3.76 37.79
C ASP C 336 3.62 2.69 38.06
N ARG C 337 4.11 2.02 37.01
CA ARG C 337 5.22 1.08 37.19
C ARG C 337 6.43 1.77 37.82
N LEU C 338 6.75 2.96 37.35
CA LEU C 338 7.88 3.70 37.90
C LEU C 338 7.58 4.20 39.32
N ARG C 339 6.41 4.81 39.50
CA ARG C 339 6.06 5.35 40.81
C ARG C 339 6.01 4.25 41.86
N GLU C 340 5.47 3.08 41.51
CA GLU C 340 5.40 1.99 42.47
C GLU C 340 6.76 1.43 42.83
N ALA C 341 7.77 1.67 42.00
CA ALA C 341 9.14 1.25 42.30
C ALA C 341 9.96 2.37 42.91
N GLY C 342 9.33 3.45 43.35
CA GLY C 342 10.03 4.53 44.01
C GLY C 342 10.74 5.49 43.08
N ILE C 343 10.52 5.39 41.78
CA ILE C 343 11.08 6.32 40.80
C ILE C 343 10.21 7.58 40.80
N PRO C 344 10.80 8.75 41.03
CA PRO C 344 9.98 9.98 41.11
C PRO C 344 9.58 10.46 39.72
N ILE C 345 8.28 10.70 39.53
CA ILE C 345 7.76 11.19 38.27
C ILE C 345 6.86 12.38 38.53
N GLN C 346 6.63 13.17 37.48
CA GLN C 346 5.53 14.12 37.47
C GLN C 346 4.22 13.36 37.58
N TYR C 347 3.35 13.79 38.49
CA TYR C 347 2.12 13.04 38.75
C TYR C 347 0.95 14.01 38.90
N PRO C 348 -0.20 13.71 38.28
CA PRO C 348 -0.50 12.56 37.43
C PRO C 348 0.26 12.64 36.11
N THR C 349 0.43 11.53 35.41
CA THR C 349 1.03 11.58 34.09
C THR C 349 0.09 12.33 33.13
N GLY C 350 0.69 12.99 32.15
CA GLY C 350 -0.07 13.65 31.11
C GLY C 350 -0.54 12.68 30.04
N GLY C 351 -0.95 13.25 28.91
CA GLY C 351 -1.54 12.43 27.87
C GLY C 351 -0.54 11.60 27.09
N HIS C 352 0.71 12.06 26.99
CA HIS C 352 1.60 11.52 25.96
C HIS C 352 3.01 11.14 26.42
N ALA C 353 3.36 11.37 27.69
CA ALA C 353 4.73 11.19 28.13
C ALA C 353 4.78 11.06 29.65
N VAL C 354 5.79 10.34 30.13
CA VAL C 354 6.13 10.27 31.54
C VAL C 354 7.40 11.08 31.75
N PHE C 355 7.42 11.89 32.80
CA PHE C 355 8.58 12.71 33.12
C PHE C 355 9.21 12.18 34.41
N VAL C 356 10.46 11.77 34.34
CA VAL C 356 11.18 11.23 35.49
C VAL C 356 12.11 12.30 36.04
N ASP C 357 11.98 12.60 37.33
CA ASP C 357 12.83 13.58 38.01
C ASP C 357 14.19 12.95 38.26
N CYS C 358 15.17 13.29 37.41
CA CYS C 358 16.51 12.74 37.53
C CYS C 358 17.36 13.44 38.57
N LYS C 359 16.95 14.63 39.02
CA LYS C 359 17.67 15.29 40.10
C LYS C 359 17.66 14.44 41.35
N LYS C 360 16.51 13.83 41.66
CA LYS C 360 16.42 12.92 42.81
C LYS C 360 17.17 11.62 42.58
N LEU C 361 17.40 11.24 41.32
CA LEU C 361 18.02 9.95 41.03
C LEU C 361 19.54 10.03 41.12
N VAL C 362 20.12 11.13 40.67
CA VAL C 362 21.58 11.28 40.67
C VAL C 362 21.92 12.61 41.34
N PRO C 363 21.71 12.73 42.66
CA PRO C 363 21.97 14.03 43.32
C PRO C 363 23.43 14.45 43.28
N GLN C 364 24.36 13.52 43.04
CA GLN C 364 25.77 13.86 43.00
C GLN C 364 26.17 14.60 41.73
N ILE C 365 25.33 14.60 40.70
CA ILE C 365 25.63 15.21 39.42
C ILE C 365 25.03 16.61 39.40
N PRO C 366 25.83 17.67 39.39
CA PRO C 366 25.27 19.02 39.33
C PRO C 366 24.53 19.27 38.03
N GLY C 367 23.71 20.32 38.04
CA GLY C 367 22.84 20.61 36.90
C GLY C 367 23.61 20.88 35.62
N ASP C 368 24.70 21.64 35.71
CA ASP C 368 25.50 21.98 34.54
C ASP C 368 26.39 20.83 34.08
N GLN C 369 26.24 19.66 34.70
CA GLN C 369 26.81 18.42 34.20
C GLN C 369 25.72 17.46 33.71
N PHE C 370 24.47 17.94 33.62
CA PHE C 370 23.37 17.31 32.90
C PHE C 370 22.97 15.98 33.53
N PRO C 371 22.45 16.01 34.76
CA PRO C 371 22.08 14.75 35.43
C PRO C 371 21.04 13.94 34.67
N ALA C 372 20.05 14.59 34.08
CA ALA C 372 19.04 13.83 33.34
C ALA C 372 19.66 13.14 32.13
N GLN C 373 20.61 13.80 31.46
CA GLN C 373 21.27 13.17 30.32
C GLN C 373 22.11 11.97 30.73
N ALA C 374 22.72 12.02 31.91
CA ALA C 374 23.46 10.86 32.40
C ALA C 374 22.53 9.68 32.65
N VAL C 375 21.36 9.94 33.23
CA VAL C 375 20.37 8.89 33.43
C VAL C 375 19.89 8.36 32.08
N ILE C 376 19.63 9.27 31.13
CA ILE C 376 19.18 8.86 29.80
C ILE C 376 20.24 7.98 29.13
N ASN C 377 21.50 8.41 29.22
CA ASN C 377 22.57 7.67 28.56
C ASN C 377 22.73 6.29 29.19
N ALA C 378 22.72 6.23 30.52
CA ALA C 378 22.76 4.94 31.21
C ALA C 378 21.59 4.05 30.82
N LEU C 379 20.38 4.62 30.73
CA LEU C 379 19.22 3.85 30.29
C LEU C 379 19.44 3.28 28.90
N TYR C 380 19.96 4.09 27.98
CA TYR C 380 20.25 3.59 26.64
C TYR C 380 21.28 2.48 26.68
N LEU C 381 22.37 2.67 27.44
CA LEU C 381 23.43 1.67 27.49
C LEU C 381 22.92 0.36 28.06
N GLU C 382 21.92 0.39 28.93
CA GLU C 382 21.42 -0.83 29.55
C GLU C 382 20.31 -1.50 28.75
N SER C 383 19.72 -0.83 27.77
CA SER C 383 18.45 -1.31 27.26
C SER C 383 18.18 -1.03 25.79
N GLY C 384 18.90 -0.09 25.16
CA GLY C 384 18.55 0.34 23.82
C GLY C 384 17.39 1.34 23.74
N VAL C 385 16.80 1.70 24.86
CA VAL C 385 15.72 2.68 24.89
C VAL C 385 16.35 4.06 24.76
N ARG C 386 15.79 4.90 23.87
CA ARG C 386 16.25 6.29 23.73
C ARG C 386 15.18 7.25 24.26
N ALA C 387 15.50 7.96 25.33
CA ALA C 387 14.63 9.00 25.88
C ALA C 387 15.26 10.37 25.61
N VAL C 388 14.60 11.43 26.08
CA VAL C 388 15.03 12.78 25.75
C VAL C 388 15.08 13.63 27.01
N GLU C 389 16.01 14.58 27.02
CA GLU C 389 16.28 15.39 28.21
C GLU C 389 15.46 16.67 28.20
N ILE C 390 14.80 16.94 29.32
CA ILE C 390 14.04 18.17 29.54
C ILE C 390 14.60 18.81 30.80
N GLY C 391 15.80 19.38 30.69
CA GLY C 391 16.51 19.92 31.83
C GLY C 391 17.61 20.88 31.40
N SER C 392 18.74 20.84 32.09
CA SER C 392 19.77 21.86 31.89
C SER C 392 20.39 21.79 30.49
N PHE C 393 20.60 20.57 29.97
CA PHE C 393 21.11 20.44 28.62
C PHE C 393 20.22 21.18 27.62
N LEU C 394 18.93 20.87 27.65
CA LEU C 394 17.97 21.55 26.77
C LEU C 394 17.91 23.04 27.07
N LEU C 395 17.91 23.40 28.36
CA LEU C 395 17.68 24.79 28.74
C LEU C 395 18.74 25.72 28.16
N GLY C 396 19.98 25.25 28.05
CA GLY C 396 21.01 26.01 27.39
C GLY C 396 21.64 27.05 28.29
N ARG C 397 22.38 27.96 27.66
CA ARG C 397 23.08 29.03 28.35
C ARG C 397 22.28 30.33 28.27
N ASP C 398 22.48 31.17 29.27
CA ASP C 398 21.85 32.49 29.33
C ASP C 398 22.56 33.42 28.37
N PRO C 399 21.85 34.09 27.45
CA PRO C 399 22.52 35.04 26.55
C PRO C 399 23.28 36.13 27.27
N ALA C 400 22.80 36.57 28.42
CA ALA C 400 23.40 37.71 29.09
C ALA C 400 24.74 37.35 29.75
N THR C 401 24.84 36.13 30.28
CA THR C 401 26.01 35.74 31.06
C THR C 401 26.89 34.69 30.39
N GLY C 402 26.34 33.93 29.45
CA GLY C 402 27.06 32.81 28.87
C GLY C 402 27.15 31.58 29.74
N GLU C 403 26.63 31.64 30.97
CA GLU C 403 26.70 30.53 31.90
C GLU C 403 25.49 29.60 31.72
N GLN C 404 25.55 28.45 32.37
CA GLN C 404 24.43 27.52 32.36
C GLN C 404 23.20 28.16 32.98
N LYS C 405 22.12 28.26 32.21
CA LYS C 405 20.82 28.61 32.77
C LYS C 405 20.45 27.62 33.85
N HIS C 406 20.11 28.11 35.04
CA HIS C 406 19.73 27.20 36.11
C HIS C 406 18.38 26.56 35.81
N ALA C 407 18.28 25.26 36.01
CA ALA C 407 17.08 24.50 35.70
C ALA C 407 16.34 24.16 36.99
N ASP C 408 15.03 24.45 37.01
CA ASP C 408 14.22 24.11 38.17
C ASP C 408 14.07 22.60 38.32
N MET C 409 13.88 21.89 37.21
CA MET C 409 13.75 20.44 37.22
C MET C 409 14.68 19.84 36.18
N GLU C 410 15.19 18.65 36.48
CA GLU C 410 16.04 17.86 35.59
C GLU C 410 15.23 16.63 35.22
N PHE C 411 14.50 16.71 34.11
CA PHE C 411 13.55 15.68 33.72
C PHE C 411 14.13 14.83 32.61
N MET C 412 13.85 13.53 32.66
CA MET C 412 13.94 12.67 31.51
C MET C 412 12.53 12.42 31.00
N ARG C 413 12.28 12.72 29.73
CA ARG C 413 10.96 12.53 29.13
C ARG C 413 10.91 11.21 28.38
N LEU C 414 9.99 10.35 28.78
CA LEU C 414 9.67 9.10 28.07
C LEU C 414 8.42 9.39 27.24
N THR C 415 8.63 9.80 25.98
CA THR C 415 7.57 10.23 25.10
C THR C 415 7.03 9.03 24.34
N ILE C 416 5.71 8.83 24.35
CA ILE C 416 5.09 7.58 23.90
C ILE C 416 4.32 7.86 22.60
N ALA C 417 4.79 7.27 21.51
CA ALA C 417 4.06 7.30 20.25
C ALA C 417 2.72 6.60 20.39
N ARG C 418 1.78 6.94 19.54
CA ARG C 418 0.43 6.37 19.62
C ARG C 418 0.31 5.08 18.82
N ARG C 419 -0.17 4.03 19.48
CA ARG C 419 -0.51 2.74 18.88
C ARG C 419 0.71 2.00 18.34
N VAL C 420 1.88 2.25 18.90
CA VAL C 420 3.13 1.68 18.41
C VAL C 420 3.68 0.60 19.34
N TYR C 421 3.69 0.87 20.64
CA TYR C 421 4.32 0.01 21.63
C TYR C 421 3.25 -0.63 22.51
N THR C 422 3.50 -1.86 22.93
CA THR C 422 2.58 -2.54 23.82
C THR C 422 2.95 -2.25 25.26
N ASN C 423 2.10 -2.72 26.19
CA ASN C 423 2.43 -2.58 27.60
C ASN C 423 3.59 -3.46 27.99
N ASP C 424 3.92 -4.48 27.18
CA ASP C 424 5.16 -5.22 27.42
C ASP C 424 6.38 -4.38 27.10
N HIS C 425 6.29 -3.55 26.05
CA HIS C 425 7.32 -2.55 25.82
C HIS C 425 7.41 -1.56 27.00
N MET C 426 6.26 -1.16 27.55
CA MET C 426 6.30 -0.28 28.74
C MET C 426 7.00 -0.97 29.89
N ASP C 427 6.69 -2.24 30.12
CA ASP C 427 7.38 -2.99 31.17
C ASP C 427 8.89 -3.03 30.92
N TYR C 428 9.28 -3.19 29.66
CA TYR C 428 10.69 -3.24 29.32
C TYR C 428 11.39 -1.93 29.71
N ILE C 429 10.75 -0.81 29.38
CA ILE C 429 11.27 0.51 29.75
C ILE C 429 11.38 0.63 31.27
N ALA C 430 10.27 0.36 31.97
CA ALA C 430 10.27 0.54 33.42
C ALA C 430 11.28 -0.39 34.09
N ASP C 431 11.32 -1.66 33.67
CA ASP C 431 12.23 -2.61 34.30
C ASP C 431 13.68 -2.20 34.08
N ALA C 432 13.99 -1.62 32.92
CA ALA C 432 15.34 -1.16 32.67
C ALA C 432 15.69 0.01 33.58
N LEU C 433 14.76 0.95 33.77
CA LEU C 433 15.05 2.08 34.64
C LEU C 433 15.13 1.66 36.11
N ILE C 434 14.27 0.71 36.51
CA ILE C 434 14.28 0.22 37.89
C ILE C 434 15.56 -0.58 38.16
N GLY C 435 16.05 -1.30 37.16
CA GLY C 435 17.31 -2.01 37.31
C GLY C 435 18.53 -1.11 37.42
N LEU C 436 18.36 0.19 37.24
CA LEU C 436 19.44 1.15 37.35
C LEU C 436 19.57 1.72 38.76
N LYS C 437 18.66 1.38 39.66
CA LYS C 437 18.63 2.02 40.97
C LYS C 437 19.93 1.80 41.75
N GLU C 438 20.61 0.68 41.52
CA GLU C 438 21.88 0.41 42.18
C GLU C 438 23.07 0.99 41.44
N LYS C 439 22.84 1.66 40.30
CA LYS C 439 23.92 2.26 39.53
C LYS C 439 23.85 3.78 39.49
N PHE C 440 22.75 4.39 39.97
CA PHE C 440 22.59 5.83 39.85
C PHE C 440 23.70 6.59 40.56
N ALA C 441 24.06 6.18 41.78
CA ALA C 441 25.06 6.93 42.54
C ALA C 441 26.43 6.88 41.88
N THR C 442 26.72 5.81 41.15
CA THR C 442 28.01 5.70 40.47
C THR C 442 28.05 6.48 39.17
N LEU C 443 26.89 6.89 38.63
CA LEU C 443 26.88 7.61 37.36
C LEU C 443 27.60 8.93 37.51
N LYS C 444 28.28 9.33 36.44
CA LYS C 444 29.04 10.57 36.45
C LYS C 444 28.43 11.53 35.44
N GLY C 445 28.71 12.81 35.65
CA GLY C 445 28.20 13.85 34.79
C GLY C 445 28.88 13.85 33.43
N LEU C 446 28.48 14.82 32.62
CA LEU C 446 28.98 14.97 31.27
C LEU C 446 29.52 16.37 31.07
N GLU C 447 30.40 16.51 30.09
CA GLU C 447 30.95 17.81 29.73
C GLU C 447 31.04 17.89 28.21
N PHE C 448 31.09 19.12 27.71
CA PHE C 448 31.06 19.33 26.27
C PHE C 448 32.39 18.97 25.62
N GLU C 449 32.30 18.17 24.55
CA GLU C 449 33.37 18.04 23.58
C GLU C 449 33.21 19.05 22.45
N TYR C 450 31.96 19.25 22.01
CA TYR C 450 31.61 20.22 20.99
C TYR C 450 30.29 20.85 21.38
N GLU C 451 30.22 22.18 21.39
CA GLU C 451 29.00 22.89 21.74
C GLU C 451 28.66 23.93 20.68
N PRO C 452 27.57 23.76 19.95
CA PRO C 452 27.08 24.83 19.07
C PRO C 452 26.62 26.02 19.89
N PRO C 453 26.60 27.22 19.30
CA PRO C 453 26.12 28.38 20.07
C PRO C 453 24.63 28.35 20.37
N VAL C 454 23.81 27.75 19.50
CA VAL C 454 22.37 27.67 19.72
C VAL C 454 21.89 26.24 19.45
N LEU C 455 20.74 25.92 20.04
CA LEU C 455 20.08 24.63 19.83
C LEU C 455 21.05 23.47 20.13
N ARG C 456 21.80 23.62 21.21
CA ARG C 456 22.93 22.72 21.45
C ARG C 456 22.47 21.29 21.69
N HIS C 457 21.27 21.09 22.24
CA HIS C 457 20.84 19.74 22.59
C HIS C 457 20.69 18.84 21.36
N PHE C 458 20.46 19.43 20.18
CA PHE C 458 20.30 18.62 18.97
C PHE C 458 21.62 18.03 18.51
N THR C 459 22.71 18.79 18.62
CA THR C 459 23.93 18.47 17.90
C THR C 459 25.20 18.46 18.73
N ALA C 460 25.16 18.91 19.99
CA ALA C 460 26.37 18.97 20.78
C ALA C 460 26.92 17.57 21.05
N ARG C 461 28.23 17.47 21.11
CA ARG C 461 28.90 16.25 21.50
C ARG C 461 29.39 16.37 22.94
N LEU C 462 29.16 15.33 23.73
CA LEU C 462 29.47 15.31 25.14
C LEU C 462 30.47 14.18 25.44
N LYS C 463 31.01 14.21 26.66
CA LYS C 463 31.99 13.26 27.10
C LYS C 463 31.77 13.01 28.59
N PRO C 464 31.81 11.76 29.04
CA PRO C 464 31.80 11.51 30.49
C PRO C 464 32.98 12.18 31.16
N ILE C 465 32.72 12.84 32.28
CA ILE C 465 33.78 13.44 33.08
C ILE C 465 34.53 12.33 33.79
N GLU C 466 35.82 12.23 33.53
CA GLU C 466 36.69 11.21 34.14
C GLU C 466 36.15 9.80 33.95
N ALA D 1 5.23 14.66 -36.09
CA ALA D 1 5.18 14.38 -34.65
C ALA D 1 5.37 12.88 -34.40
N LYS D 2 6.22 12.55 -33.43
CA LYS D 2 6.63 11.17 -33.17
C LYS D 2 6.23 10.77 -31.76
N ARG D 3 5.41 9.73 -31.66
CA ARG D 3 5.07 9.17 -30.36
CA ARG D 3 5.06 9.15 -30.36
C ARG D 3 6.19 8.25 -29.90
N ILE D 4 6.61 8.42 -28.64
CA ILE D 4 7.66 7.60 -28.05
C ILE D 4 7.05 6.72 -26.98
N VAL D 5 7.29 5.41 -27.08
CA VAL D 5 6.65 4.44 -26.21
C VAL D 5 7.17 4.59 -24.78
N GLU D 6 6.30 4.27 -23.80
CA GLU D 6 6.67 4.28 -22.39
C GLU D 6 7.71 3.20 -22.10
N PRO D 7 8.79 3.52 -21.41
CA PRO D 7 9.70 2.47 -20.94
C PRO D 7 9.20 1.86 -19.64
N PHE D 8 7.88 1.74 -19.52
CA PHE D 8 7.26 1.13 -18.36
C PHE D 8 5.87 0.71 -18.80
N ARG D 9 5.19 -0.01 -17.93
CA ARG D 9 3.78 -0.28 -18.14
CA ARG D 9 3.79 -0.38 -18.08
C ARG D 9 3.01 0.13 -16.88
N ILE D 10 1.69 0.14 -16.99
CA ILE D 10 0.86 0.68 -15.93
C ILE D 10 0.63 -0.39 -14.88
N LYS D 11 0.83 -0.02 -13.61
CA LYS D 11 0.54 -0.93 -12.52
C LYS D 11 -0.64 -0.53 -11.66
N MET D 12 -0.96 0.77 -11.63
CA MET D 12 -2.17 1.23 -10.95
C MET D 12 -2.72 2.42 -11.72
N VAL D 13 -4.05 2.50 -11.80
CA VAL D 13 -4.72 3.60 -12.50
C VAL D 13 -5.53 4.40 -11.48
N GLU D 14 -5.92 5.59 -11.93
CA GLU D 14 -6.76 6.51 -11.18
C GLU D 14 -7.83 7.01 -12.14
N LYS D 15 -9.10 6.75 -11.81
CA LYS D 15 -10.17 7.13 -12.73
C LYS D 15 -10.28 8.66 -12.85
N ILE D 16 -10.44 9.14 -14.08
CA ILE D 16 -10.73 10.54 -14.35
C ILE D 16 -11.87 10.61 -15.36
N ARG D 17 -12.74 11.59 -15.20
CA ARG D 17 -13.96 11.73 -16.00
C ARG D 17 -14.03 13.10 -16.63
N VAL D 18 -14.67 13.18 -17.79
CA VAL D 18 -14.97 14.45 -18.44
C VAL D 18 -16.38 14.86 -18.00
N PRO D 19 -16.54 15.95 -17.27
CA PRO D 19 -17.89 16.42 -16.95
C PRO D 19 -18.64 16.72 -18.23
N SER D 20 -19.96 16.56 -18.18
CA SER D 20 -20.76 16.89 -19.34
C SER D 20 -20.58 18.36 -19.70
N ARG D 21 -20.96 18.71 -20.94
CA ARG D 21 -20.88 20.09 -21.37
C ARG D 21 -21.56 21.03 -20.39
N GLU D 22 -22.80 20.69 -19.99
CA GLU D 22 -23.51 21.52 -19.02
C GLU D 22 -22.80 21.53 -17.67
N GLU D 23 -22.19 20.41 -17.28
CA GLU D 23 -21.47 20.36 -16.01
C GLU D 23 -20.26 21.29 -16.03
N ARG D 24 -19.50 21.27 -17.14
CA ARG D 24 -18.32 22.13 -17.21
C ARG D 24 -18.72 23.59 -17.20
N GLU D 25 -19.81 23.94 -17.90
CA GLU D 25 -20.30 25.31 -17.89
C GLU D 25 -20.66 25.76 -16.48
N ALA D 26 -21.38 24.91 -15.74
CA ALA D 26 -21.81 25.27 -14.40
C ALA D 26 -20.62 25.36 -13.45
N ALA D 27 -19.68 24.43 -13.56
CA ALA D 27 -18.50 24.46 -12.71
C ALA D 27 -17.69 25.72 -12.95
N LEU D 28 -17.44 26.05 -14.22
CA LEU D 28 -16.65 27.24 -14.51
C LEU D 28 -17.34 28.50 -14.02
N LYS D 29 -18.68 28.50 -14.02
CA LYS D 29 -19.41 29.66 -13.54
C LYS D 29 -19.29 29.78 -12.02
N GLU D 30 -19.47 28.65 -11.33
CA GLU D 30 -19.24 28.64 -9.88
C GLU D 30 -17.80 29.01 -9.55
N ALA D 31 -16.85 28.55 -10.35
CA ALA D 31 -15.47 28.96 -10.14
C ALA D 31 -15.22 30.42 -10.53
N GLY D 32 -16.21 31.25 -10.82
CA GLY D 32 -15.93 32.61 -11.24
C GLY D 32 -14.98 32.68 -12.42
N TYR D 33 -15.14 31.77 -13.38
CA TYR D 33 -14.38 31.78 -14.63
C TYR D 33 -12.87 31.81 -14.37
N ASN D 34 -12.45 31.18 -13.27
CA ASN D 34 -11.03 31.05 -12.94
C ASN D 34 -10.79 29.58 -12.68
N PRO D 35 -10.08 28.87 -13.57
CA PRO D 35 -9.85 27.43 -13.35
C PRO D 35 -9.14 27.11 -12.05
N PHE D 36 -8.37 28.05 -11.49
CA PHE D 36 -7.73 27.79 -10.21
C PHE D 36 -8.74 27.57 -9.09
N LEU D 37 -9.99 27.98 -9.30
CA LEU D 37 -11.05 27.79 -8.33
C LEU D 37 -11.89 26.54 -8.61
N LEU D 38 -11.58 25.81 -9.68
CA LEU D 38 -12.31 24.59 -9.95
C LEU D 38 -11.89 23.50 -8.98
N PRO D 39 -12.85 22.75 -8.43
CA PRO D 39 -12.49 21.50 -7.76
C PRO D 39 -11.95 20.51 -8.79
N SER D 40 -11.09 19.62 -8.34
CA SER D 40 -10.50 18.66 -9.27
C SER D 40 -11.57 17.74 -9.84
N SER D 41 -12.66 17.52 -9.11
CA SER D 41 -13.78 16.74 -9.61
C SER D 41 -14.34 17.29 -10.92
N ALA D 42 -14.07 18.56 -11.23
CA ALA D 42 -14.57 19.19 -12.45
C ALA D 42 -13.54 19.16 -13.59
N VAL D 43 -12.40 18.50 -13.39
CA VAL D 43 -11.31 18.54 -14.35
C VAL D 43 -11.07 17.12 -14.88
N TYR D 44 -10.92 17.00 -16.20
CA TYR D 44 -10.53 15.73 -16.81
C TYR D 44 -9.01 15.57 -16.76
N ILE D 45 -8.31 16.15 -17.72
CA ILE D 45 -6.85 16.15 -17.74
C ILE D 45 -6.37 17.44 -17.09
N ASP D 46 -5.56 17.33 -16.05
CA ASP D 46 -5.11 18.49 -15.30
C ASP D 46 -3.71 18.87 -15.76
N LEU D 47 -3.59 20.06 -16.34
CA LEU D 47 -2.32 20.57 -16.86
C LEU D 47 -1.89 21.82 -16.12
N LEU D 48 -2.40 22.00 -14.91
CA LEU D 48 -2.07 23.17 -14.12
C LEU D 48 -0.58 23.21 -13.80
N THR D 49 0.02 22.05 -13.54
CA THR D 49 1.38 22.00 -13.03
C THR D 49 1.96 20.62 -13.31
N ASP D 50 3.29 20.55 -13.29
CA ASP D 50 4.01 19.28 -13.21
C ASP D 50 4.59 19.07 -11.83
N SER D 51 4.11 19.83 -10.84
CA SER D 51 4.64 19.80 -9.47
C SER D 51 3.76 18.91 -8.60
N GLY D 52 4.30 17.78 -8.17
CA GLY D 52 3.66 16.98 -7.14
C GLY D 52 2.51 16.12 -7.63
N THR D 53 2.28 16.07 -8.93
CA THR D 53 1.22 15.28 -9.55
C THR D 53 1.76 14.07 -10.28
N ASN D 54 3.05 13.77 -10.12
CA ASN D 54 3.68 12.67 -10.85
C ASN D 54 3.18 11.32 -10.36
N ALA D 55 3.27 10.32 -11.24
CA ALA D 55 3.04 8.94 -10.87
C ALA D 55 4.34 8.32 -10.39
N MET D 56 4.28 7.66 -9.24
CA MET D 56 5.43 6.98 -8.70
C MET D 56 5.49 5.55 -9.21
N SER D 57 6.66 4.93 -9.04
CA SER D 57 6.85 3.54 -9.40
C SER D 57 6.44 2.63 -8.26
N ASP D 58 6.33 1.34 -8.57
CA ASP D 58 6.12 0.37 -7.52
C ASP D 58 7.27 0.38 -6.52
N HIS D 59 8.52 0.56 -6.99
CA HIS D 59 9.64 0.65 -6.07
C HIS D 59 9.50 1.83 -5.12
N GLN D 60 9.02 2.96 -5.62
CA GLN D 60 8.81 4.11 -4.76
C GLN D 60 7.75 3.83 -3.70
N TRP D 61 6.63 3.23 -4.12
CA TRP D 61 5.60 2.92 -3.13
C TRP D 61 6.12 1.90 -2.12
N ALA D 62 6.93 0.94 -2.58
CA ALA D 62 7.51 -0.03 -1.67
C ALA D 62 8.44 0.64 -0.67
N ALA D 63 9.23 1.61 -1.13
CA ALA D 63 10.12 2.35 -0.25
C ALA D 63 9.33 3.15 0.79
N MET D 64 8.19 3.72 0.40
CA MET D 64 7.33 4.40 1.38
C MET D 64 6.87 3.45 2.48
N ILE D 65 6.48 2.25 2.09
CA ILE D 65 5.89 1.30 3.05
C ILE D 65 6.93 0.90 4.10
N THR D 66 8.20 0.75 3.71
CA THR D 66 9.23 0.45 4.70
C THR D 66 9.92 1.69 5.23
N GLY D 67 9.37 2.87 4.96
CA GLY D 67 10.01 4.10 5.39
C GLY D 67 10.14 4.15 6.91
N ASP D 68 11.25 4.73 7.36
CA ASP D 68 11.59 4.82 8.78
C ASP D 68 11.12 6.19 9.31
N GLU D 69 10.11 6.18 10.17
CA GLU D 69 9.49 7.44 10.61
C GLU D 69 10.19 8.07 11.82
N ALA D 70 11.33 7.50 12.24
CA ALA D 70 12.07 7.98 13.39
C ALA D 70 12.29 9.48 13.32
N TYR D 71 12.10 10.13 14.46
CA TYR D 71 12.23 11.59 14.53
C TYR D 71 13.66 12.01 14.25
N ALA D 72 14.63 11.29 14.81
CA ALA D 72 16.05 11.56 14.63
C ALA D 72 16.75 10.30 14.16
N GLY D 73 17.62 10.44 13.16
CA GLY D 73 18.40 9.31 12.72
C GLY D 73 17.69 8.33 11.80
N SER D 74 16.66 8.76 11.08
CA SER D 74 15.97 7.87 10.16
C SER D 74 16.93 7.26 9.15
N ARG D 75 16.78 5.96 8.92
CA ARG D 75 17.58 5.26 7.91
CA ARG D 75 17.67 5.34 7.95
C ARG D 75 17.50 5.96 6.55
N ASN D 76 16.32 6.53 6.25
CA ASN D 76 16.14 7.15 4.95
C ASN D 76 16.82 8.50 4.85
N TYR D 77 17.02 9.19 5.98
CA TYR D 77 17.83 10.39 5.95
C TYR D 77 19.27 10.08 5.54
N TYR D 78 19.84 9.00 6.09
CA TYR D 78 21.20 8.64 5.70
C TYR D 78 21.26 8.18 4.25
N ASP D 79 20.23 7.45 3.80
CA ASP D 79 20.15 7.08 2.39
C ASP D 79 20.13 8.31 1.50
N LEU D 80 19.40 9.35 1.93
CA LEU D 80 19.29 10.57 1.14
C LEU D 80 20.60 11.35 1.15
N LYS D 81 21.26 11.40 2.31
CA LYS D 81 22.59 12.00 2.37
C LYS D 81 23.57 11.29 1.44
N ASP D 82 23.56 9.94 1.47
CA ASP D 82 24.43 9.19 0.56
C ASP D 82 24.08 9.47 -0.91
N LYS D 83 22.78 9.54 -1.23
CA LYS D 83 22.36 9.76 -2.61
C LYS D 83 22.86 11.10 -3.12
N ALA D 84 22.76 12.14 -2.28
CA ALA D 84 23.22 13.46 -2.68
C ALA D 84 24.73 13.48 -2.89
N LYS D 85 25.47 12.77 -2.04
CA LYS D 85 26.91 12.64 -2.28
C LYS D 85 27.17 11.94 -3.61
N GLU D 86 26.44 10.85 -3.86
CA GLU D 86 26.62 10.09 -5.08
C GLU D 86 26.29 10.90 -6.32
N LEU D 87 25.15 11.61 -6.32
CA LEU D 87 24.71 12.29 -7.55
C LEU D 87 25.41 13.62 -7.77
N PHE D 88 25.58 14.41 -6.70
CA PHE D 88 26.05 15.77 -6.83
C PHE D 88 27.48 15.96 -6.33
N ASN D 89 28.01 14.98 -5.58
CA ASN D 89 29.27 15.13 -4.84
C ASN D 89 29.18 16.19 -3.75
N TYR D 90 27.99 16.46 -3.22
CA TYR D 90 27.82 17.45 -2.17
C TYR D 90 27.78 16.77 -0.79
N ASP D 91 28.40 17.42 0.20
CA ASP D 91 28.68 16.75 1.46
C ASP D 91 27.61 16.95 2.52
N TYR D 92 26.65 17.84 2.30
CA TYR D 92 25.69 18.23 3.34
C TYR D 92 24.30 18.32 2.74
N ILE D 93 23.30 17.83 3.47
CA ILE D 93 21.92 17.91 3.01
C ILE D 93 21.03 18.42 4.14
N ILE D 94 19.97 19.10 3.76
CA ILE D 94 18.85 19.43 4.64
C ILE D 94 17.57 19.12 3.89
N PRO D 95 16.85 18.05 4.22
CA PRO D 95 15.53 17.84 3.64
C PRO D 95 14.62 19.02 3.93
N ALA D 96 13.70 19.28 3.01
CA ALA D 96 12.68 20.30 3.17
C ALA D 96 11.36 19.71 2.66
N HIS D 97 10.24 20.33 3.06
CA HIS D 97 8.97 19.72 2.66
C HIS D 97 8.64 19.95 1.19
N GLN D 98 9.13 21.04 0.59
CA GLN D 98 9.13 21.17 -0.86
C GLN D 98 10.09 22.30 -1.26
N GLY D 99 10.02 22.69 -2.54
CA GLY D 99 11.06 23.55 -3.09
C GLY D 99 11.11 24.93 -2.44
N ARG D 100 9.96 25.57 -2.28
CA ARG D 100 9.95 26.88 -1.64
C ARG D 100 10.33 26.79 -0.17
N GLY D 101 10.16 25.62 0.45
CA GLY D 101 10.70 25.42 1.77
C GLY D 101 12.22 25.39 1.77
N ALA D 102 12.82 24.74 0.77
CA ALA D 102 14.28 24.76 0.64
C ALA D 102 14.81 26.17 0.48
N GLU D 103 14.12 27.00 -0.33
CA GLU D 103 14.55 28.38 -0.51
C GLU D 103 14.43 29.18 0.78
N ASN D 104 13.34 28.99 1.51
CA ASN D 104 13.16 29.69 2.78
C ASN D 104 14.26 29.33 3.77
N ILE D 105 14.79 28.11 3.68
CA ILE D 105 15.89 27.70 4.55
C ILE D 105 17.18 28.42 4.16
N LEU D 106 17.52 28.41 2.88
CA LEU D 106 18.86 28.77 2.45
C LEU D 106 19.02 30.25 2.13
N PHE D 107 18.01 30.86 1.49
CA PHE D 107 18.18 32.23 1.00
C PHE D 107 18.38 33.24 2.12
N PRO D 108 17.60 33.24 3.20
CA PRO D 108 17.89 34.16 4.31
C PRO D 108 19.27 33.92 4.91
N VAL D 109 19.74 32.68 4.96
CA VAL D 109 21.09 32.39 5.44
C VAL D 109 22.12 33.01 4.51
N LEU D 110 21.90 32.90 3.20
CA LEU D 110 22.86 33.46 2.25
C LEU D 110 22.93 34.98 2.37
N LEU D 111 21.79 35.64 2.58
CA LEU D 111 21.80 37.08 2.79
C LEU D 111 22.51 37.46 4.08
N LYS D 112 22.23 36.75 5.17
CA LYS D 112 22.90 37.04 6.43
C LYS D 112 24.40 36.81 6.32
N TYR D 113 24.80 35.81 5.53
CA TYR D 113 26.23 35.54 5.33
C TYR D 113 26.89 36.68 4.58
N LYS D 114 26.28 37.13 3.49
CA LYS D 114 26.81 38.26 2.73
C LYS D 114 26.81 39.54 3.56
N GLN D 115 25.90 39.64 4.53
CA GLN D 115 25.87 40.74 5.50
C GLN D 115 26.41 40.28 6.85
N LYS D 116 27.68 39.87 6.85
CA LYS D 116 28.36 39.53 8.10
C LYS D 116 29.82 39.97 8.14
N GLU D 117 30.45 40.20 6.99
CA GLU D 117 31.69 40.94 6.91
C GLU D 117 31.49 42.03 5.87
N GLY D 118 31.55 43.28 6.30
CA GLY D 118 31.18 44.31 5.37
C GLY D 118 29.67 44.31 5.19
N LYS D 119 29.24 44.88 4.06
CA LYS D 119 27.85 45.21 3.83
C LYS D 119 27.39 44.77 2.44
N ALA D 120 26.20 44.18 2.40
CA ALA D 120 25.46 44.01 1.15
C ALA D 120 24.27 44.96 1.18
N LYS D 121 24.59 46.26 1.10
CA LYS D 121 23.61 47.31 1.37
C LYS D 121 22.52 47.40 0.29
N ASN D 122 22.87 47.06 -0.95
CA ASN D 122 21.90 46.93 -2.03
C ASN D 122 21.89 45.48 -2.49
N PRO D 123 21.36 44.57 -1.67
CA PRO D 123 21.50 43.14 -1.99
C PRO D 123 20.61 42.72 -3.15
N VAL D 124 21.19 41.91 -4.05
CA VAL D 124 20.47 41.39 -5.21
C VAL D 124 20.82 39.92 -5.40
N PHE D 125 19.89 39.21 -6.05
CA PHE D 125 20.12 37.88 -6.58
C PHE D 125 20.08 37.95 -8.10
N ILE D 126 20.90 37.14 -8.75
CA ILE D 126 20.99 37.15 -10.21
C ILE D 126 20.76 35.74 -10.73
N SER D 127 19.77 35.59 -11.60
CA SER D 127 19.42 34.30 -12.16
C SER D 127 19.20 34.44 -13.65
N ASN D 128 19.36 33.34 -14.38
CA ASN D 128 18.87 33.30 -15.75
C ASN D 128 17.38 33.57 -15.77
N PHE D 129 16.63 32.97 -14.83
CA PHE D 129 15.28 33.45 -14.50
C PHE D 129 14.87 32.85 -13.17
N HIS D 130 14.52 33.73 -12.22
CA HIS D 130 13.94 33.28 -10.97
C HIS D 130 12.52 32.76 -11.19
N PHE D 131 12.25 31.55 -10.70
CA PHE D 131 10.87 31.07 -10.66
C PHE D 131 10.05 31.94 -9.69
N ASP D 132 8.73 31.81 -9.78
CA ASP D 132 7.81 32.65 -9.00
C ASP D 132 8.14 32.61 -7.50
N THR D 133 8.24 31.41 -6.91
CA THR D 133 8.54 31.32 -5.48
C THR D 133 9.95 31.80 -5.17
N THR D 134 10.90 31.49 -6.05
CA THR D 134 12.28 31.93 -5.84
C THR D 134 12.37 33.44 -5.76
N ALA D 135 11.82 34.15 -6.76
CA ALA D 135 11.81 35.60 -6.73
C ALA D 135 11.00 36.14 -5.56
N ALA D 136 9.91 35.45 -5.20
CA ALA D 136 9.12 35.89 -4.05
C ALA D 136 9.92 35.84 -2.76
N HIS D 137 10.71 34.78 -2.56
CA HIS D 137 11.55 34.71 -1.37
C HIS D 137 12.67 35.75 -1.43
N VAL D 138 13.21 36.01 -2.62
CA VAL D 138 14.22 37.06 -2.77
C VAL D 138 13.64 38.40 -2.34
N GLU D 139 12.44 38.73 -2.83
CA GLU D 139 11.82 40.01 -2.51
C GLU D 139 11.29 40.05 -1.07
N LEU D 140 10.95 38.88 -0.50
CA LEU D 140 10.54 38.83 0.90
C LEU D 140 11.70 39.14 1.84
N ASN D 141 12.94 38.91 1.41
CA ASN D 141 14.12 39.19 2.20
C ASN D 141 14.74 40.55 1.90
N GLY D 142 14.02 41.43 1.22
CA GLY D 142 14.53 42.75 0.93
C GLY D 142 15.57 42.83 -0.17
N CYS D 143 15.60 41.86 -1.08
CA CYS D 143 16.55 41.84 -2.17
C CYS D 143 15.82 42.00 -3.50
N LYS D 144 16.55 42.46 -4.51
CA LYS D 144 16.04 42.53 -5.87
C LYS D 144 16.33 41.23 -6.60
N ALA D 145 15.35 40.78 -7.39
CA ALA D 145 15.51 39.62 -8.26
C ALA D 145 15.84 40.09 -9.67
N ILE D 146 17.03 39.74 -10.15
CA ILE D 146 17.51 40.16 -11.46
C ILE D 146 17.51 38.93 -12.37
N ASN D 147 16.74 39.00 -13.46
CA ASN D 147 16.64 37.91 -14.42
C ASN D 147 17.37 38.31 -15.70
N ILE D 148 18.38 37.54 -16.07
CA ILE D 148 19.22 37.88 -17.22
C ILE D 148 19.34 36.70 -18.18
N VAL D 149 18.19 36.12 -18.57
CA VAL D 149 18.20 35.03 -19.53
C VAL D 149 18.67 35.54 -20.90
N THR D 150 19.25 34.65 -21.69
CA THR D 150 19.69 35.01 -23.03
C THR D 150 18.51 35.50 -23.87
N GLU D 151 18.77 36.48 -24.73
CA GLU D 151 17.72 37.03 -25.59
C GLU D 151 17.20 36.02 -26.60
N LYS D 152 17.89 34.89 -26.81
CA LYS D 152 17.32 33.83 -27.64
C LYS D 152 15.98 33.36 -27.10
N ALA D 153 15.80 33.39 -25.77
CA ALA D 153 14.56 32.95 -25.15
C ALA D 153 13.37 33.77 -25.62
N PHE D 154 13.60 35.03 -25.98
CA PHE D 154 12.52 35.94 -26.34
C PHE D 154 12.13 35.83 -27.82
N ASP D 155 12.86 35.06 -28.61
CA ASP D 155 12.45 34.73 -29.98
C ASP D 155 11.66 33.44 -29.89
N SER D 156 10.34 33.57 -29.73
CA SER D 156 9.51 32.47 -29.25
C SER D 156 9.55 31.27 -30.18
N GLU D 157 9.40 31.50 -31.48
CA GLU D 157 9.20 30.43 -32.44
C GLU D 157 10.48 29.99 -33.16
N THR D 158 11.60 30.67 -32.92
CA THR D 158 12.87 30.32 -33.55
C THR D 158 13.65 29.36 -32.66
N TYR D 159 14.14 28.27 -33.26
CA TYR D 159 14.85 27.26 -32.50
C TYR D 159 16.17 27.80 -31.95
N ASP D 160 16.54 27.32 -30.77
CA ASP D 160 17.87 27.54 -30.21
C ASP D 160 18.17 26.39 -29.25
N ASP D 161 19.47 26.05 -29.15
CA ASP D 161 19.87 24.91 -28.34
C ASP D 161 19.73 25.16 -26.85
N TRP D 162 19.94 26.42 -26.40
CA TRP D 162 20.06 26.72 -24.98
C TRP D 162 19.30 28.01 -24.67
N LYS D 163 17.98 27.96 -24.77
CA LYS D 163 17.17 29.14 -24.47
C LYS D 163 17.15 29.48 -22.99
N GLY D 164 17.76 28.66 -22.14
CA GLY D 164 17.83 28.95 -20.72
C GLY D 164 19.12 29.56 -20.24
N ASP D 165 20.07 29.84 -21.12
CA ASP D 165 21.40 30.29 -20.72
C ASP D 165 21.34 31.66 -20.03
N PHE D 166 22.29 31.87 -19.12
CA PHE D 166 22.60 33.22 -18.66
C PHE D 166 23.09 34.06 -19.84
N ASP D 167 22.67 35.31 -19.88
CA ASP D 167 23.34 36.29 -20.72
C ASP D 167 24.67 36.63 -20.06
N ILE D 168 25.77 36.10 -20.61
CA ILE D 168 27.07 36.33 -20.01
C ILE D 168 27.43 37.81 -20.00
N LYS D 169 27.11 38.51 -21.09
CA LYS D 169 27.31 39.96 -21.14
C LYS D 169 26.57 40.65 -20.00
N LYS D 170 25.27 40.36 -19.87
CA LYS D 170 24.46 40.99 -18.82
C LYS D 170 24.91 40.54 -17.43
N LEU D 171 25.52 39.36 -17.30
CA LEU D 171 26.03 38.95 -16.01
C LEU D 171 27.22 39.81 -15.60
N LYS D 172 28.23 39.90 -16.47
CA LYS D 172 29.39 40.73 -16.18
C LYS D 172 29.01 42.19 -15.98
N GLU D 173 27.98 42.65 -16.70
CA GLU D 173 27.56 44.04 -16.56
C GLU D 173 26.84 44.26 -15.24
N ASN D 174 26.06 43.28 -14.77
CA ASN D 174 25.40 43.41 -13.48
C ASN D 174 26.42 43.36 -12.34
N ILE D 175 27.44 42.53 -12.47
CA ILE D 175 28.46 42.43 -11.41
C ILE D 175 29.24 43.73 -11.31
N ALA D 176 29.55 44.35 -12.45
CA ALA D 176 30.25 45.62 -12.42
C ALA D 176 29.37 46.71 -11.83
N GLN D 177 28.07 46.71 -12.16
CA GLN D 177 27.18 47.79 -11.73
C GLN D 177 26.87 47.70 -10.24
N HIS D 178 26.48 46.52 -9.76
CA HIS D 178 26.10 46.36 -8.37
C HIS D 178 27.29 46.10 -7.46
N GLY D 179 28.39 45.59 -8.00
CA GLY D 179 29.50 45.15 -7.17
C GLY D 179 29.31 43.73 -6.67
N ALA D 180 30.38 42.95 -6.58
CA ALA D 180 30.28 41.59 -6.09
C ALA D 180 29.92 41.52 -4.61
N ASP D 181 29.99 42.62 -3.88
CA ASP D 181 29.61 42.63 -2.47
C ASP D 181 28.12 42.81 -2.27
N ASN D 182 27.37 43.16 -3.31
CA ASN D 182 25.92 43.24 -3.24
C ASN D 182 25.22 42.01 -3.80
N ILE D 183 25.93 41.15 -4.52
CA ILE D 183 25.32 39.97 -5.14
C ILE D 183 25.34 38.87 -4.08
N VAL D 184 24.18 38.61 -3.47
CA VAL D 184 24.09 37.61 -2.43
C VAL D 184 24.38 36.22 -2.98
N ALA D 185 23.85 35.92 -4.17
CA ALA D 185 24.11 34.65 -4.83
C ALA D 185 23.63 34.75 -6.26
N ILE D 186 24.22 33.92 -7.11
CA ILE D 186 23.72 33.69 -8.45
C ILE D 186 22.94 32.38 -8.42
N VAL D 187 21.74 32.40 -8.99
CA VAL D 187 20.86 31.24 -9.03
C VAL D 187 20.84 30.71 -10.45
N SER D 188 21.35 29.50 -10.64
CA SER D 188 21.30 28.81 -11.94
C SER D 188 20.07 27.90 -11.92
N THR D 189 19.00 28.34 -12.58
CA THR D 189 17.78 27.57 -12.69
C THR D 189 17.90 26.57 -13.85
N VAL D 190 17.90 25.28 -13.53
CA VAL D 190 18.03 24.22 -14.53
C VAL D 190 16.87 23.24 -14.35
N THR D 191 16.11 22.99 -15.42
CA THR D 191 16.07 23.84 -16.61
C THR D 191 15.57 25.22 -16.19
N CYS D 192 15.62 26.19 -17.10
CA CYS D 192 15.14 27.53 -16.82
C CYS D 192 13.62 27.53 -16.93
N ASN D 193 12.93 27.39 -15.80
CA ASN D 193 11.49 27.15 -15.84
C ASN D 193 10.74 28.33 -16.46
N SER D 194 11.13 29.56 -16.09
CA SER D 194 10.42 30.73 -16.58
C SER D 194 10.69 30.98 -18.05
N ALA D 195 11.79 30.45 -18.60
CA ALA D 195 11.99 30.50 -20.04
C ALA D 195 11.14 29.48 -20.78
N GLY D 196 10.46 28.59 -20.06
CA GLY D 196 9.66 27.56 -20.70
C GLY D 196 10.26 26.19 -20.52
N GLY D 197 10.95 25.97 -19.42
CA GLY D 197 11.65 24.72 -19.22
C GLY D 197 12.78 24.52 -20.21
N GLN D 198 13.47 25.64 -20.62
CA GLN D 198 14.52 25.51 -21.62
C GLN D 198 15.86 25.26 -20.95
N PRO D 199 16.73 24.46 -21.55
CA PRO D 199 17.95 24.02 -20.87
C PRO D 199 19.03 25.09 -20.82
N VAL D 200 19.95 24.89 -19.86
CA VAL D 200 21.17 25.67 -19.73
C VAL D 200 22.34 24.78 -20.13
N SER D 201 23.21 25.28 -21.00
CA SER D 201 24.30 24.44 -21.47
C SER D 201 25.35 24.24 -20.38
N MET D 202 26.06 23.11 -20.46
CA MET D 202 27.18 22.88 -19.56
C MET D 202 28.21 24.01 -19.65
N SER D 203 28.53 24.45 -20.87
CA SER D 203 29.49 25.54 -21.02
C SER D 203 28.99 26.81 -20.35
N ASN D 204 27.67 27.08 -20.45
CA ASN D 204 27.14 28.29 -19.83
C ASN D 204 27.23 28.19 -18.31
N LEU D 205 26.78 27.07 -17.74
CA LEU D 205 26.90 26.85 -16.31
C LEU D 205 28.34 27.01 -15.83
N LYS D 206 29.29 26.46 -16.59
CA LYS D 206 30.69 26.52 -16.18
C LYS D 206 31.22 27.95 -16.20
N GLU D 207 30.94 28.69 -17.28
CA GLU D 207 31.44 30.07 -17.35
C GLU D 207 30.83 30.95 -16.28
N VAL D 208 29.54 30.75 -16.00
CA VAL D 208 28.90 31.49 -14.90
C VAL D 208 29.60 31.21 -13.59
N TYR D 209 29.89 29.95 -13.31
CA TYR D 209 30.53 29.60 -12.05
C TYR D 209 31.95 30.14 -11.96
N GLU D 210 32.69 30.12 -13.07
CA GLU D 210 34.05 30.66 -13.05
C GLU D 210 34.02 32.16 -12.77
N ILE D 211 33.10 32.88 -13.44
CA ILE D 211 32.94 34.30 -13.19
C ILE D 211 32.55 34.55 -11.74
N ALA D 212 31.63 33.73 -11.22
CA ALA D 212 31.22 33.91 -9.83
C ALA D 212 32.38 33.64 -8.88
N LYS D 213 33.19 32.62 -9.19
CA LYS D 213 34.24 32.22 -8.27
C LYS D 213 35.35 33.27 -8.18
N GLN D 214 35.68 33.93 -9.30
CA GLN D 214 36.69 34.97 -9.24
C GLN D 214 36.21 36.21 -8.49
N HIS D 215 34.89 36.37 -8.32
CA HIS D 215 34.35 37.44 -7.50
C HIS D 215 33.94 36.96 -6.11
N GLY D 216 34.17 35.69 -5.79
CA GLY D 216 33.75 35.18 -4.49
C GLY D 216 32.25 35.18 -4.31
N ILE D 217 31.51 35.02 -5.39
CA ILE D 217 30.04 34.98 -5.35
C ILE D 217 29.60 33.54 -5.20
N PHE D 218 28.62 33.32 -4.31
CA PHE D 218 28.07 31.99 -4.05
C PHE D 218 27.09 31.62 -5.15
N VAL D 219 27.14 30.36 -5.59
CA VAL D 219 26.27 29.89 -6.67
C VAL D 219 25.35 28.82 -6.12
N VAL D 220 24.04 29.03 -6.31
CA VAL D 220 23.00 28.07 -5.94
C VAL D 220 22.38 27.54 -7.22
N MET D 221 22.28 26.23 -7.35
CA MET D 221 21.61 25.61 -8.49
C MET D 221 20.16 25.31 -8.10
N ASP D 222 19.21 26.07 -8.68
CA ASP D 222 17.80 25.74 -8.52
C ASP D 222 17.52 24.52 -9.38
N SER D 223 17.25 23.39 -8.72
CA SER D 223 17.43 22.07 -9.33
C SER D 223 16.13 21.32 -9.50
N ALA D 224 14.98 22.00 -9.54
CA ALA D 224 13.71 21.30 -9.69
C ALA D 224 13.71 20.37 -10.90
N ARG D 225 14.19 20.85 -12.04
CA ARG D 225 14.18 20.01 -13.24
C ARG D 225 15.60 19.75 -13.72
N PHE D 226 16.48 19.34 -12.80
CA PHE D 226 17.88 19.17 -13.15
C PHE D 226 18.11 17.96 -14.06
N CYS D 227 17.26 16.93 -13.97
CA CYS D 227 17.45 15.77 -14.85
C CYS D 227 17.07 16.11 -16.28
N GLU D 228 15.95 16.81 -16.46
CA GLU D 228 15.55 17.23 -17.79
C GLU D 228 16.63 18.11 -18.43
N ASN D 229 17.29 18.94 -17.62
CA ASN D 229 18.39 19.73 -18.15
C ASN D 229 19.57 18.84 -18.55
N ALA D 230 19.88 17.85 -17.72
CA ALA D 230 20.93 16.89 -18.05
C ALA D 230 20.61 16.16 -19.35
N TYR D 231 19.36 15.76 -19.54
CA TYR D 231 18.97 15.11 -20.78
C TYR D 231 19.28 16.00 -21.98
N PHE D 232 18.85 17.26 -21.91
CA PHE D 232 19.08 18.19 -23.02
C PHE D 232 20.56 18.41 -23.26
N ILE D 233 21.39 18.41 -22.21
CA ILE D 233 22.82 18.56 -22.43
C ILE D 233 23.37 17.35 -23.16
N LYS D 234 22.95 16.14 -22.77
CA LYS D 234 23.40 14.96 -23.50
C LYS D 234 22.91 14.96 -24.93
N ALA D 235 21.67 15.42 -25.16
CA ALA D 235 21.11 15.39 -26.50
C ALA D 235 21.79 16.38 -27.43
N ARG D 236 22.14 17.56 -26.91
CA ARG D 236 22.53 18.67 -27.77
C ARG D 236 24.01 19.04 -27.67
N ASP D 237 24.69 18.70 -26.60
CA ASP D 237 26.11 18.98 -26.47
C ASP D 237 26.91 17.78 -26.99
N PRO D 238 27.68 17.94 -28.07
CA PRO D 238 28.47 16.80 -28.56
C PRO D 238 29.46 16.26 -27.55
N LYS D 239 30.00 17.11 -26.67
CA LYS D 239 30.93 16.65 -25.64
C LYS D 239 30.34 15.52 -24.79
N TYR D 240 29.02 15.51 -24.60
CA TYR D 240 28.38 14.54 -23.72
C TYR D 240 27.55 13.52 -24.48
N LYS D 241 27.85 13.30 -25.77
CA LYS D 241 27.08 12.37 -26.59
C LYS D 241 27.06 10.97 -25.98
N ASN D 242 28.19 10.53 -25.42
CA ASN D 242 28.31 9.19 -24.85
C ASN D 242 28.44 9.19 -23.33
N ALA D 243 28.11 10.31 -22.67
CA ALA D 243 28.10 10.32 -21.22
C ALA D 243 26.78 9.77 -20.70
N THR D 244 26.82 9.20 -19.49
CA THR D 244 25.55 8.84 -18.88
C THR D 244 24.87 10.10 -18.35
N ILE D 245 23.57 9.98 -18.07
CA ILE D 245 22.87 11.11 -17.47
C ILE D 245 23.52 11.48 -16.14
N LYS D 246 23.89 10.48 -15.35
CA LYS D 246 24.53 10.76 -14.07
C LYS D 246 25.88 11.43 -14.25
N GLU D 247 26.61 11.08 -15.31
CA GLU D 247 27.86 11.79 -15.57
C GLU D 247 27.60 13.24 -15.93
N VAL D 248 26.50 13.51 -16.65
CA VAL D 248 26.16 14.88 -16.97
C VAL D 248 25.79 15.64 -15.71
N ILE D 249 24.96 15.02 -14.86
CA ILE D 249 24.55 15.68 -13.61
C ILE D 249 25.76 15.97 -12.75
N PHE D 250 26.66 14.98 -12.64
CA PHE D 250 27.84 15.14 -11.81
C PHE D 250 28.67 16.33 -12.27
N ASP D 251 28.79 16.52 -13.59
CA ASP D 251 29.52 17.67 -14.10
C ASP D 251 28.78 18.98 -13.85
N MET D 252 27.44 18.97 -13.98
CA MET D 252 26.68 20.19 -13.74
C MET D 252 26.98 20.78 -12.37
N TYR D 253 27.05 19.92 -11.35
CA TYR D 253 27.17 20.40 -9.98
C TYR D 253 28.60 20.69 -9.57
N LYS D 254 29.56 20.48 -10.47
CA LYS D 254 30.85 21.15 -10.30
C LYS D 254 30.72 22.66 -10.38
N TYR D 255 29.62 23.16 -10.94
CA TYR D 255 29.47 24.58 -11.24
C TYR D 255 28.38 25.23 -10.39
N ALA D 256 28.30 24.81 -9.13
CA ALA D 256 27.51 25.46 -8.09
C ALA D 256 28.14 25.14 -6.74
N ASP D 257 27.74 25.89 -5.72
CA ASP D 257 28.17 25.68 -4.35
C ASP D 257 27.09 25.06 -3.48
N ALA D 258 25.86 25.01 -3.97
CA ALA D 258 24.73 24.47 -3.22
C ALA D 258 23.60 24.29 -4.21
N LEU D 259 22.58 23.55 -3.80
CA LEU D 259 21.38 23.42 -4.61
C LEU D 259 20.15 23.60 -3.71
N THR D 260 19.10 24.15 -4.31
CA THR D 260 17.74 24.05 -3.78
C THR D 260 16.91 23.28 -4.78
N MET D 261 16.00 22.45 -4.28
CA MET D 261 15.34 21.52 -5.19
C MET D 261 13.91 21.32 -4.74
N SER D 262 12.99 21.45 -5.68
CA SER D 262 11.65 20.89 -5.49
C SER D 262 11.71 19.44 -5.96
N ALA D 263 11.63 18.51 -5.03
CA ALA D 263 11.63 17.11 -5.41
C ALA D 263 10.28 16.67 -5.97
N LYS D 264 9.31 17.60 -6.04
CA LYS D 264 8.02 17.35 -6.65
C LYS D 264 8.07 17.41 -8.17
N LYS D 265 9.23 17.68 -8.75
CA LYS D 265 9.39 17.67 -10.20
C LYS D 265 10.15 16.44 -10.65
N ASP D 266 11.40 16.63 -11.05
CA ASP D 266 12.16 15.54 -11.65
C ASP D 266 12.38 14.32 -10.74
N PRO D 267 12.50 14.43 -9.42
CA PRO D 267 12.59 13.23 -8.60
C PRO D 267 11.30 12.45 -8.46
N LEU D 268 10.24 12.84 -9.18
CA LEU D 268 9.06 12.02 -9.38
C LEU D 268 8.25 11.84 -8.09
N LEU D 269 8.08 12.91 -7.32
CA LEU D 269 7.39 12.84 -6.04
C LEU D 269 6.09 13.64 -6.07
N ASN D 270 5.28 13.42 -5.05
CA ASN D 270 4.09 14.22 -4.80
C ASN D 270 4.30 15.27 -3.73
N ILE D 271 5.41 15.16 -2.99
CA ILE D 271 5.80 16.11 -1.95
C ILE D 271 7.29 15.90 -1.73
N GLY D 272 7.97 16.93 -1.23
CA GLY D 272 9.41 16.80 -1.00
C GLY D 272 10.27 17.93 -1.55
N GLY D 273 11.25 18.36 -0.76
CA GLY D 273 12.26 19.30 -1.23
C GLY D 273 13.62 18.94 -0.63
N LEU D 274 14.65 19.64 -1.09
CA LEU D 274 15.99 19.36 -0.62
C LEU D 274 16.88 20.59 -0.76
N VAL D 275 17.69 20.83 0.27
CA VAL D 275 18.87 21.68 0.20
C VAL D 275 20.07 20.76 0.25
N ALA D 276 21.08 21.00 -0.58
CA ALA D 276 22.37 20.35 -0.46
C ALA D 276 23.46 21.40 -0.63
N ILE D 277 24.49 21.30 0.19
CA ILE D 277 25.60 22.24 0.16
C ILE D 277 26.87 21.47 -0.14
N ARG D 278 27.69 22.01 -1.04
CA ARG D 278 28.82 21.25 -1.56
C ARG D 278 29.86 20.98 -0.48
N ASP D 279 30.42 22.03 0.10
CA ASP D 279 31.42 21.83 1.14
C ASP D 279 31.48 22.97 2.16
N ASN D 280 30.64 24.00 2.05
CA ASN D 280 30.69 25.11 2.98
C ASN D 280 29.95 24.72 4.27
N GLU D 281 30.72 24.29 5.27
CA GLU D 281 30.10 23.77 6.49
C GLU D 281 29.46 24.88 7.32
N GLU D 282 29.96 26.10 7.19
CA GLU D 282 29.37 27.22 7.92
C GLU D 282 27.97 27.54 7.41
N ILE D 283 27.80 27.61 6.09
CA ILE D 283 26.47 27.84 5.52
C ILE D 283 25.53 26.73 5.94
N PHE D 284 26.01 25.49 5.89
CA PHE D 284 25.23 24.34 6.33
C PHE D 284 24.73 24.51 7.76
N THR D 285 25.63 24.92 8.66
CA THR D 285 25.27 25.05 10.07
C THR D 285 24.16 26.08 10.26
N LEU D 286 24.30 27.26 9.66
CA LEU D 286 23.30 28.30 9.81
C LEU D 286 22.00 27.92 9.12
N ALA D 287 22.08 27.23 7.97
CA ALA D 287 20.87 26.77 7.30
C ALA D 287 20.14 25.76 8.15
N ARG D 288 20.88 24.88 8.82
CA ARG D 288 20.24 23.94 9.75
C ARG D 288 19.48 24.67 10.84
N GLN D 289 20.01 25.82 11.28
CA GLN D 289 19.37 26.53 12.38
C GLN D 289 18.07 27.19 11.96
N ARG D 290 17.94 27.54 10.68
CA ARG D 290 16.68 28.07 10.18
C ARG D 290 15.69 26.95 9.87
N CYS D 291 16.21 25.79 9.48
CA CYS D 291 15.37 24.64 9.19
C CYS D 291 14.49 24.25 10.37
N VAL D 292 15.05 24.28 11.58
CA VAL D 292 14.34 23.76 12.76
C VAL D 292 13.02 24.50 12.95
N PRO D 293 12.98 25.87 13.05
CA PRO D 293 11.69 26.51 13.31
C PRO D 293 10.77 26.55 12.09
N MET D 294 11.32 26.55 10.87
CA MET D 294 10.51 26.73 9.68
C MET D 294 9.97 25.43 9.10
N GLU D 295 10.72 24.34 9.19
CA GLU D 295 10.39 23.09 8.50
C GLU D 295 10.27 21.91 9.44
N GLY D 296 11.16 21.79 10.41
CA GLY D 296 11.23 20.62 11.25
C GLY D 296 12.66 20.29 11.62
N PHE D 297 12.86 19.22 12.37
CA PHE D 297 14.21 18.80 12.73
C PHE D 297 15.00 18.46 11.46
N VAL D 298 16.32 18.53 11.57
CA VAL D 298 17.17 18.53 10.37
C VAL D 298 17.27 17.18 9.69
N THR D 299 16.90 16.07 10.35
CA THR D 299 16.95 14.76 9.69
C THR D 299 15.60 14.31 9.13
N TYR D 300 14.62 15.22 9.02
CA TYR D 300 13.45 14.88 8.21
C TYR D 300 12.90 16.12 7.51
N GLY D 301 13.19 17.30 8.06
CA GLY D 301 12.89 18.59 7.46
C GLY D 301 11.49 18.81 6.94
N GLY D 302 10.46 18.49 7.73
CA GLY D 302 9.09 18.65 7.28
C GLY D 302 8.57 17.53 6.42
N LEU D 303 9.27 16.39 6.40
CA LEU D 303 8.95 15.24 5.55
C LEU D 303 8.81 13.98 6.40
N ALA D 304 7.77 13.22 6.14
CA ALA D 304 7.70 11.88 6.70
C ALA D 304 8.89 11.05 6.23
N GLY D 305 9.25 10.05 7.03
CA GLY D 305 10.26 9.09 6.61
C GLY D 305 9.96 8.46 5.26
N ARG D 306 8.69 8.12 5.02
CA ARG D 306 8.35 7.49 3.76
C ARG D 306 8.64 8.41 2.59
N ASP D 307 8.57 9.72 2.80
CA ASP D 307 8.82 10.61 1.67
C ASP D 307 10.30 10.81 1.41
N MET D 308 11.14 10.79 2.45
CA MET D 308 12.58 10.68 2.21
C MET D 308 12.89 9.37 1.49
N ALA D 309 12.22 8.27 1.86
CA ALA D 309 12.41 7.00 1.16
C ALA D 309 12.02 7.11 -0.31
N ALA D 310 10.83 7.63 -0.58
CA ALA D 310 10.42 7.81 -1.97
C ALA D 310 11.38 8.72 -2.72
N MET D 311 11.96 9.71 -2.04
CA MET D 311 12.85 10.65 -2.69
C MET D 311 14.18 9.99 -3.08
N VAL D 312 14.70 9.14 -2.21
CA VAL D 312 15.92 8.39 -2.55
C VAL D 312 15.71 7.57 -3.82
N GLN D 313 14.57 6.90 -3.93
CA GLN D 313 14.28 6.11 -5.11
C GLN D 313 13.97 6.99 -6.31
N GLY D 314 13.19 8.05 -6.12
CA GLY D 314 12.84 8.91 -7.22
C GLY D 314 14.02 9.67 -7.78
N LEU D 315 14.98 10.04 -6.93
CA LEU D 315 16.21 10.65 -7.43
C LEU D 315 16.90 9.74 -8.42
N GLU D 316 16.87 8.44 -8.15
CA GLU D 316 17.49 7.49 -9.08
C GLU D 316 16.67 7.38 -10.37
N GLU D 317 15.36 7.14 -10.23
CA GLU D 317 14.50 6.92 -11.40
C GLU D 317 14.46 8.14 -12.32
N GLY D 318 14.53 9.34 -11.73
CA GLY D 318 14.49 10.55 -12.53
C GLY D 318 15.70 10.77 -13.42
N THR D 319 16.82 10.07 -13.13
CA THR D 319 18.01 10.16 -13.97
C THR D 319 18.01 9.16 -15.12
N GLU D 320 17.07 8.23 -15.16
CA GLU D 320 17.13 7.15 -16.13
C GLU D 320 16.86 7.68 -17.53
N GLU D 321 17.82 7.47 -18.45
CA GLU D 321 17.75 8.16 -19.73
C GLU D 321 16.56 7.67 -20.57
N GLU D 322 16.23 6.38 -20.49
CA GLU D 322 15.08 5.88 -21.25
C GLU D 322 13.82 6.59 -20.83
N TYR D 323 13.67 6.85 -19.53
CA TYR D 323 12.50 7.55 -19.05
C TYR D 323 12.53 9.02 -19.49
N LEU D 324 13.67 9.69 -19.32
CA LEU D 324 13.79 11.09 -19.72
C LEU D 324 13.53 11.27 -21.21
N HIS D 325 14.00 10.33 -22.02
CA HIS D 325 13.76 10.41 -23.45
C HIS D 325 12.26 10.32 -23.76
N TYR D 326 11.56 9.40 -23.10
CA TYR D 326 10.12 9.30 -23.29
CA TYR D 326 10.11 9.30 -23.30
C TYR D 326 9.39 10.53 -22.76
N ARG D 327 9.80 11.02 -21.59
CA ARG D 327 9.09 12.12 -20.94
C ARG D 327 9.18 13.39 -21.78
N ILE D 328 10.41 13.77 -22.13
CA ILE D 328 10.62 14.97 -22.91
C ILE D 328 10.10 14.79 -24.34
N GLY D 329 10.18 13.56 -24.86
CA GLY D 329 9.58 13.27 -26.16
C GLY D 329 8.06 13.42 -26.17
N GLN D 330 7.39 13.12 -25.06
CA GLN D 330 5.95 13.29 -24.99
C GLN D 330 5.56 14.77 -25.02
N VAL D 331 6.29 15.60 -24.27
CA VAL D 331 6.11 17.03 -24.33
C VAL D 331 6.38 17.55 -25.74
N LYS D 332 7.51 17.12 -26.33
CA LYS D 332 7.80 17.52 -27.70
C LYS D 332 6.69 17.07 -28.64
N TYR D 333 6.09 15.92 -28.36
CA TYR D 333 5.01 15.41 -29.21
C TYR D 333 3.78 16.31 -29.14
N LEU D 334 3.39 16.70 -27.93
CA LEU D 334 2.27 17.64 -27.78
C LEU D 334 2.55 18.93 -28.53
N GLY D 335 3.79 19.42 -28.45
CA GLY D 335 4.12 20.66 -29.14
C GLY D 335 4.14 20.51 -30.64
N ASP D 336 4.60 19.35 -31.13
CA ASP D 336 4.61 19.13 -32.58
C ASP D 336 3.21 18.95 -33.13
N ARG D 337 2.30 18.38 -32.34
CA ARG D 337 0.89 18.31 -32.76
C ARG D 337 0.33 19.71 -33.00
N LEU D 338 0.57 20.63 -32.07
CA LEU D 338 0.02 21.97 -32.19
C LEU D 338 0.75 22.77 -33.25
N ARG D 339 2.07 22.64 -33.32
CA ARG D 339 2.86 23.41 -34.27
C ARG D 339 2.53 23.02 -35.69
N GLU D 340 2.39 21.72 -35.97
CA GLU D 340 2.02 21.27 -37.29
C GLU D 340 0.60 21.66 -37.66
N ALA D 341 -0.22 22.07 -36.69
CA ALA D 341 -1.58 22.51 -36.95
C ALA D 341 -1.71 24.02 -37.00
N GLY D 342 -0.60 24.74 -36.96
CA GLY D 342 -0.63 26.18 -37.05
C GLY D 342 -0.73 26.91 -35.72
N ILE D 343 -1.00 26.20 -34.62
CA ILE D 343 -1.01 26.81 -33.29
C ILE D 343 0.40 27.25 -32.94
N PRO D 344 0.62 28.52 -32.61
CA PRO D 344 1.97 28.97 -32.29
C PRO D 344 2.36 28.57 -30.87
N ILE D 345 3.59 28.08 -30.72
CA ILE D 345 4.12 27.66 -29.44
C ILE D 345 5.56 28.17 -29.33
N GLN D 346 6.09 28.13 -28.11
CA GLN D 346 7.53 28.31 -27.96
C GLN D 346 8.23 27.07 -28.49
N TYR D 347 9.18 27.30 -29.39
CA TYR D 347 9.88 26.22 -30.10
C TYR D 347 11.38 26.41 -29.90
N PRO D 348 12.11 25.34 -29.56
CA PRO D 348 11.65 23.98 -29.30
C PRO D 348 10.94 23.88 -27.95
N THR D 349 10.23 22.79 -27.70
CA THR D 349 9.57 22.62 -26.41
C THR D 349 10.61 22.36 -25.32
N GLY D 350 10.31 22.84 -24.11
CA GLY D 350 11.15 22.59 -22.96
C GLY D 350 11.02 21.16 -22.49
N GLY D 351 11.31 20.91 -21.22
CA GLY D 351 11.28 19.54 -20.75
C GLY D 351 9.94 19.10 -20.20
N HIS D 352 9.11 20.05 -19.74
CA HIS D 352 7.97 19.70 -18.89
C HIS D 352 6.65 20.36 -19.30
N ALA D 353 6.65 21.30 -20.24
CA ALA D 353 5.45 22.04 -20.55
C ALA D 353 5.51 22.51 -21.99
N VAL D 354 4.34 22.77 -22.56
CA VAL D 354 4.21 23.46 -23.83
C VAL D 354 3.59 24.82 -23.56
N PHE D 355 4.13 25.85 -24.19
CA PHE D 355 3.64 27.21 -24.03
C PHE D 355 3.02 27.68 -25.35
N VAL D 356 1.75 28.05 -25.31
CA VAL D 356 1.02 28.52 -26.48
C VAL D 356 0.88 30.04 -26.39
N ASP D 357 1.30 30.74 -27.45
CA ASP D 357 1.13 32.18 -27.53
C ASP D 357 -0.33 32.46 -27.90
N CYS D 358 -1.09 33.01 -26.94
CA CYS D 358 -2.51 33.24 -27.14
C CYS D 358 -2.82 34.61 -27.72
N LYS D 359 -1.88 35.55 -27.65
CA LYS D 359 -2.12 36.86 -28.27
C LYS D 359 -2.36 36.72 -29.76
N LYS D 360 -1.83 35.66 -30.38
CA LYS D 360 -2.07 35.38 -31.78
C LYS D 360 -3.36 34.61 -32.03
N LEU D 361 -3.84 33.86 -31.04
CA LEU D 361 -5.10 33.15 -31.19
C LEU D 361 -6.30 34.05 -31.01
N VAL D 362 -6.21 35.04 -30.12
CA VAL D 362 -7.32 35.96 -29.87
C VAL D 362 -6.79 37.39 -29.93
N PRO D 363 -6.40 37.88 -31.11
CA PRO D 363 -5.86 39.25 -31.19
C PRO D 363 -6.86 40.30 -30.77
N GLN D 364 -8.16 40.02 -30.90
CA GLN D 364 -9.19 40.99 -30.57
C GLN D 364 -9.33 41.21 -29.06
N ILE D 365 -8.62 40.45 -28.25
CA ILE D 365 -8.70 40.55 -26.80
C ILE D 365 -7.41 41.21 -26.30
N PRO D 366 -7.45 42.46 -25.85
CA PRO D 366 -6.23 43.12 -25.40
C PRO D 366 -5.66 42.48 -24.13
N GLY D 367 -4.40 42.80 -23.87
CA GLY D 367 -3.72 42.21 -22.72
C GLY D 367 -4.45 42.43 -21.40
N ASP D 368 -4.96 43.64 -21.18
CA ASP D 368 -5.64 43.95 -19.94
C ASP D 368 -6.94 43.18 -19.76
N GLN D 369 -7.43 42.50 -20.79
CA GLN D 369 -8.62 41.66 -20.70
C GLN D 369 -8.29 40.17 -20.75
N PHE D 370 -7.02 39.82 -20.52
CA PHE D 370 -6.58 38.45 -20.27
C PHE D 370 -6.91 37.50 -21.41
N PRO D 371 -6.34 37.70 -22.61
CA PRO D 371 -6.68 36.81 -23.72
C PRO D 371 -6.27 35.37 -23.48
N ALA D 372 -5.12 35.14 -22.83
CA ALA D 372 -4.69 33.76 -22.58
C ALA D 372 -5.63 33.06 -21.60
N GLN D 373 -6.23 33.78 -20.66
CA GLN D 373 -7.22 33.17 -19.79
C GLN D 373 -8.48 32.81 -20.56
N ALA D 374 -8.85 33.63 -21.55
CA ALA D 374 -10.03 33.33 -22.36
C ALA D 374 -9.81 32.07 -23.19
N VAL D 375 -8.60 31.87 -23.70
CA VAL D 375 -8.28 30.64 -24.40
C VAL D 375 -8.35 29.46 -23.44
N ILE D 376 -7.82 29.63 -22.23
CA ILE D 376 -7.84 28.55 -21.24
C ILE D 376 -9.26 28.20 -20.87
N ASN D 377 -10.10 29.21 -20.62
CA ASN D 377 -11.49 28.94 -20.27
C ASN D 377 -12.21 28.22 -21.40
N ALA D 378 -11.99 28.67 -22.64
CA ALA D 378 -12.60 27.99 -23.78
C ALA D 378 -12.10 26.57 -23.89
N LEU D 379 -10.78 26.37 -23.75
CA LEU D 379 -10.24 25.01 -23.76
C LEU D 379 -10.92 24.15 -22.70
N TYR D 380 -11.07 24.68 -21.48
CA TYR D 380 -11.73 23.92 -20.44
C TYR D 380 -13.18 23.61 -20.80
N LEU D 381 -13.92 24.59 -21.31
CA LEU D 381 -15.30 24.35 -21.67
C LEU D 381 -15.44 23.30 -22.77
N GLU D 382 -14.48 23.24 -23.70
CA GLU D 382 -14.58 22.32 -24.82
C GLU D 382 -14.16 20.89 -24.48
N SER D 383 -13.38 20.70 -23.41
CA SER D 383 -12.66 19.44 -23.26
C SER D 383 -12.51 19.00 -21.81
N GLY D 384 -12.73 19.90 -20.86
CA GLY D 384 -12.44 19.57 -19.48
C GLY D 384 -10.97 19.57 -19.13
N VAL D 385 -10.11 20.01 -20.02
CA VAL D 385 -8.69 20.19 -19.74
C VAL D 385 -8.49 21.50 -18.98
N ARG D 386 -7.67 21.46 -17.93
CA ARG D 386 -7.36 22.66 -17.15
C ARG D 386 -5.90 23.04 -17.36
N ALA D 387 -5.66 24.18 -18.00
CA ALA D 387 -4.34 24.75 -18.17
C ALA D 387 -4.22 26.00 -17.32
N VAL D 388 -3.03 26.60 -17.33
CA VAL D 388 -2.73 27.75 -16.48
C VAL D 388 -2.22 28.91 -17.32
N GLU D 389 -2.54 30.13 -16.87
CA GLU D 389 -2.19 31.34 -17.61
C GLU D 389 -0.84 31.88 -17.17
N ILE D 390 -0.04 32.33 -18.14
CA ILE D 390 1.22 33.00 -17.89
C ILE D 390 1.25 34.27 -18.73
N GLY D 391 0.60 35.33 -18.24
CA GLY D 391 0.51 36.57 -18.99
C GLY D 391 0.04 37.73 -18.13
N SER D 392 -0.88 38.53 -18.67
CA SER D 392 -1.32 39.74 -17.96
C SER D 392 -2.06 39.40 -16.67
N PHE D 393 -2.86 38.34 -16.68
CA PHE D 393 -3.59 37.94 -15.48
C PHE D 393 -2.64 37.52 -14.36
N LEU D 394 -1.58 36.77 -14.72
CA LEU D 394 -0.58 36.39 -13.71
C LEU D 394 0.31 37.57 -13.33
N LEU D 395 0.64 38.42 -14.31
CA LEU D 395 1.60 39.50 -14.06
C LEU D 395 1.06 40.49 -13.04
N GLY D 396 -0.24 40.74 -13.06
CA GLY D 396 -0.87 41.58 -12.06
C GLY D 396 -0.81 43.05 -12.39
N ARG D 397 -1.27 43.84 -11.42
CA ARG D 397 -1.27 45.28 -11.55
C ARG D 397 0.05 45.87 -11.06
N ASP D 398 0.47 46.94 -11.71
CA ASP D 398 1.59 47.72 -11.24
C ASP D 398 1.19 48.44 -9.95
N PRO D 399 1.89 48.22 -8.84
CA PRO D 399 1.43 48.81 -7.56
C PRO D 399 1.43 50.33 -7.54
N ALA D 400 2.11 50.99 -8.49
CA ALA D 400 2.16 52.45 -8.49
C ALA D 400 0.91 53.04 -9.13
N THR D 401 0.73 52.81 -10.44
CA THR D 401 -0.44 53.33 -11.14
C THR D 401 -1.71 52.58 -10.79
N GLY D 402 -1.60 51.39 -10.19
CA GLY D 402 -2.76 50.59 -9.88
C GLY D 402 -3.50 50.09 -11.10
N GLU D 403 -2.83 50.00 -12.24
CA GLU D 403 -3.44 49.53 -13.48
C GLU D 403 -2.71 48.29 -13.98
N GLN D 404 -3.22 47.71 -15.06
CA GLN D 404 -2.66 46.48 -15.61
C GLN D 404 -1.20 46.69 -16.02
N LYS D 405 -0.30 45.92 -15.40
CA LYS D 405 1.09 45.90 -15.84
C LYS D 405 1.16 45.24 -17.21
N HIS D 406 1.84 45.90 -18.15
CA HIS D 406 1.91 45.40 -19.51
C HIS D 406 2.68 44.10 -19.55
N ALA D 407 2.05 43.05 -20.09
CA ALA D 407 2.71 41.76 -20.28
C ALA D 407 3.27 41.68 -21.69
N ASP D 408 4.51 41.21 -21.80
CA ASP D 408 5.16 41.12 -23.11
C ASP D 408 4.48 40.10 -24.00
N MET D 409 4.05 38.98 -23.43
CA MET D 409 3.31 37.96 -24.16
C MET D 409 2.26 37.33 -23.25
N GLU D 410 1.29 36.68 -23.88
CA GLU D 410 0.21 35.98 -23.20
C GLU D 410 0.36 34.50 -23.51
N PHE D 411 0.76 33.72 -22.52
CA PHE D 411 0.95 32.29 -22.71
C PHE D 411 -0.14 31.51 -22.03
N MET D 412 -0.54 30.40 -22.66
CA MET D 412 -1.19 29.30 -21.98
C MET D 412 -0.14 28.21 -21.82
N ARG D 413 0.02 27.72 -20.59
CA ARG D 413 1.01 26.69 -20.31
C ARG D 413 0.29 25.36 -20.14
N LEU D 414 0.66 24.39 -20.97
CA LEU D 414 0.16 23.02 -20.84
C LEU D 414 1.26 22.23 -20.12
N THR D 415 1.14 22.16 -18.80
CA THR D 415 2.14 21.55 -17.94
C THR D 415 1.85 20.06 -17.78
N ILE D 416 2.86 19.22 -18.01
CA ILE D 416 2.68 17.79 -18.15
C ILE D 416 3.33 17.10 -16.95
N ALA D 417 2.51 16.45 -16.14
CA ALA D 417 3.02 15.63 -15.05
C ALA D 417 3.81 14.45 -15.60
N ARG D 418 4.64 13.84 -14.76
CA ARG D 418 5.50 12.76 -15.18
C ARG D 418 4.82 11.40 -15.02
N ARG D 419 4.78 10.63 -16.11
CA ARG D 419 4.31 9.24 -16.12
C ARG D 419 2.82 9.13 -15.77
N VAL D 420 2.04 10.16 -16.06
CA VAL D 420 0.63 10.22 -15.69
C VAL D 420 -0.28 10.05 -16.89
N TYR D 421 0.03 10.76 -17.97
CA TYR D 421 -0.83 10.81 -19.15
C TYR D 421 -0.15 10.13 -20.33
N THR D 422 -0.96 9.53 -21.18
CA THR D 422 -0.47 8.86 -22.37
C THR D 422 -0.41 9.85 -23.53
N ASN D 423 0.22 9.42 -24.61
CA ASN D 423 0.26 10.25 -25.81
C ASN D 423 -1.13 10.39 -26.41
N ASP D 424 -2.05 9.47 -26.10
CA ASP D 424 -3.45 9.68 -26.46
C ASP D 424 -4.08 10.80 -25.64
N HIS D 425 -3.67 10.95 -24.38
CA HIS D 425 -4.07 12.15 -23.64
C HIS D 425 -3.53 13.41 -24.31
N MET D 426 -2.29 13.33 -24.82
CA MET D 426 -1.71 14.46 -25.54
C MET D 426 -2.55 14.78 -26.77
N ASP D 427 -2.93 13.75 -27.55
CA ASP D 427 -3.78 13.99 -28.71
C ASP D 427 -5.10 14.65 -28.30
N TYR D 428 -5.69 14.18 -27.19
CA TYR D 428 -6.95 14.75 -26.75
C TYR D 428 -6.81 16.24 -26.45
N ILE D 429 -5.71 16.63 -25.78
CA ILE D 429 -5.46 18.04 -25.53
C ILE D 429 -5.28 18.79 -26.85
N ALA D 430 -4.39 18.29 -27.70
CA ALA D 430 -4.07 18.98 -28.94
C ALA D 430 -5.30 19.14 -29.84
N ASP D 431 -6.08 18.06 -29.98
CA ASP D 431 -7.26 18.13 -30.85
C ASP D 431 -8.31 19.08 -30.28
N ALA D 432 -8.41 19.21 -28.96
CA ALA D 432 -9.39 20.12 -28.39
C ALA D 432 -9.02 21.58 -28.67
N LEU D 433 -7.75 21.92 -28.46
CA LEU D 433 -7.30 23.29 -28.74
C LEU D 433 -7.37 23.60 -30.23
N ILE D 434 -6.93 22.67 -31.08
CA ILE D 434 -7.04 22.86 -32.52
C ILE D 434 -8.49 23.06 -32.93
N GLY D 435 -9.40 22.27 -32.36
CA GLY D 435 -10.81 22.38 -32.70
C GLY D 435 -11.44 23.71 -32.37
N LEU D 436 -10.76 24.55 -31.60
CA LEU D 436 -11.27 25.87 -31.24
C LEU D 436 -10.82 26.96 -32.20
N LYS D 437 -10.13 26.59 -33.29
CA LYS D 437 -9.61 27.61 -34.20
C LYS D 437 -10.73 28.43 -34.83
N GLU D 438 -11.91 27.83 -35.03
CA GLU D 438 -13.04 28.56 -35.60
C GLU D 438 -13.76 29.43 -34.58
N LYS D 439 -13.55 29.18 -33.28
CA LYS D 439 -14.19 29.96 -32.22
C LYS D 439 -13.28 31.04 -31.65
N PHE D 440 -11.97 30.99 -31.93
CA PHE D 440 -11.04 31.96 -31.38
C PHE D 440 -11.43 33.39 -31.70
N ALA D 441 -12.05 33.61 -32.86
CA ALA D 441 -12.41 34.96 -33.26
C ALA D 441 -13.56 35.52 -32.43
N THR D 442 -14.57 34.68 -32.16
CA THR D 442 -15.75 35.10 -31.42
C THR D 442 -15.53 35.12 -29.91
N LEU D 443 -14.34 34.78 -29.43
CA LEU D 443 -14.10 34.72 -27.99
C LEU D 443 -14.05 36.12 -27.38
N LYS D 444 -14.62 36.23 -26.18
CA LYS D 444 -14.68 37.49 -25.45
C LYS D 444 -13.59 37.52 -24.38
N GLY D 445 -13.20 38.74 -24.01
CA GLY D 445 -12.29 38.92 -22.90
C GLY D 445 -13.00 38.73 -21.57
N LEU D 446 -12.26 38.96 -20.51
CA LEU D 446 -12.78 38.79 -19.15
C LEU D 446 -12.57 40.08 -18.37
N GLU D 447 -13.39 40.25 -17.34
CA GLU D 447 -13.28 41.36 -16.41
C GLU D 447 -13.43 40.83 -15.00
N PHE D 448 -13.13 41.67 -14.02
CA PHE D 448 -13.12 41.26 -12.62
C PHE D 448 -14.51 41.40 -12.00
N GLU D 449 -15.01 40.30 -11.45
CA GLU D 449 -16.11 40.34 -10.49
C GLU D 449 -15.59 40.54 -9.07
N TYR D 450 -14.46 39.89 -8.75
CA TYR D 450 -13.77 40.05 -7.48
C TYR D 450 -12.28 39.96 -7.74
N GLU D 451 -11.51 40.91 -7.22
CA GLU D 451 -10.07 40.93 -7.42
C GLU D 451 -9.34 41.15 -6.11
N PRO D 452 -8.56 40.16 -5.63
CA PRO D 452 -7.75 40.39 -4.44
C PRO D 452 -6.62 41.35 -4.75
N PRO D 453 -6.10 42.06 -3.74
CA PRO D 453 -5.03 43.03 -4.01
C PRO D 453 -3.70 42.39 -4.39
N VAL D 454 -3.48 41.13 -4.02
CA VAL D 454 -2.23 40.44 -4.32
C VAL D 454 -2.57 38.98 -4.61
N LEU D 455 -1.73 38.34 -5.45
CA LEU D 455 -1.92 36.95 -5.85
C LEU D 455 -3.31 36.72 -6.44
N ARG D 456 -3.73 37.64 -7.31
CA ARG D 456 -5.10 37.64 -7.79
C ARG D 456 -5.39 36.43 -8.67
N HIS D 457 -4.39 35.92 -9.40
CA HIS D 457 -4.64 34.81 -10.30
C HIS D 457 -5.14 33.57 -9.56
N PHE D 458 -4.84 33.45 -8.27
CA PHE D 458 -5.27 32.28 -7.50
C PHE D 458 -6.74 32.35 -7.11
N THR D 459 -7.24 33.50 -6.65
CA THR D 459 -8.57 33.57 -6.08
CA THR D 459 -8.55 33.62 -6.03
C THR D 459 -9.49 34.60 -6.72
N ALA D 460 -9.06 35.29 -7.77
CA ALA D 460 -9.94 36.28 -8.38
C ALA D 460 -11.08 35.61 -9.10
N ARG D 461 -12.21 36.30 -9.16
CA ARG D 461 -13.40 35.84 -9.87
C ARG D 461 -13.63 36.75 -11.08
N LEU D 462 -13.80 36.13 -12.23
CA LEU D 462 -13.87 36.82 -13.51
C LEU D 462 -15.24 36.63 -14.13
N LYS D 463 -15.55 37.49 -15.10
CA LYS D 463 -16.85 37.60 -15.71
C LYS D 463 -16.64 37.83 -17.19
N PRO D 464 -17.30 37.06 -18.07
CA PRO D 464 -17.15 37.31 -19.52
C PRO D 464 -17.70 38.67 -19.90
N ILE D 465 -16.93 39.41 -20.69
CA ILE D 465 -17.33 40.73 -21.13
C ILE D 465 -18.35 40.59 -22.25
N GLU D 466 -19.41 41.40 -22.18
CA GLU D 466 -20.57 41.35 -23.08
C GLU D 466 -21.40 40.08 -22.86
#